data_2EW1
# 
_entry.id   2EW1 
# 
_audit_conform.dict_name       mmcif_pdbx.dic 
_audit_conform.dict_version    5.376 
_audit_conform.dict_location   http://mmcif.pdb.org/dictionaries/ascii/mmcif_pdbx.dic 
# 
loop_
_database_2.database_id 
_database_2.database_code 
_database_2.pdbx_database_accession 
_database_2.pdbx_DOI 
PDB   2EW1         pdb_00002ew1 10.2210/pdb2ew1/pdb 
RCSB  RCSB035161   ?            ?                   
WWPDB D_1000035161 ?            ?                   
# 
_pdbx_database_status.status_code                     REL 
_pdbx_database_status.entry_id                        2EW1 
_pdbx_database_status.recvd_initial_deposition_date   2005-11-01 
_pdbx_database_status.deposit_site                    RCSB 
_pdbx_database_status.process_site                    RCSB 
_pdbx_database_status.status_code_sf                  REL 
_pdbx_database_status.status_code_mr                  ? 
_pdbx_database_status.SG_entry                        Y 
_pdbx_database_status.pdb_format_compatible           Y 
_pdbx_database_status.status_code_cs                  ? 
_pdbx_database_status.status_code_nmr_data            ? 
_pdbx_database_status.methods_development_category    ? 
# 
loop_
_audit_author.name 
_audit_author.pdbx_ordinal 
'Wang, J.'                             1 
'Shen, Y.'                             2 
'Ismail, S.'                           3 
'Arrowsmith, C.H.'                     4 
'Edwards, A.M.'                        5 
'Sundstrom, M.'                        6 
'Bochkarev, A.'                        7 
'Park, H.W.'                           8 
'Structural Genomics Consortium (SGC)' 9 
# 
_citation.id                        primary 
_citation.title                     'Crystal structure of RAB30 in complex with a GTP analogue' 
_citation.journal_abbrev            'To be Published' 
_citation.journal_volume            ? 
_citation.page_first                ? 
_citation.page_last                 ? 
_citation.year                      ? 
_citation.journal_id_ASTM           ? 
_citation.country                   ? 
_citation.journal_id_ISSN           ? 
_citation.journal_id_CSD            0353 
_citation.book_publisher            ? 
_citation.pdbx_database_id_PubMed   ? 
_citation.pdbx_database_id_DOI      ? 
# 
loop_
_citation_author.citation_id 
_citation_author.name 
_citation_author.ordinal 
_citation_author.identifier_ORCID 
primary 'Wang, J.'         1 ? 
primary 'Shen, Y.'         2 ? 
primary 'Ismail, S.'       3 ? 
primary 'Arrowsmith, C.H.' 4 ? 
primary 'Edwards, A.M.'    5 ? 
primary 'Sundstrom, M.'    6 ? 
primary 'Bochkarev, A.'    7 ? 
primary 'Park, H.W.'       8 ? 
# 
_cell.entry_id           2EW1 
_cell.length_a           43.002 
_cell.length_b           57.955 
_cell.length_c           82.921 
_cell.angle_alpha        90.00 
_cell.angle_beta         90.00 
_cell.angle_gamma        90.00 
_cell.Z_PDB              4 
_cell.pdbx_unique_axis   ? 
# 
_symmetry.entry_id                         2EW1 
_symmetry.space_group_name_H-M             'P 21 21 21' 
_symmetry.pdbx_full_space_group_name_H-M   ? 
_symmetry.cell_setting                     ? 
_symmetry.Int_Tables_number                19 
_symmetry.space_group_name_Hall            ? 
# 
loop_
_entity.id 
_entity.type 
_entity.src_method 
_entity.pdbx_description 
_entity.formula_weight 
_entity.pdbx_number_of_molecules 
_entity.pdbx_ec 
_entity.pdbx_mutation 
_entity.pdbx_fragment 
_entity.details 
1 polymer     man 'Ras-related protein Rab-30'                  22881.840 1   ? ? ? ? 
2 non-polymer syn 'MAGNESIUM ION'                               24.305    1   ? ? ? ? 
3 non-polymer syn 'PHOSPHOAMINOPHOSPHONIC ACID-GUANYLATE ESTER' 522.196   1   ? ? ? ? 
4 water       nat water                                         18.015    106 ? ? ? ? 
# 
_entity_poly.entity_id                      1 
_entity_poly.type                           'polypeptide(L)' 
_entity_poly.nstd_linkage                   no 
_entity_poly.nstd_monomer                   no 
_entity_poly.pdbx_seq_one_letter_code       
;MGSSHHHHHHSSGLVPRGSMEDYDFLFKIVLIGNAGVGKTCLVRRFTQGLFPPGQGATIGVDFMIKTVEINGEKVKLQIW
DTAGQERFRSITQSYYRSANALILTYDITCEESFRCLPEWLREIEQYASNKVITVLVGNKIDLAERREVSQQRAEEFSEA
QDMYYLETSAKESDNVEKLFLDLACRLISEARQNTLVNNVS
;
_entity_poly.pdbx_seq_one_letter_code_can   
;MGSSHHHHHHSSGLVPRGSMEDYDFLFKIVLIGNAGVGKTCLVRRFTQGLFPPGQGATIGVDFMIKTVEINGEKVKLQIW
DTAGQERFRSITQSYYRSANALILTYDITCEESFRCLPEWLREIEQYASNKVITVLVGNKIDLAERREVSQQRAEEFSEA
QDMYYLETSAKESDNVEKLFLDLACRLISEARQNTLVNNVS
;
_entity_poly.pdbx_strand_id                 A 
_entity_poly.pdbx_target_identifier         ? 
# 
loop_
_entity_poly_seq.entity_id 
_entity_poly_seq.num 
_entity_poly_seq.mon_id 
_entity_poly_seq.hetero 
1 1   MET n 
1 2   GLY n 
1 3   SER n 
1 4   SER n 
1 5   HIS n 
1 6   HIS n 
1 7   HIS n 
1 8   HIS n 
1 9   HIS n 
1 10  HIS n 
1 11  SER n 
1 12  SER n 
1 13  GLY n 
1 14  LEU n 
1 15  VAL n 
1 16  PRO n 
1 17  ARG n 
1 18  GLY n 
1 19  SER n 
1 20  MET n 
1 21  GLU n 
1 22  ASP n 
1 23  TYR n 
1 24  ASP n 
1 25  PHE n 
1 26  LEU n 
1 27  PHE n 
1 28  LYS n 
1 29  ILE n 
1 30  VAL n 
1 31  LEU n 
1 32  ILE n 
1 33  GLY n 
1 34  ASN n 
1 35  ALA n 
1 36  GLY n 
1 37  VAL n 
1 38  GLY n 
1 39  LYS n 
1 40  THR n 
1 41  CYS n 
1 42  LEU n 
1 43  VAL n 
1 44  ARG n 
1 45  ARG n 
1 46  PHE n 
1 47  THR n 
1 48  GLN n 
1 49  GLY n 
1 50  LEU n 
1 51  PHE n 
1 52  PRO n 
1 53  PRO n 
1 54  GLY n 
1 55  GLN n 
1 56  GLY n 
1 57  ALA n 
1 58  THR n 
1 59  ILE n 
1 60  GLY n 
1 61  VAL n 
1 62  ASP n 
1 63  PHE n 
1 64  MET n 
1 65  ILE n 
1 66  LYS n 
1 67  THR n 
1 68  VAL n 
1 69  GLU n 
1 70  ILE n 
1 71  ASN n 
1 72  GLY n 
1 73  GLU n 
1 74  LYS n 
1 75  VAL n 
1 76  LYS n 
1 77  LEU n 
1 78  GLN n 
1 79  ILE n 
1 80  TRP n 
1 81  ASP n 
1 82  THR n 
1 83  ALA n 
1 84  GLY n 
1 85  GLN n 
1 86  GLU n 
1 87  ARG n 
1 88  PHE n 
1 89  ARG n 
1 90  SER n 
1 91  ILE n 
1 92  THR n 
1 93  GLN n 
1 94  SER n 
1 95  TYR n 
1 96  TYR n 
1 97  ARG n 
1 98  SER n 
1 99  ALA n 
1 100 ASN n 
1 101 ALA n 
1 102 LEU n 
1 103 ILE n 
1 104 LEU n 
1 105 THR n 
1 106 TYR n 
1 107 ASP n 
1 108 ILE n 
1 109 THR n 
1 110 CYS n 
1 111 GLU n 
1 112 GLU n 
1 113 SER n 
1 114 PHE n 
1 115 ARG n 
1 116 CYS n 
1 117 LEU n 
1 118 PRO n 
1 119 GLU n 
1 120 TRP n 
1 121 LEU n 
1 122 ARG n 
1 123 GLU n 
1 124 ILE n 
1 125 GLU n 
1 126 GLN n 
1 127 TYR n 
1 128 ALA n 
1 129 SER n 
1 130 ASN n 
1 131 LYS n 
1 132 VAL n 
1 133 ILE n 
1 134 THR n 
1 135 VAL n 
1 136 LEU n 
1 137 VAL n 
1 138 GLY n 
1 139 ASN n 
1 140 LYS n 
1 141 ILE n 
1 142 ASP n 
1 143 LEU n 
1 144 ALA n 
1 145 GLU n 
1 146 ARG n 
1 147 ARG n 
1 148 GLU n 
1 149 VAL n 
1 150 SER n 
1 151 GLN n 
1 152 GLN n 
1 153 ARG n 
1 154 ALA n 
1 155 GLU n 
1 156 GLU n 
1 157 PHE n 
1 158 SER n 
1 159 GLU n 
1 160 ALA n 
1 161 GLN n 
1 162 ASP n 
1 163 MET n 
1 164 TYR n 
1 165 TYR n 
1 166 LEU n 
1 167 GLU n 
1 168 THR n 
1 169 SER n 
1 170 ALA n 
1 171 LYS n 
1 172 GLU n 
1 173 SER n 
1 174 ASP n 
1 175 ASN n 
1 176 VAL n 
1 177 GLU n 
1 178 LYS n 
1 179 LEU n 
1 180 PHE n 
1 181 LEU n 
1 182 ASP n 
1 183 LEU n 
1 184 ALA n 
1 185 CYS n 
1 186 ARG n 
1 187 LEU n 
1 188 ILE n 
1 189 SER n 
1 190 GLU n 
1 191 ALA n 
1 192 ARG n 
1 193 GLN n 
1 194 ASN n 
1 195 THR n 
1 196 LEU n 
1 197 VAL n 
1 198 ASN n 
1 199 ASN n 
1 200 VAL n 
1 201 SER n 
# 
_entity_src_gen.entity_id                          1 
_entity_src_gen.pdbx_src_id                        1 
_entity_src_gen.pdbx_alt_source_flag               sample 
_entity_src_gen.pdbx_seq_type                      ? 
_entity_src_gen.pdbx_beg_seq_num                   ? 
_entity_src_gen.pdbx_end_seq_num                   ? 
_entity_src_gen.gene_src_common_name               human 
_entity_src_gen.gene_src_genus                     Homo 
_entity_src_gen.pdbx_gene_src_gene                 RAB30 
_entity_src_gen.gene_src_species                   ? 
_entity_src_gen.gene_src_strain                    ? 
_entity_src_gen.gene_src_tissue                    ? 
_entity_src_gen.gene_src_tissue_fraction           ? 
_entity_src_gen.gene_src_details                   ? 
_entity_src_gen.pdbx_gene_src_fragment             ? 
_entity_src_gen.pdbx_gene_src_scientific_name      'Homo sapiens' 
_entity_src_gen.pdbx_gene_src_ncbi_taxonomy_id     9606 
_entity_src_gen.pdbx_gene_src_variant              ? 
_entity_src_gen.pdbx_gene_src_cell_line            ? 
_entity_src_gen.pdbx_gene_src_atcc                 ? 
_entity_src_gen.pdbx_gene_src_organ                ? 
_entity_src_gen.pdbx_gene_src_organelle            ? 
_entity_src_gen.pdbx_gene_src_cell                 ? 
_entity_src_gen.pdbx_gene_src_cellular_location    ? 
_entity_src_gen.host_org_common_name               ? 
_entity_src_gen.pdbx_host_org_scientific_name      'Escherichia coli BL21(DE3)' 
_entity_src_gen.pdbx_host_org_ncbi_taxonomy_id     469008 
_entity_src_gen.host_org_genus                     Escherichia 
_entity_src_gen.pdbx_host_org_gene                 ? 
_entity_src_gen.pdbx_host_org_organ                ? 
_entity_src_gen.host_org_species                   'Escherichia coli' 
_entity_src_gen.pdbx_host_org_tissue               ? 
_entity_src_gen.pdbx_host_org_tissue_fraction      ? 
_entity_src_gen.pdbx_host_org_strain               BL21DE3 
_entity_src_gen.pdbx_host_org_variant              ? 
_entity_src_gen.pdbx_host_org_cell_line            ? 
_entity_src_gen.pdbx_host_org_atcc                 ? 
_entity_src_gen.pdbx_host_org_culture_collection   ? 
_entity_src_gen.pdbx_host_org_cell                 ? 
_entity_src_gen.pdbx_host_org_organelle            ? 
_entity_src_gen.pdbx_host_org_cellular_location    ? 
_entity_src_gen.pdbx_host_org_vector_type          Plasmid 
_entity_src_gen.pdbx_host_org_vector               ? 
_entity_src_gen.host_org_details                   ? 
_entity_src_gen.expression_system_id               ? 
_entity_src_gen.plasmid_name                       pET28 
_entity_src_gen.plasmid_details                    ? 
_entity_src_gen.pdbx_description                   ? 
# 
_struct_ref.id                         1 
_struct_ref.db_name                    UNP 
_struct_ref.db_code                    RAB30_HUMAN 
_struct_ref.pdbx_db_accession          Q15771 
_struct_ref.entity_id                  1 
_struct_ref.pdbx_seq_one_letter_code   
;SMEDYDFLFKIVLIGNAGVGKTCLVRRFTQGLFPPGQGATIGVDFMIKTVEINGEKVKLQIWDTAGQERFRSITQSYYRS
ANALILTYDITCEESFRCLPEWLREIEQYASNKVITVLVGNKIDLAERREVSQQRAEEFSEAQDMYYLETSAKESDNVEK
LFLDLACRLISEARQNTLVNNVS
;
_struct_ref.pdbx_align_begin           2 
_struct_ref.pdbx_db_isoform            ? 
# 
_struct_ref_seq.align_id                      1 
_struct_ref_seq.ref_id                        1 
_struct_ref_seq.pdbx_PDB_id_code              2EW1 
_struct_ref_seq.pdbx_strand_id                A 
_struct_ref_seq.seq_align_beg                 19 
_struct_ref_seq.pdbx_seq_align_beg_ins_code   ? 
_struct_ref_seq.seq_align_end                 201 
_struct_ref_seq.pdbx_seq_align_end_ins_code   ? 
_struct_ref_seq.pdbx_db_accession             Q15771 
_struct_ref_seq.db_align_beg                  2 
_struct_ref_seq.pdbx_db_align_beg_ins_code    ? 
_struct_ref_seq.db_align_end                  184 
_struct_ref_seq.pdbx_db_align_end_ins_code    ? 
_struct_ref_seq.pdbx_auth_seq_align_beg       1 
_struct_ref_seq.pdbx_auth_seq_align_end       183 
# 
loop_
_struct_ref_seq_dif.align_id 
_struct_ref_seq_dif.pdbx_pdb_id_code 
_struct_ref_seq_dif.mon_id 
_struct_ref_seq_dif.pdbx_pdb_strand_id 
_struct_ref_seq_dif.seq_num 
_struct_ref_seq_dif.pdbx_pdb_ins_code 
_struct_ref_seq_dif.pdbx_seq_db_name 
_struct_ref_seq_dif.pdbx_seq_db_accession_code 
_struct_ref_seq_dif.db_mon_id 
_struct_ref_seq_dif.pdbx_seq_db_seq_num 
_struct_ref_seq_dif.details 
_struct_ref_seq_dif.pdbx_auth_seq_num 
_struct_ref_seq_dif.pdbx_ordinal 
1 2EW1 MET A 1  ? UNP Q15771 ? ? 'cloning artifact' -17 1  
1 2EW1 GLY A 2  ? UNP Q15771 ? ? 'cloning artifact' -16 2  
1 2EW1 SER A 3  ? UNP Q15771 ? ? 'cloning artifact' -15 3  
1 2EW1 SER A 4  ? UNP Q15771 ? ? 'cloning artifact' -14 4  
1 2EW1 HIS A 5  ? UNP Q15771 ? ? 'expression tag'   -13 5  
1 2EW1 HIS A 6  ? UNP Q15771 ? ? 'expression tag'   -12 6  
1 2EW1 HIS A 7  ? UNP Q15771 ? ? 'expression tag'   -11 7  
1 2EW1 HIS A 8  ? UNP Q15771 ? ? 'expression tag'   -10 8  
1 2EW1 HIS A 9  ? UNP Q15771 ? ? 'expression tag'   -9  9  
1 2EW1 HIS A 10 ? UNP Q15771 ? ? 'expression tag'   -8  10 
1 2EW1 SER A 11 ? UNP Q15771 ? ? 'cloning artifact' -7  11 
1 2EW1 SER A 12 ? UNP Q15771 ? ? 'cloning artifact' -6  12 
1 2EW1 GLY A 13 ? UNP Q15771 ? ? 'cloning artifact' -5  13 
1 2EW1 LEU A 14 ? UNP Q15771 ? ? 'cloning artifact' -4  14 
1 2EW1 VAL A 15 ? UNP Q15771 ? ? 'cloning artifact' -3  15 
1 2EW1 PRO A 16 ? UNP Q15771 ? ? 'cloning artifact' -2  16 
1 2EW1 ARG A 17 ? UNP Q15771 ? ? 'cloning artifact' -1  17 
1 2EW1 GLY A 18 ? UNP Q15771 ? ? 'cloning artifact' 0   18 
# 
loop_
_chem_comp.id 
_chem_comp.type 
_chem_comp.mon_nstd_flag 
_chem_comp.name 
_chem_comp.pdbx_synonyms 
_chem_comp.formula 
_chem_comp.formula_weight 
ALA 'L-peptide linking' y ALANINE                                       ? 'C3 H7 N O2'        89.093  
ARG 'L-peptide linking' y ARGININE                                      ? 'C6 H15 N4 O2 1'    175.209 
ASN 'L-peptide linking' y ASPARAGINE                                    ? 'C4 H8 N2 O3'       132.118 
ASP 'L-peptide linking' y 'ASPARTIC ACID'                               ? 'C4 H7 N O4'        133.103 
CYS 'L-peptide linking' y CYSTEINE                                      ? 'C3 H7 N O2 S'      121.158 
GLN 'L-peptide linking' y GLUTAMINE                                     ? 'C5 H10 N2 O3'      146.144 
GLU 'L-peptide linking' y 'GLUTAMIC ACID'                               ? 'C5 H9 N O4'        147.129 
GLY 'peptide linking'   y GLYCINE                                       ? 'C2 H5 N O2'        75.067  
GNP non-polymer         . 'PHOSPHOAMINOPHOSPHONIC ACID-GUANYLATE ESTER' ? 'C10 H17 N6 O13 P3' 522.196 
HIS 'L-peptide linking' y HISTIDINE                                     ? 'C6 H10 N3 O2 1'    156.162 
HOH non-polymer         . WATER                                         ? 'H2 O'              18.015  
ILE 'L-peptide linking' y ISOLEUCINE                                    ? 'C6 H13 N O2'       131.173 
LEU 'L-peptide linking' y LEUCINE                                       ? 'C6 H13 N O2'       131.173 
LYS 'L-peptide linking' y LYSINE                                        ? 'C6 H15 N2 O2 1'    147.195 
MET 'L-peptide linking' y METHIONINE                                    ? 'C5 H11 N O2 S'     149.211 
MG  non-polymer         . 'MAGNESIUM ION'                               ? 'Mg 2'              24.305  
PHE 'L-peptide linking' y PHENYLALANINE                                 ? 'C9 H11 N O2'       165.189 
PRO 'L-peptide linking' y PROLINE                                       ? 'C5 H9 N O2'        115.130 
SER 'L-peptide linking' y SERINE                                        ? 'C3 H7 N O3'        105.093 
THR 'L-peptide linking' y THREONINE                                     ? 'C4 H9 N O3'        119.119 
TRP 'L-peptide linking' y TRYPTOPHAN                                    ? 'C11 H12 N2 O2'     204.225 
TYR 'L-peptide linking' y TYROSINE                                      ? 'C9 H11 N O3'       181.189 
VAL 'L-peptide linking' y VALINE                                        ? 'C5 H11 N O2'       117.146 
# 
_exptl.entry_id          2EW1 
_exptl.method            'X-RAY DIFFRACTION' 
_exptl.crystals_number   1 
# 
_exptl_crystal.id                    1 
_exptl_crystal.density_meas          ? 
_exptl_crystal.density_Matthews      2.26 
_exptl_crystal.density_percent_sol   45.51 
_exptl_crystal.description           ? 
_exptl_crystal.F_000                 ? 
_exptl_crystal.preparation           ? 
# 
_exptl_crystal_grow.crystal_id      1 
_exptl_crystal_grow.method          'VAPOR DIFFUSION, SITTING DROP' 
_exptl_crystal_grow.temp            298 
_exptl_crystal_grow.temp_details    ? 
_exptl_crystal_grow.pH              8.5 
_exptl_crystal_grow.pdbx_details    '30% PEG 4K, 0.2M MgCl2, 0.1 M Tris-HCl 8.5, VAPOR DIFFUSION, SITTING DROP, temperature 298K' 
_exptl_crystal_grow.pdbx_pH_range   . 
# 
_diffrn.id                     1 
_diffrn.ambient_temp           100 
_diffrn.ambient_temp_details   ? 
_diffrn.crystal_id             1 
# 
_diffrn_detector.diffrn_id              1 
_diffrn_detector.detector               'IMAGE PLATE' 
_diffrn_detector.type                   'RIGAKU RAXIS IV' 
_diffrn_detector.pdbx_collection_date   2005-10-28 
_diffrn_detector.details                ? 
# 
_diffrn_radiation.diffrn_id                        1 
_diffrn_radiation.wavelength_id                    1 
_diffrn_radiation.pdbx_monochromatic_or_laue_m_l   M 
_diffrn_radiation.monochromator                    ? 
_diffrn_radiation.pdbx_diffrn_protocol             'SINGLE WAVELENGTH' 
_diffrn_radiation.pdbx_scattering_type             x-ray 
# 
_diffrn_radiation_wavelength.id           1 
_diffrn_radiation_wavelength.wavelength   1.54 
_diffrn_radiation_wavelength.wt           1.0 
# 
_diffrn_source.diffrn_id                   1 
_diffrn_source.source                      'ROTATING ANODE' 
_diffrn_source.type                        RIGAKU 
_diffrn_source.pdbx_synchrotron_site       ? 
_diffrn_source.pdbx_synchrotron_beamline   ? 
_diffrn_source.pdbx_wavelength             ? 
_diffrn_source.pdbx_wavelength_list        1.54 
# 
_reflns.entry_id                     2EW1 
_reflns.observed_criterion_sigma_I   1 
_reflns.observed_criterion_sigma_F   1 
_reflns.d_resolution_low             50.00 
_reflns.d_resolution_high            2.00 
_reflns.number_obs                   14546 
_reflns.number_all                   14546 
_reflns.percent_possible_obs         99.7 
_reflns.pdbx_Rmerge_I_obs            ? 
_reflns.pdbx_Rsym_value              0.088 
_reflns.pdbx_netI_over_sigmaI        47.2 
_reflns.B_iso_Wilson_estimate        ? 
_reflns.pdbx_redundancy              6.6 
_reflns.R_free_details               ? 
_reflns.limit_h_max                  ? 
_reflns.limit_h_min                  ? 
_reflns.limit_k_max                  ? 
_reflns.limit_k_min                  ? 
_reflns.limit_l_max                  ? 
_reflns.limit_l_min                  ? 
_reflns.observed_criterion_F_max     ? 
_reflns.observed_criterion_F_min     ? 
_reflns.pdbx_chi_squared             ? 
_reflns.pdbx_scaling_rejects         ? 
_reflns.pdbx_diffrn_id               1 
_reflns.pdbx_ordinal                 1 
# 
_reflns_shell.d_res_high             2.00 
_reflns_shell.d_res_low              2.07 
_reflns_shell.percent_possible_all   100 
_reflns_shell.Rmerge_I_obs           ? 
_reflns_shell.pdbx_Rsym_value        0.4 
_reflns_shell.meanI_over_sigI_obs    10.13 
_reflns_shell.pdbx_redundancy        6.4 
_reflns_shell.percent_possible_obs   ? 
_reflns_shell.number_unique_all      1433 
_reflns_shell.number_measured_all    ? 
_reflns_shell.number_measured_obs    ? 
_reflns_shell.number_unique_obs      ? 
_reflns_shell.pdbx_chi_squared       ? 
_reflns_shell.pdbx_diffrn_id         ? 
_reflns_shell.pdbx_ordinal           1 
# 
_refine.entry_id                                 2EW1 
_refine.ls_number_reflns_obs                     13738 
_refine.ls_number_reflns_all                     ? 
_refine.pdbx_ls_sigma_I                          ? 
_refine.pdbx_ls_sigma_F                          1 
_refine.pdbx_data_cutoff_high_absF               ? 
_refine.pdbx_data_cutoff_low_absF                ? 
_refine.pdbx_data_cutoff_high_rms_absF           ? 
_refine.ls_d_res_low                             47.51 
_refine.ls_d_res_high                            2.00 
_refine.ls_percent_reflns_obs                    99.44 
_refine.ls_R_factor_obs                          0.23662 
_refine.ls_R_factor_all                          ? 
_refine.ls_R_factor_R_work                       0.23406 
_refine.ls_R_factor_R_free                       0.28423 
_refine.ls_R_factor_R_free_error                 ? 
_refine.ls_R_factor_R_free_error_details         ? 
_refine.ls_percent_reflns_R_free                 5.0 
_refine.ls_number_reflns_R_free                  727 
_refine.ls_number_parameters                     ? 
_refine.ls_number_restraints                     ? 
_refine.occupancy_min                            ? 
_refine.occupancy_max                            ? 
_refine.correlation_coeff_Fo_to_Fc               0.925 
_refine.correlation_coeff_Fo_to_Fc_free          0.901 
_refine.B_iso_mean                               26.986 
_refine.aniso_B[1][1]                            -0.61 
_refine.aniso_B[2][2]                            -1.08 
_refine.aniso_B[3][3]                            1.68 
_refine.aniso_B[1][2]                            0.00 
_refine.aniso_B[1][3]                            0.00 
_refine.aniso_B[2][3]                            0.00 
_refine.solvent_model_details                    MASK 
_refine.solvent_model_param_ksol                 ? 
_refine.solvent_model_param_bsol                 ? 
_refine.pdbx_solvent_vdw_probe_radii             1.20 
_refine.pdbx_solvent_ion_probe_radii             0.80 
_refine.pdbx_solvent_shrinkage_radii             0.80 
_refine.pdbx_ls_cross_valid_method               THROUGHOUT 
_refine.details                                  'HYDROGENS HAVE BEEN ADDED IN THE RIDING POSITIONS' 
_refine.pdbx_starting_model                      1YU9.pdb 
_refine.pdbx_method_to_determine_struct          'MOLECULAR REPLACEMENT' 
_refine.pdbx_isotropic_thermal_model             ? 
_refine.pdbx_stereochemistry_target_values       'MAXIMUM LIKELIHOOD' 
_refine.pdbx_stereochem_target_val_spec_case     ? 
_refine.pdbx_R_Free_selection_details            RANDOM 
_refine.pdbx_overall_ESU_R                       0.212 
_refine.pdbx_overall_ESU_R_Free                  0.193 
_refine.overall_SU_ML                            0.148 
_refine.overall_SU_B                             5.265 
_refine.ls_redundancy_reflns_obs                 ? 
_refine.B_iso_min                                ? 
_refine.B_iso_max                                ? 
_refine.overall_SU_R_Cruickshank_DPI             ? 
_refine.overall_SU_R_free                        ? 
_refine.ls_wR_factor_R_free                      ? 
_refine.ls_wR_factor_R_work                      ? 
_refine.overall_FOM_free_R_set                   ? 
_refine.overall_FOM_work_R_set                   ? 
_refine.pdbx_refine_id                           'X-RAY DIFFRACTION' 
_refine.pdbx_diffrn_id                           1 
_refine.pdbx_TLS_residual_ADP_flag               ? 
_refine.pdbx_overall_phase_error                 ? 
_refine.pdbx_overall_SU_R_free_Cruickshank_DPI   ? 
_refine.pdbx_overall_SU_R_Blow_DPI               ? 
_refine.pdbx_overall_SU_R_free_Blow_DPI          ? 
# 
_refine_hist.pdbx_refine_id                   'X-RAY DIFFRACTION' 
_refine_hist.cycle_id                         LAST 
_refine_hist.pdbx_number_atoms_protein        1378 
_refine_hist.pdbx_number_atoms_nucleic_acid   0 
_refine_hist.pdbx_number_atoms_ligand         33 
_refine_hist.number_atoms_solvent             106 
_refine_hist.number_atoms_total               1517 
_refine_hist.d_res_high                       2.00 
_refine_hist.d_res_low                        47.51 
# 
loop_
_refine_ls_restr.type 
_refine_ls_restr.dev_ideal 
_refine_ls_restr.dev_ideal_target 
_refine_ls_restr.weight 
_refine_ls_restr.number 
_refine_ls_restr.pdbx_refine_id 
_refine_ls_restr.pdbx_restraint_function 
r_bond_refined_d         0.023  0.022  ? 1434 'X-RAY DIFFRACTION' ? 
r_angle_refined_deg      2.116  1.990  ? 1942 'X-RAY DIFFRACTION' ? 
r_dihedral_angle_1_deg   6.820  5.000  ? 170  'X-RAY DIFFRACTION' ? 
r_dihedral_angle_2_deg   34.475 24.085 ? 71   'X-RAY DIFFRACTION' ? 
r_dihedral_angle_3_deg   19.566 15.000 ? 256  'X-RAY DIFFRACTION' ? 
r_dihedral_angle_4_deg   23.104 15.000 ? 12   'X-RAY DIFFRACTION' ? 
r_chiral_restr           0.176  0.200  ? 215  'X-RAY DIFFRACTION' ? 
r_gen_planes_refined     0.009  0.020  ? 1067 'X-RAY DIFFRACTION' ? 
r_nbd_refined            0.251  0.200  ? 682  'X-RAY DIFFRACTION' ? 
r_nbtor_refined          0.304  0.200  ? 958  'X-RAY DIFFRACTION' ? 
r_xyhbond_nbd_refined    0.187  0.200  ? 96   'X-RAY DIFFRACTION' ? 
r_metal_ion_refined      0.021  0.200  ? 2    'X-RAY DIFFRACTION' ? 
r_symmetry_vdw_refined   0.284  0.200  ? 22   'X-RAY DIFFRACTION' ? 
r_symmetry_hbond_refined 0.200  0.200  ? 2    'X-RAY DIFFRACTION' ? 
r_mcbond_it              1.354  1.500  ? 874  'X-RAY DIFFRACTION' ? 
r_mcangle_it             2.032  2.000  ? 1366 'X-RAY DIFFRACTION' ? 
r_scbond_it              3.297  3.000  ? 652  'X-RAY DIFFRACTION' ? 
r_scangle_it             4.925  4.500  ? 576  'X-RAY DIFFRACTION' ? 
# 
_refine_ls_shell.pdbx_total_number_of_bins_used   20 
_refine_ls_shell.d_res_high                       2.001 
_refine_ls_shell.d_res_low                        2.053 
_refine_ls_shell.number_reflns_R_work             981 
_refine_ls_shell.R_factor_R_work                  0.264 
_refine_ls_shell.percent_reflns_obs               99.42 
_refine_ls_shell.R_factor_R_free                  0.353 
_refine_ls_shell.R_factor_R_free_error            ? 
_refine_ls_shell.percent_reflns_R_free            ? 
_refine_ls_shell.number_reflns_R_free             54 
_refine_ls_shell.number_reflns_all                ? 
_refine_ls_shell.R_factor_all                     ? 
_refine_ls_shell.number_reflns_obs                ? 
_refine_ls_shell.redundancy_reflns_obs            ? 
_refine_ls_shell.pdbx_refine_id                   'X-RAY DIFFRACTION' 
# 
_struct.entry_id                  2EW1 
_struct.title                     'Crystal Structure of Rab30 in complex with a GTP analogue' 
_struct.pdbx_model_details        ? 
_struct.pdbx_CASP_flag            ? 
_struct.pdbx_model_type_details   ? 
# 
_struct_keywords.entry_id        2EW1 
_struct_keywords.pdbx_keywords   'SIGNALING PROTEIN' 
_struct_keywords.text            
'G-protein, RAB, GTP analogue, Structural Genomics, Structural Genomics Consortium, SGC, SIGNALING PROTEIN' 
# 
loop_
_struct_asym.id 
_struct_asym.pdbx_blank_PDB_chainid_flag 
_struct_asym.pdbx_modified 
_struct_asym.entity_id 
_struct_asym.details 
A N N 1 ? 
B N N 2 ? 
C N N 3 ? 
D N N 4 ? 
# 
loop_
_struct_conf.conf_type_id 
_struct_conf.id 
_struct_conf.pdbx_PDB_helix_id 
_struct_conf.beg_label_comp_id 
_struct_conf.beg_label_asym_id 
_struct_conf.beg_label_seq_id 
_struct_conf.pdbx_beg_PDB_ins_code 
_struct_conf.end_label_comp_id 
_struct_conf.end_label_asym_id 
_struct_conf.end_label_seq_id 
_struct_conf.pdbx_end_PDB_ins_code 
_struct_conf.beg_auth_comp_id 
_struct_conf.beg_auth_asym_id 
_struct_conf.beg_auth_seq_id 
_struct_conf.end_auth_comp_id 
_struct_conf.end_auth_asym_id 
_struct_conf.end_auth_seq_id 
_struct_conf.pdbx_PDB_helix_class 
_struct_conf.details 
_struct_conf.pdbx_PDB_helix_length 
HELX_P HELX_P1 1 GLY A 38  ? GLY A 49  ? GLY A 20  GLY A 31  1 ? 12 
HELX_P HELX_P2 2 GLN A 85  ? ARG A 87  ? GLN A 67  ARG A 69  5 ? 3  
HELX_P HELX_P3 3 PHE A 88  ? GLN A 93  ? PHE A 70  GLN A 75  1 ? 6  
HELX_P HELX_P4 4 SER A 94  ? TYR A 96  ? SER A 76  TYR A 78  5 ? 3  
HELX_P HELX_P5 5 CYS A 110 ? CYS A 116 ? CYS A 92  CYS A 98  1 ? 7  
HELX_P HELX_P6 6 CYS A 116 ? ALA A 128 ? CYS A 98  ALA A 110 1 ? 13 
HELX_P HELX_P7 7 LYS A 140 ? ARG A 147 ? LYS A 122 ARG A 129 5 ? 8  
HELX_P HELX_P8 8 SER A 150 ? ASP A 162 ? SER A 132 ASP A 144 1 ? 13 
HELX_P HELX_P9 9 ASN A 175 ? ARG A 192 ? ASN A 157 ARG A 174 1 ? 18 
# 
_struct_conf_type.id          HELX_P 
_struct_conf_type.criteria    ? 
_struct_conf_type.reference   ? 
# 
loop_
_struct_conn.id 
_struct_conn.conn_type_id 
_struct_conn.pdbx_leaving_atom_flag 
_struct_conn.pdbx_PDB_id 
_struct_conn.ptnr1_label_asym_id 
_struct_conn.ptnr1_label_comp_id 
_struct_conn.ptnr1_label_seq_id 
_struct_conn.ptnr1_label_atom_id 
_struct_conn.pdbx_ptnr1_label_alt_id 
_struct_conn.pdbx_ptnr1_PDB_ins_code 
_struct_conn.pdbx_ptnr1_standard_comp_id 
_struct_conn.ptnr1_symmetry 
_struct_conn.ptnr2_label_asym_id 
_struct_conn.ptnr2_label_comp_id 
_struct_conn.ptnr2_label_seq_id 
_struct_conn.ptnr2_label_atom_id 
_struct_conn.pdbx_ptnr2_label_alt_id 
_struct_conn.pdbx_ptnr2_PDB_ins_code 
_struct_conn.ptnr1_auth_asym_id 
_struct_conn.ptnr1_auth_comp_id 
_struct_conn.ptnr1_auth_seq_id 
_struct_conn.ptnr2_auth_asym_id 
_struct_conn.ptnr2_auth_comp_id 
_struct_conn.ptnr2_auth_seq_id 
_struct_conn.ptnr2_symmetry 
_struct_conn.pdbx_ptnr3_label_atom_id 
_struct_conn.pdbx_ptnr3_label_seq_id 
_struct_conn.pdbx_ptnr3_label_comp_id 
_struct_conn.pdbx_ptnr3_label_asym_id 
_struct_conn.pdbx_ptnr3_label_alt_id 
_struct_conn.pdbx_ptnr3_PDB_ins_code 
_struct_conn.details 
_struct_conn.pdbx_dist_value 
_struct_conn.pdbx_value_order 
_struct_conn.pdbx_role 
metalc1 metalc ? ? A THR 40 OG1 ? ? ? 1_555 B MG  . MG ? ? A THR 22  A MG  701 1_555 ? ? ? ? ? ? ? 2.061 ? ? 
metalc2 metalc ? ? A THR 58 OG1 ? ? ? 1_555 B MG  . MG ? ? A THR 40  A MG  701 1_555 ? ? ? ? ? ? ? 1.963 ? ? 
metalc3 metalc ? ? C GNP .  O2G ? ? ? 1_555 B MG  . MG ? ? A GNP 700 A MG  701 1_555 ? ? ? ? ? ? ? 1.982 ? ? 
metalc4 metalc ? ? C GNP .  O2B ? ? ? 1_555 B MG  . MG ? ? A GNP 700 A MG  701 1_555 ? ? ? ? ? ? ? 2.138 ? ? 
metalc5 metalc ? ? B MG  .  MG  ? ? ? 1_555 D HOH . O  ? ? A MG  701 A HOH 746 1_555 ? ? ? ? ? ? ? 2.114 ? ? 
metalc6 metalc ? ? B MG  .  MG  ? ? ? 1_555 D HOH . O  ? ? A MG  701 A HOH 801 1_555 ? ? ? ? ? ? ? 2.087 ? ? 
# 
_struct_conn_type.id          metalc 
_struct_conn_type.criteria    ? 
_struct_conn_type.reference   ? 
# 
_struct_sheet.id               A 
_struct_sheet.type             ? 
_struct_sheet.number_strands   6 
_struct_sheet.details          ? 
# 
loop_
_struct_sheet_order.sheet_id 
_struct_sheet_order.range_id_1 
_struct_sheet_order.range_id_2 
_struct_sheet_order.offset 
_struct_sheet_order.sense 
A 1 2 ? anti-parallel 
A 2 3 ? parallel      
A 3 4 ? parallel      
A 4 5 ? parallel      
A 5 6 ? parallel      
# 
loop_
_struct_sheet_range.sheet_id 
_struct_sheet_range.id 
_struct_sheet_range.beg_label_comp_id 
_struct_sheet_range.beg_label_asym_id 
_struct_sheet_range.beg_label_seq_id 
_struct_sheet_range.pdbx_beg_PDB_ins_code 
_struct_sheet_range.end_label_comp_id 
_struct_sheet_range.end_label_asym_id 
_struct_sheet_range.end_label_seq_id 
_struct_sheet_range.pdbx_end_PDB_ins_code 
_struct_sheet_range.beg_auth_comp_id 
_struct_sheet_range.beg_auth_asym_id 
_struct_sheet_range.beg_auth_seq_id 
_struct_sheet_range.end_auth_comp_id 
_struct_sheet_range.end_auth_asym_id 
_struct_sheet_range.end_auth_seq_id 
A 1 VAL A 61  ? ILE A 70  ? VAL A 43  ILE A 52  
A 2 GLU A 73  ? THR A 82  ? GLU A 55  THR A 64  
A 3 PHE A 25  ? GLY A 33  ? PHE A 7   GLY A 15  
A 4 ALA A 101 ? ASP A 107 ? ALA A 83  ASP A 89  
A 5 ILE A 133 ? ASN A 139 ? ILE A 115 ASN A 121 
A 6 TYR A 165 ? GLU A 167 ? TYR A 147 GLU A 149 
# 
loop_
_pdbx_struct_sheet_hbond.sheet_id 
_pdbx_struct_sheet_hbond.range_id_1 
_pdbx_struct_sheet_hbond.range_id_2 
_pdbx_struct_sheet_hbond.range_1_label_atom_id 
_pdbx_struct_sheet_hbond.range_1_label_comp_id 
_pdbx_struct_sheet_hbond.range_1_label_asym_id 
_pdbx_struct_sheet_hbond.range_1_label_seq_id 
_pdbx_struct_sheet_hbond.range_1_PDB_ins_code 
_pdbx_struct_sheet_hbond.range_1_auth_atom_id 
_pdbx_struct_sheet_hbond.range_1_auth_comp_id 
_pdbx_struct_sheet_hbond.range_1_auth_asym_id 
_pdbx_struct_sheet_hbond.range_1_auth_seq_id 
_pdbx_struct_sheet_hbond.range_2_label_atom_id 
_pdbx_struct_sheet_hbond.range_2_label_comp_id 
_pdbx_struct_sheet_hbond.range_2_label_asym_id 
_pdbx_struct_sheet_hbond.range_2_label_seq_id 
_pdbx_struct_sheet_hbond.range_2_PDB_ins_code 
_pdbx_struct_sheet_hbond.range_2_auth_atom_id 
_pdbx_struct_sheet_hbond.range_2_auth_comp_id 
_pdbx_struct_sheet_hbond.range_2_auth_asym_id 
_pdbx_struct_sheet_hbond.range_2_auth_seq_id 
A 1 2 N MET A 64  ? N MET A 46  O ILE A 79  ? O ILE A 61  
A 2 3 O GLN A 78  ? O GLN A 60  N PHE A 27  ? N PHE A 9   
A 3 4 N ILE A 32  ? N ILE A 14  O ILE A 103 ? O ILE A 85  
A 4 5 N TYR A 106 ? N TYR A 88  O ASN A 139 ? O ASN A 121 
A 5 6 N GLY A 138 ? N GLY A 120 O LEU A 166 ? O LEU A 148 
# 
loop_
_struct_site.id 
_struct_site.pdbx_evidence_code 
_struct_site.pdbx_auth_asym_id 
_struct_site.pdbx_auth_comp_id 
_struct_site.pdbx_auth_seq_id 
_struct_site.pdbx_auth_ins_code 
_struct_site.pdbx_num_residues 
_struct_site.details 
AC1 Software A MG  701 ? 5  'BINDING SITE FOR RESIDUE MG A 701'  
AC2 Software A GNP 700 ? 27 'BINDING SITE FOR RESIDUE GNP A 700' 
# 
loop_
_struct_site_gen.id 
_struct_site_gen.site_id 
_struct_site_gen.pdbx_num_res 
_struct_site_gen.label_comp_id 
_struct_site_gen.label_asym_id 
_struct_site_gen.label_seq_id 
_struct_site_gen.pdbx_auth_ins_code 
_struct_site_gen.auth_comp_id 
_struct_site_gen.auth_asym_id 
_struct_site_gen.auth_seq_id 
_struct_site_gen.label_atom_id 
_struct_site_gen.label_alt_id 
_struct_site_gen.symmetry 
_struct_site_gen.details 
1  AC1 5  THR A 40  ? THR A 22  . ? 1_555 ? 
2  AC1 5  THR A 58  ? THR A 40  . ? 1_555 ? 
3  AC1 5  GNP C .   ? GNP A 700 . ? 1_555 ? 
4  AC1 5  HOH D .   ? HOH A 746 . ? 1_555 ? 
5  AC1 5  HOH D .   ? HOH A 801 . ? 1_555 ? 
6  AC2 27 ALA A 35  ? ALA A 17  . ? 1_555 ? 
7  AC2 27 GLY A 36  ? GLY A 18  . ? 1_555 ? 
8  AC2 27 VAL A 37  ? VAL A 19  . ? 1_555 ? 
9  AC2 27 GLY A 38  ? GLY A 20  . ? 1_555 ? 
10 AC2 27 LYS A 39  ? LYS A 21  . ? 1_555 ? 
11 AC2 27 THR A 40  ? THR A 22  . ? 1_555 ? 
12 AC2 27 CYS A 41  ? CYS A 23  . ? 1_555 ? 
13 AC2 27 PHE A 51  ? PHE A 33  . ? 1_555 ? 
14 AC2 27 GLN A 55  ? GLN A 37  . ? 1_555 ? 
15 AC2 27 ALA A 57  ? ALA A 39  . ? 1_555 ? 
16 AC2 27 THR A 58  ? THR A 40  . ? 1_555 ? 
17 AC2 27 GLY A 84  ? GLY A 66  . ? 1_555 ? 
18 AC2 27 ASN A 139 ? ASN A 121 . ? 1_555 ? 
19 AC2 27 LYS A 140 ? LYS A 122 . ? 1_555 ? 
20 AC2 27 ASP A 142 ? ASP A 124 . ? 1_555 ? 
21 AC2 27 LEU A 143 ? LEU A 125 . ? 1_555 ? 
22 AC2 27 SER A 169 ? SER A 151 . ? 1_555 ? 
23 AC2 27 ALA A 170 ? ALA A 152 . ? 1_555 ? 
24 AC2 27 LYS A 171 ? LYS A 153 . ? 1_555 ? 
25 AC2 27 MG  B .   ? MG  A 701 . ? 1_555 ? 
26 AC2 27 HOH D .   ? HOH A 714 . ? 1_555 ? 
27 AC2 27 HOH D .   ? HOH A 733 . ? 1_555 ? 
28 AC2 27 HOH D .   ? HOH A 744 . ? 1_555 ? 
29 AC2 27 HOH D .   ? HOH A 746 . ? 1_555 ? 
30 AC2 27 HOH D .   ? HOH A 773 . ? 1_555 ? 
31 AC2 27 HOH D .   ? HOH A 780 . ? 1_555 ? 
32 AC2 27 HOH D .   ? HOH A 801 . ? 1_555 ? 
# 
_atom_sites.entry_id                    2EW1 
_atom_sites.fract_transf_matrix[1][1]   0.00001107 
_atom_sites.fract_transf_matrix[1][2]   0.00841211 
_atom_sites.fract_transf_matrix[1][3]   0.02168021 
_atom_sites.fract_transf_matrix[2][1]   -0.01718131 
_atom_sites.fract_transf_matrix[2][2]   0.00148804 
_atom_sites.fract_transf_matrix[2][3]   -0.00056860 
_atom_sites.fract_transf_matrix[3][1]   -0.00111336 
_atom_sites.fract_transf_matrix[3][2]   -0.01119511 
_atom_sites.fract_transf_matrix[3][3]   0.00434437 
_atom_sites.fract_transf_vector[1]      -0.274763 
_atom_sites.fract_transf_vector[2]      -0.033979 
_atom_sites.fract_transf_vector[3]      0.064092 
# 
loop_
_atom_type.symbol 
C  
MG 
N  
O  
P  
S  
# 
loop_
_atom_site.group_PDB 
_atom_site.id 
_atom_site.type_symbol 
_atom_site.label_atom_id 
_atom_site.label_alt_id 
_atom_site.label_comp_id 
_atom_site.label_asym_id 
_atom_site.label_entity_id 
_atom_site.label_seq_id 
_atom_site.pdbx_PDB_ins_code 
_atom_site.Cartn_x 
_atom_site.Cartn_y 
_atom_site.Cartn_z 
_atom_site.occupancy 
_atom_site.B_iso_or_equiv 
_atom_site.pdbx_formal_charge 
_atom_site.auth_seq_id 
_atom_site.auth_comp_id 
_atom_site.auth_asym_id 
_atom_site.auth_atom_id 
_atom_site.pdbx_PDB_model_num 
ATOM   1    N  N     . ASP A 1 22  ? 17.902  -18.744 3.272   1.00 41.03 ? 4   ASP A N     1 
ATOM   2    C  CA    . ASP A 1 22  ? 17.010  -18.709 2.078   1.00 39.90 ? 4   ASP A CA    1 
ATOM   3    C  C     . ASP A 1 22  ? 15.565  -18.645 2.591   1.00 39.04 ? 4   ASP A C     1 
ATOM   4    O  O     . ASP A 1 22  ? 15.247  -19.041 3.725   1.00 40.86 ? 4   ASP A O     1 
ATOM   5    C  CB    . ASP A 1 22  ? 17.225  -19.922 1.121   1.00 39.81 ? 4   ASP A CB    1 
ATOM   6    C  CG    . ASP A 1 22  ? 17.946  -19.550 -0.218  1.00 43.49 ? 4   ASP A CG    1 
ATOM   7    O  OD1   . ASP A 1 22  ? 17.461  -18.629 -0.978  1.00 42.15 ? 4   ASP A OD1   1 
ATOM   8    O  OD2   . ASP A 1 22  ? 18.989  -20.238 -0.544  1.00 43.74 ? 4   ASP A OD2   1 
ATOM   9    N  N     . TYR A 1 23  ? 14.701  -18.126 1.732   1.00 36.73 ? 5   TYR A N     1 
ATOM   10   C  CA    . TYR A 1 23  ? 13.287  -17.980 1.962   1.00 33.56 ? 5   TYR A CA    1 
ATOM   11   C  C     . TYR A 1 23  ? 12.659  -19.014 1.069   1.00 31.56 ? 5   TYR A C     1 
ATOM   12   O  O     . TYR A 1 23  ? 13.362  -19.590 0.248   1.00 31.19 ? 5   TYR A O     1 
ATOM   13   C  CB    . TYR A 1 23  ? 12.889  -16.567 1.517   1.00 33.76 ? 5   TYR A CB    1 
ATOM   14   C  CG    . TYR A 1 23  ? 13.724  -16.046 0.370   1.00 31.87 ? 5   TYR A CG    1 
ATOM   15   C  CD1   . TYR A 1 23  ? 13.378  -16.311 -0.930  1.00 30.38 ? 5   TYR A CD1   1 
ATOM   16   C  CD2   . TYR A 1 23  ? 14.875  -15.276 0.597   1.00 33.85 ? 5   TYR A CD2   1 
ATOM   17   C  CE1   . TYR A 1 23  ? 14.139  -15.828 -1.997  1.00 30.48 ? 5   TYR A CE1   1 
ATOM   18   C  CE2   . TYR A 1 23  ? 15.660  -14.798 -0.467  1.00 31.81 ? 5   TYR A CE2   1 
ATOM   19   C  CZ    . TYR A 1 23  ? 15.265  -15.083 -1.773  1.00 32.71 ? 5   TYR A CZ    1 
ATOM   20   O  OH    . TYR A 1 23  ? 15.994  -14.627 -2.867  1.00 34.58 ? 5   TYR A OH    1 
ATOM   21   N  N     . ASP A 1 24  ? 11.358  -19.239 1.250   1.00 29.84 ? 6   ASP A N     1 
ATOM   22   C  CA    . ASP A 1 24  ? 10.504  -20.090 0.411   1.00 28.65 ? 6   ASP A CA    1 
ATOM   23   C  C     . ASP A 1 24  ? 9.875   -19.252 -0.691  1.00 28.04 ? 6   ASP A C     1 
ATOM   24   O  O     . ASP A 1 24  ? 9.624   -19.773 -1.768  1.00 26.65 ? 6   ASP A O     1 
ATOM   25   C  CB    . ASP A 1 24  ? 9.432   -20.803 1.237   1.00 27.74 ? 6   ASP A CB    1 
ATOM   26   C  CG    . ASP A 1 24  ? 10.004  -21.448 2.516   1.00 29.80 ? 6   ASP A CG    1 
ATOM   27   O  OD1   . ASP A 1 24  ? 10.831  -22.370 2.424   1.00 27.86 ? 6   ASP A OD1   1 
ATOM   28   O  OD2   . ASP A 1 24  ? 9.656   -21.032 3.639   1.00 28.89 ? 6   ASP A OD2   1 
ATOM   29   N  N     . PHE A 1 25  ? 9.698   -17.946 -0.445  1.00 27.69 ? 7   PHE A N     1 
ATOM   30   C  CA    . PHE A 1 25  ? 9.017   -17.039 -1.388  1.00 27.24 ? 7   PHE A CA    1 
ATOM   31   C  C     . PHE A 1 25  ? 9.669   -15.669 -1.374  1.00 27.27 ? 7   PHE A C     1 
ATOM   32   O  O     . PHE A 1 25  ? 10.176  -15.270 -0.339  1.00 28.44 ? 7   PHE A O     1 
ATOM   33   C  CB    . PHE A 1 25  ? 7.525   -16.861 -1.025  1.00 27.19 ? 7   PHE A CB    1 
ATOM   34   C  CG    . PHE A 1 25  ? 6.726   -18.120 -1.079  1.00 27.07 ? 7   PHE A CG    1 
ATOM   35   C  CD1   . PHE A 1 25  ? 6.671   -18.971 0.022   1.00 27.17 ? 7   PHE A CD1   1 
ATOM   36   C  CD2   . PHE A 1 25  ? 6.051   -18.466 -2.232  1.00 25.50 ? 7   PHE A CD2   1 
ATOM   37   C  CE1   . PHE A 1 25  ? 5.954   -20.145 -0.047  1.00 27.84 ? 7   PHE A CE1   1 
ATOM   38   C  CE2   . PHE A 1 25  ? 5.328   -19.638 -2.314  1.00 28.72 ? 7   PHE A CE2   1 
ATOM   39   C  CZ    . PHE A 1 25  ? 5.269   -20.478 -1.219  1.00 29.69 ? 7   PHE A CZ    1 
ATOM   40   N  N     . LEU A 1 26  ? 9.643   -14.958 -2.509  1.00 27.30 ? 8   LEU A N     1 
ATOM   41   C  CA    . LEU A 1 26  ? 10.093  -13.572 -2.611  1.00 27.83 ? 8   LEU A CA    1 
ATOM   42   C  C     . LEU A 1 26  ? 8.997   -12.863 -3.380  1.00 28.36 ? 8   LEU A C     1 
ATOM   43   O  O     . LEU A 1 26  ? 8.551   -13.349 -4.438  1.00 29.35 ? 8   LEU A O     1 
ATOM   44   C  CB    . LEU A 1 26  ? 11.468  -13.438 -3.314  1.00 29.14 ? 8   LEU A CB    1 
ATOM   45   C  CG    . LEU A 1 26  ? 12.048  -12.013 -3.166  1.00 28.02 ? 8   LEU A CG    1 
ATOM   46   C  CD1   . LEU A 1 26  ? 13.494  -11.946 -2.846  1.00 26.32 ? 8   LEU A CD1   1 
ATOM   47   C  CD2   . LEU A 1 26  ? 11.707  -11.104 -4.377  1.00 27.80 ? 8   LEU A CD2   1 
ATOM   48   N  N     . PHE A 1 27  ? 8.467   -11.787 -2.802  1.00 27.01 ? 9   PHE A N     1 
ATOM   49   C  CA    . PHE A 1 27  ? 7.494   -10.949 -3.498  1.00 25.58 ? 9   PHE A CA    1 
ATOM   50   C  C     . PHE A 1 27  ? 7.903   -9.494  -3.470  1.00 24.01 ? 9   PHE A C     1 
ATOM   51   O  O     . PHE A 1 27  ? 8.569   -9.024  -2.568  1.00 23.04 ? 9   PHE A O     1 
ATOM   52   C  CB    . PHE A 1 27  ? 6.055   -11.073 -2.957  1.00 26.95 ? 9   PHE A CB    1 
ATOM   53   C  CG    . PHE A 1 27  ? 5.575   -12.505 -2.750  1.00 28.26 ? 9   PHE A CG    1 
ATOM   54   C  CD1   . PHE A 1 27  ? 5.408   -13.014 -1.454  1.00 26.21 ? 9   PHE A CD1   1 
ATOM   55   C  CD2   . PHE A 1 27  ? 5.308   -13.340 -3.849  1.00 27.96 ? 9   PHE A CD2   1 
ATOM   56   C  CE1   . PHE A 1 27  ? 5.000   -14.337 -1.285  1.00 28.67 ? 9   PHE A CE1   1 
ATOM   57   C  CE2   . PHE A 1 27  ? 4.880   -14.680 -3.677  1.00 24.71 ? 9   PHE A CE2   1 
ATOM   58   C  CZ    . PHE A 1 27  ? 4.719   -15.155 -2.422  1.00 24.44 ? 9   PHE A CZ    1 
ATOM   59   N  N     . LYS A 1 28  ? 7.433   -8.798  -4.480  1.00 24.55 ? 10  LYS A N     1 
ATOM   60   C  CA    . LYS A 1 28  ? 7.748   -7.401  -4.765  1.00 23.88 ? 10  LYS A CA    1 
ATOM   61   C  C     . LYS A 1 28  ? 6.435   -6.645  -4.605  1.00 23.81 ? 10  LYS A C     1 
ATOM   62   O  O     . LYS A 1 28  ? 5.432   -6.918  -5.306  1.00 21.75 ? 10  LYS A O     1 
ATOM   63   C  CB    . LYS A 1 28  ? 8.310   -7.297  -6.169  1.00 23.33 ? 10  LYS A CB    1 
ATOM   64   C  CG    . LYS A 1 28  ? 9.548   -8.133  -6.340  1.00 24.85 ? 10  LYS A CG    1 
ATOM   65   C  CD    . LYS A 1 28  ? 10.020  -8.059  -7.815  1.00 30.05 ? 10  LYS A CD    1 
ATOM   66   C  CE    . LYS A 1 28  ? 11.416  -8.631  -7.931  1.00 33.89 ? 10  LYS A CE    1 
ATOM   67   N  NZ    . LYS A 1 28  ? 12.294  -7.807  -8.794  1.00 37.58 ? 10  LYS A NZ    1 
ATOM   68   N  N     . ILE A 1 29  ? 6.434   -5.782  -3.569  1.00 23.03 ? 11  ILE A N     1 
ATOM   69   C  CA    . ILE A 1 29  ? 5.253   -4.993  -3.210  1.00 21.77 ? 11  ILE A CA    1 
ATOM   70   C  C     . ILE A 1 29  ? 5.598   -3.510  -3.473  1.00 19.89 ? 11  ILE A C     1 
ATOM   71   O  O     . ILE A 1 29  ? 6.712   -3.098  -3.217  1.00 19.15 ? 11  ILE A O     1 
ATOM   72   C  CB    . ILE A 1 29  ? 4.895   -5.209  -1.764  1.00 21.34 ? 11  ILE A CB    1 
ATOM   73   C  CG1   . ILE A 1 29  ? 4.524   -6.692  -1.553  1.00 22.86 ? 11  ILE A CG1   1 
ATOM   74   C  CG2   . ILE A 1 29  ? 3.663   -4.342  -1.417  1.00 21.41 ? 11  ILE A CG2   1 
ATOM   75   C  CD1   . ILE A 1 29  ? 4.661   -7.100  -0.180  1.00 23.84 ? 11  ILE A CD1   1 
ATOM   76   N  N     . VAL A 1 30  ? 4.697   -2.763  -4.084  1.00 19.53 ? 12  VAL A N     1 
ATOM   77   C  CA    . VAL A 1 30  ? 4.948   -1.321  -4.357  1.00 17.34 ? 12  VAL A CA    1 
ATOM   78   C  C     . VAL A 1 30  ? 3.748   -0.509  -3.786  1.00 17.69 ? 12  VAL A C     1 
ATOM   79   O  O     . VAL A 1 30  ? 2.619   -0.744  -4.167  1.00 17.59 ? 12  VAL A O     1 
ATOM   80   C  CB    . VAL A 1 30  ? 5.068   -1.025  -5.857  1.00 18.23 ? 12  VAL A CB    1 
ATOM   81   C  CG1   . VAL A 1 30  ? 5.347   0.487   -6.040  1.00 16.24 ? 12  VAL A CG1   1 
ATOM   82   C  CG2   . VAL A 1 30  ? 6.178   -1.879  -6.524  1.00 18.30 ? 12  VAL A CG2   1 
ATOM   83   N  N     . LEU A 1 31  ? 4.023   0.446   -2.891  1.00 15.78 ? 13  LEU A N     1 
ATOM   84   C  CA    . LEU A 1 31  ? 3.018   1.316   -2.305  1.00 15.48 ? 13  LEU A CA    1 
ATOM   85   C  C     . LEU A 1 31  ? 2.877   2.546   -3.191  1.00 14.85 ? 13  LEU A C     1 
ATOM   86   O  O     . LEU A 1 31  ? 3.903   3.152   -3.551  1.00 14.35 ? 13  LEU A O     1 
ATOM   87   C  CB    . LEU A 1 31  ? 3.487   1.832   -0.934  1.00 14.75 ? 13  LEU A CB    1 
ATOM   88   C  CG    . LEU A 1 31  ? 3.444   1.136   0.413   1.00 19.20 ? 13  LEU A CG    1 
ATOM   89   C  CD1   . LEU A 1 31  ? 2.138   1.503   1.219   1.00 20.72 ? 13  LEU A CD1   1 
ATOM   90   C  CD2   . LEU A 1 31  ? 3.875   -0.353  0.339   1.00 19.54 ? 13  LEU A CD2   1 
ATOM   91   N  N     . ILE A 1 32  ? 1.630   2.917   -3.500  1.00 13.85 ? 14  ILE A N     1 
ATOM   92   C  CA    . ILE A 1 32  ? 1.352   4.087   -4.375  1.00 17.10 ? 14  ILE A CA    1 
ATOM   93   C  C     . ILE A 1 32  ? 0.102   4.739   -3.830  1.00 15.75 ? 14  ILE A C     1 
ATOM   94   O  O     . ILE A 1 32  ? -0.593  4.125   -3.084  1.00 14.15 ? 14  ILE A O     1 
ATOM   95   C  CB    . ILE A 1 32  ? 1.099   3.662   -5.843  1.00 17.52 ? 14  ILE A CB    1 
ATOM   96   C  CG1   . ILE A 1 32  ? -0.150  2.766   -5.945  1.00 18.27 ? 14  ILE A CG1   1 
ATOM   97   C  CG2   . ILE A 1 32  ? 2.344   2.926   -6.413  1.00 17.49 ? 14  ILE A CG2   1 
ATOM   98   C  CD1   . ILE A 1 32  ? -0.443  2.213   -7.315  1.00 19.62 ? 14  ILE A CD1   1 
ATOM   99   N  N     . GLY A 1 33  ? -0.177  5.962   -4.276  1.00 16.18 ? 15  GLY A N     1 
ATOM   100  C  CA    . GLY A 1 33  ? -1.225  6.790   -3.698  1.00 17.71 ? 15  GLY A CA    1 
ATOM   101  C  C     . GLY A 1 33  ? -0.721  8.235   -3.661  1.00 17.69 ? 15  GLY A C     1 
ATOM   102  O  O     . GLY A 1 33  ? 0.475   8.453   -3.802  1.00 19.05 ? 15  GLY A O     1 
ATOM   103  N  N     . ASN A 1 34  ? -1.621  9.182   -3.388  1.00 17.55 ? 16  ASN A N     1 
ATOM   104  C  CA    . ASN A 1 34  ? -1.296  10.615  -3.355  1.00 16.78 ? 16  ASN A CA    1 
ATOM   105  C  C     . ASN A 1 34  ? -0.230  10.957  -2.356  1.00 16.22 ? 16  ASN A C     1 
ATOM   106  O  O     . ASN A 1 34  ? -0.094  10.260  -1.375  1.00 14.73 ? 16  ASN A O     1 
ATOM   107  C  CB    . ASN A 1 34  ? -2.536  11.397  -3.006  1.00 17.14 ? 16  ASN A CB    1 
ATOM   108  C  CG    . ASN A 1 34  ? -3.372  11.655  -4.210  1.00 20.12 ? 16  ASN A CG    1 
ATOM   109  O  OD1   . ASN A 1 34  ? -3.184  10.990  -5.245  1.00 16.40 ? 16  ASN A OD1   1 
ATOM   110  N  ND2   . ASN A 1 34  ? -4.254  12.646  -4.125  1.00 16.81 ? 16  ASN A ND2   1 
ATOM   111  N  N     . ALA A 1 35  ? 0.439   12.076  -2.567  1.00 15.00 ? 17  ALA A N     1 
ATOM   112  C  CA    . ALA A 1 35  ? 1.400   12.616  -1.628  1.00 17.25 ? 17  ALA A CA    1 
ATOM   113  C  C     . ALA A 1 35  ? 0.692   12.849  -0.297  1.00 18.15 ? 17  ALA A C     1 
ATOM   114  O  O     . ALA A 1 35  ? -0.454  13.288  -0.281  1.00 18.84 ? 17  ALA A O     1 
ATOM   115  C  CB    . ALA A 1 35  ? 1.978   14.002  -2.179  1.00 17.09 ? 17  ALA A CB    1 
ATOM   116  N  N     . GLY A 1 36  ? 1.361   12.559  0.818   1.00 19.02 ? 18  GLY A N     1 
ATOM   117  C  CA    . GLY A 1 36  ? 0.846   12.877  2.162   1.00 17.48 ? 18  GLY A CA    1 
ATOM   118  C  C     . GLY A 1 36  ? -0.088  11.859  2.778   1.00 16.51 ? 18  GLY A C     1 
ATOM   119  O  O     . GLY A 1 36  ? -0.592  12.072  3.868   1.00 17.08 ? 18  GLY A O     1 
ATOM   120  N  N     . VAL A 1 37  ? -0.365  10.750  2.102   1.00 18.12 ? 19  VAL A N     1 
ATOM   121  C  CA    . VAL A 1 37  ? -1.356  9.799   2.620   1.00 16.77 ? 19  VAL A CA    1 
ATOM   122  C  C     . VAL A 1 37  ? -0.856  8.870   3.699   1.00 16.45 ? 19  VAL A C     1 
ATOM   123  O  O     . VAL A 1 37  ? -1.665  8.214   4.352   1.00 16.84 ? 19  VAL A O     1 
ATOM   124  C  CB    . VAL A 1 37  ? -2.097  8.957   1.503   1.00 16.70 ? 19  VAL A CB    1 
ATOM   125  C  CG1   . VAL A 1 37  ? -2.826  9.932   0.505   1.00 15.95 ? 19  VAL A CG1   1 
ATOM   126  C  CG2   . VAL A 1 37  ? -1.165  7.986   0.794   1.00 15.85 ? 19  VAL A CG2   1 
ATOM   127  N  N     . GLY A 1 38  ? 0.473   8.833   3.858   1.00 15.28 ? 20  GLY A N     1 
ATOM   128  C  CA    . GLY A 1 38  ? 1.208   7.990   4.828   1.00 13.39 ? 20  GLY A CA    1 
ATOM   129  C  C     . GLY A 1 38  ? 1.806   6.686   4.347   1.00 15.28 ? 20  GLY A C     1 
ATOM   130  O  O     . GLY A 1 38  ? 1.976   5.791   5.143   1.00 14.35 ? 20  GLY A O     1 
ATOM   131  N  N     . LYS A 1 39  ? 2.069   6.548   3.038   1.00 15.68 ? 21  LYS A N     1 
ATOM   132  C  CA    . LYS A 1 39  ? 2.748   5.386   2.490   1.00 15.54 ? 21  LYS A CA    1 
ATOM   133  C  C     . LYS A 1 39  ? 4.089   5.068   3.162   1.00 15.27 ? 21  LYS A C     1 
ATOM   134  O  O     . LYS A 1 39  ? 4.359   3.899   3.567   1.00 12.22 ? 21  LYS A O     1 
ATOM   135  C  CB    . LYS A 1 39  ? 2.960   5.558   0.968   1.00 16.14 ? 21  LYS A CB    1 
ATOM   136  C  CG    . LYS A 1 39  ? 1.672   5.804   0.125   1.00 14.54 ? 21  LYS A CG    1 
ATOM   137  C  CD    . LYS A 1 39  ? 1.980   5.870   -1.411  1.00 15.94 ? 21  LYS A CD    1 
ATOM   138  C  CE    . LYS A 1 39  ? 2.831   7.018   -1.820  1.00 16.87 ? 21  LYS A CE    1 
ATOM   139  N  NZ    . LYS A 1 39  ? 2.288   8.299   -1.215  1.00 18.18 ? 21  LYS A NZ    1 
ATOM   140  N  N     . THR A 1 40  ? 4.929   6.087   3.301   1.00 14.38 ? 22  THR A N     1 
ATOM   141  C  CA    . THR A 1 40  ? 6.213   5.953   4.043   1.00 16.12 ? 22  THR A CA    1 
ATOM   142  C  C     . THR A 1 40  ? 6.094   5.529   5.505   1.00 17.27 ? 22  THR A C     1 
ATOM   143  O  O     . THR A 1 40  ? 6.751   4.527   5.946   1.00 18.72 ? 22  THR A O     1 
ATOM   144  C  CB    . THR A 1 40  ? 7.072   7.215   3.856   1.00 16.87 ? 22  THR A CB    1 
ATOM   145  O  OG1   . THR A 1 40  ? 7.354   7.285   2.454   1.00 15.65 ? 22  THR A OG1   1 
ATOM   146  C  CG2   . THR A 1 40  ? 8.385   7.112   4.610   1.00 17.17 ? 22  THR A CG2   1 
ATOM   147  N  N     . CYS A 1 41  ? 5.258   6.238   6.271   1.00 15.95 ? 23  CYS A N     1 
ATOM   148  C  CA    . CYS A 1 41  ? 5.070   5.854   7.684   1.00 17.03 ? 23  CYS A CA    1 
ATOM   149  C  C     . CYS A 1 41  ? 4.551   4.430   7.803   1.00 16.86 ? 23  CYS A C     1 
ATOM   150  O  O     . CYS A 1 41  ? 4.990   3.703   8.676   1.00 19.01 ? 23  CYS A O     1 
ATOM   151  C  CB    . CYS A 1 41  ? 4.162   6.821   8.435   1.00 18.85 ? 23  CYS A CB    1 
ATOM   152  S  SG    . CYS A 1 41  ? 4.873   8.485   8.517   1.00 18.13 ? 23  CYS A SG    1 
ATOM   153  N  N     . LEU A 1 42  ? 3.696   4.012   6.889   1.00 15.96 ? 24  LEU A N     1 
ATOM   154  C  CA    . LEU A 1 42  ? 3.209   2.604   6.819   1.00 16.79 ? 24  LEU A CA    1 
ATOM   155  C  C     . LEU A 1 42  ? 4.273   1.554   6.573   1.00 15.81 ? 24  LEU A C     1 
ATOM   156  O  O     . LEU A 1 42  ? 4.321   0.550   7.312   1.00 17.01 ? 24  LEU A O     1 
ATOM   157  C  CB    . LEU A 1 42  ? 2.091   2.403   5.743   1.00 16.03 ? 24  LEU A CB    1 
ATOM   158  C  CG    . LEU A 1 42  ? 0.626   2.642   6.135   1.00 18.45 ? 24  LEU A CG    1 
ATOM   159  C  CD1   . LEU A 1 42  ? -0.230  2.741   4.835   1.00 19.00 ? 24  LEU A CD1   1 
ATOM   160  C  CD2   . LEU A 1 42  ? 0.138   1.459   7.005   1.00 13.98 ? 24  LEU A CD2   1 
ATOM   161  N  N     . VAL A 1 43  ? 5.077   1.738   5.520   1.00 17.04 ? 25  VAL A N     1 
ATOM   162  C  CA    . VAL A 1 43  ? 6.201   0.838   5.195   1.00 18.66 ? 25  VAL A CA    1 
ATOM   163  C  C     . VAL A 1 43  ? 7.194   0.771   6.331   1.00 19.67 ? 25  VAL A C     1 
ATOM   164  O  O     . VAL A 1 43  ? 7.576   -0.332  6.789   1.00 19.28 ? 25  VAL A O     1 
ATOM   165  C  CB    . VAL A 1 43  ? 7.011   1.269   3.908   1.00 19.36 ? 25  VAL A CB    1 
ATOM   166  C  CG1   . VAL A 1 43  ? 8.103   0.270   3.669   1.00 24.51 ? 25  VAL A CG1   1 
ATOM   167  C  CG2   . VAL A 1 43  ? 6.189   1.309   2.735   1.00 21.88 ? 25  VAL A CG2   1 
ATOM   168  N  N     . ARG A 1 44  ? 7.591   1.951   6.803   1.00 18.12 ? 26  ARG A N     1 
ATOM   169  C  CA    . ARG A 1 44  ? 8.561   2.070   7.891   1.00 20.20 ? 26  ARG A CA    1 
ATOM   170  C  C     . ARG A 1 44  ? 8.052   1.503   9.198   1.00 19.22 ? 26  ARG A C     1 
ATOM   171  O  O     . ARG A 1 44  ? 8.813   0.864   9.902   1.00 19.84 ? 26  ARG A O     1 
ATOM   172  C  CB    . ARG A 1 44  ? 9.040   3.530   8.103   1.00 16.96 ? 26  ARG A CB    1 
ATOM   173  C  CG    . ARG A 1 44  ? 9.946   4.006   7.043   1.00 19.77 ? 26  ARG A CG    1 
ATOM   174  C  CD    . ARG A 1 44  ? 10.412  5.388   7.358   1.00 23.20 ? 26  ARG A CD    1 
ATOM   175  N  NE    . ARG A 1 44  ? 11.665  5.362   8.135   1.00 27.26 ? 26  ARG A NE    1 
ATOM   176  C  CZ    . ARG A 1 44  ? 12.517  6.379   8.268   1.00 30.13 ? 26  ARG A CZ    1 
ATOM   177  N  NH1   . ARG A 1 44  ? 12.285  7.567   7.707   1.00 23.12 ? 26  ARG A NH1   1 
ATOM   178  N  NH2   . ARG A 1 44  ? 13.627  6.181   8.956   1.00 27.22 ? 26  ARG A NH2   1 
ATOM   179  N  N     . ARG A 1 45  ? 6.807   1.794   9.580   1.00 20.99 ? 27  ARG A N     1 
ATOM   180  C  CA    . ARG A 1 45  ? 6.237   1.132   10.772  1.00 20.56 ? 27  ARG A CA    1 
ATOM   181  C  C     . ARG A 1 45  ? 6.251   -0.405  10.678  1.00 20.24 ? 27  ARG A C     1 
ATOM   182  O  O     . ARG A 1 45  ? 6.513   -1.074  11.682  1.00 19.66 ? 27  ARG A O     1 
ATOM   183  C  CB    . ARG A 1 45  ? 4.846   1.686   11.183  1.00 22.50 ? 27  ARG A CB    1 
ATOM   184  C  CG    . ARG A 1 45  ? 4.111   0.896   12.342  1.00 22.96 ? 27  ARG A CG    1 
ATOM   185  C  CD    . ARG A 1 45  ? 4.866   1.116   13.714  1.00 26.32 ? 27  ARG A CD    1 
ATOM   186  N  NE    . ARG A 1 45  ? 4.068   0.956   14.945  1.00 32.59 ? 27  ARG A NE    1 
ATOM   187  C  CZ    . ARG A 1 45  ? 3.473   1.945   15.654  1.00 33.54 ? 27  ARG A CZ    1 
ATOM   188  N  NH1   . ARG A 1 45  ? 3.510   3.216   15.284  1.00 31.74 ? 27  ARG A NH1   1 
ATOM   189  N  NH2   . ARG A 1 45  ? 2.807   1.661   16.756  1.00 37.30 ? 27  ARG A NH2   1 
ATOM   190  N  N     . PHE A 1 46  ? 5.974   -0.972  9.497   1.00 19.32 ? 28  PHE A N     1 
ATOM   191  C  CA    . PHE A 1 46  ? 5.998   -2.462  9.301   1.00 21.48 ? 28  PHE A CA    1 
ATOM   192  C  C     . PHE A 1 46  ? 7.471   -2.968  9.399   1.00 23.31 ? 28  PHE A C     1 
ATOM   193  O  O     . PHE A 1 46  ? 7.817   -3.883  10.172  1.00 23.36 ? 28  PHE A O     1 
ATOM   194  C  CB    . PHE A 1 46  ? 5.426   -2.846  7.907   1.00 20.18 ? 28  PHE A CB    1 
ATOM   195  C  CG    . PHE A 1 46  ? 5.600   -4.317  7.500   1.00 18.07 ? 28  PHE A CG    1 
ATOM   196  C  CD1   . PHE A 1 46  ? 5.026   -5.320  8.233   1.00 12.80 ? 28  PHE A CD1   1 
ATOM   197  C  CD2   . PHE A 1 46  ? 6.222   -4.660  6.310   1.00 17.38 ? 28  PHE A CD2   1 
ATOM   198  C  CE1   . PHE A 1 46  ? 5.121   -6.649  7.869   1.00 17.33 ? 28  PHE A CE1   1 
ATOM   199  C  CE2   . PHE A 1 46  ? 6.366   -5.971  5.902   1.00 18.71 ? 28  PHE A CE2   1 
ATOM   200  C  CZ    . PHE A 1 46  ? 5.821   -7.020  6.700   1.00 21.35 ? 28  PHE A CZ    1 
ATOM   201  N  N     . THR A 1 47  ? 8.326   -2.315  8.626   1.00 23.38 ? 29  THR A N     1 
ATOM   202  C  CA    . THR A 1 47  ? 9.637   -2.818  8.273   1.00 25.42 ? 29  THR A CA    1 
ATOM   203  C  C     . THR A 1 47  ? 10.637  -2.522  9.430   1.00 26.48 ? 29  THR A C     1 
ATOM   204  O  O     . THR A 1 47  ? 11.596  -3.273  9.640   1.00 27.30 ? 29  THR A O     1 
ATOM   205  C  CB    . THR A 1 47  ? 9.943   -2.159  6.875   1.00 26.35 ? 29  THR A CB    1 
ATOM   206  O  OG1   . THR A 1 47  ? 9.828   -3.087  5.776   1.00 29.54 ? 29  THR A OG1   1 
ATOM   207  C  CG2   . THR A 1 47  ? 11.069  -1.252  6.843   1.00 24.84 ? 29  THR A CG2   1 
ATOM   208  N  N     . GLN A 1 48  ? 10.373  -1.456  10.199  1.00 26.26 ? 30  GLN A N     1 
ATOM   209  C  CA    . GLN A 1 48  ? 11.264  -1.000  11.256  1.00 27.55 ? 30  GLN A CA    1 
ATOM   210  C  C     . GLN A 1 48  ? 10.647  -1.094  12.636  1.00 28.39 ? 30  GLN A C     1 
ATOM   211  O  O     . GLN A 1 48  ? 11.340  -1.033  13.631  1.00 29.49 ? 30  GLN A O     1 
ATOM   212  C  CB    . GLN A 1 48  ? 11.662  0.423   10.965  1.00 27.42 ? 30  GLN A CB    1 
ATOM   213  C  CG    . GLN A 1 48  ? 12.637  0.499   9.809   1.00 28.37 ? 30  GLN A CG    1 
ATOM   214  C  CD    . GLN A 1 48  ? 12.785  1.876   9.222   1.00 30.90 ? 30  GLN A CD    1 
ATOM   215  O  OE1   . GLN A 1 48  ? 12.211  2.883   9.722   1.00 32.59 ? 30  GLN A OE1   1 
ATOM   216  N  NE2   . GLN A 1 48  ? 13.547  1.949   8.123   1.00 30.47 ? 30  GLN A NE2   1 
ATOM   217  N  N     . GLY A 1 49  ? 9.337   -1.210  12.681  1.00 27.95 ? 31  GLY A N     1 
ATOM   218  C  CA    . GLY A 1 49  ? 8.607   -1.372  13.919  1.00 28.85 ? 31  GLY A CA    1 
ATOM   219  C  C     . GLY A 1 49  ? 8.270   -0.100  14.656  1.00 28.31 ? 31  GLY A C     1 
ATOM   220  O  O     . GLY A 1 49  ? 7.744   -0.165  15.760  1.00 28.00 ? 31  GLY A O     1 
ATOM   221  N  N     . LEU A 1 50  ? 8.603   1.046   14.069  1.00 27.30 ? 32  LEU A N     1 
ATOM   222  C  CA    . LEU A 1 50  ? 8.337   2.345   14.686  1.00 27.05 ? 32  LEU A CA    1 
ATOM   223  C  C     . LEU A 1 50  ? 7.797   3.283   13.653  1.00 25.74 ? 32  LEU A C     1 
ATOM   224  O  O     . LEU A 1 50  ? 8.297   3.307   12.515  1.00 26.49 ? 32  LEU A O     1 
ATOM   225  C  CB    . LEU A 1 50  ? 9.622   2.980   15.231  1.00 28.51 ? 32  LEU A CB    1 
ATOM   226  C  CG    . LEU A 1 50  ? 9.878   2.946   16.750  1.00 32.87 ? 32  LEU A CG    1 
ATOM   227  C  CD1   . LEU A 1 50  ? 11.383  2.813   17.013  1.00 36.06 ? 32  LEU A CD1   1 
ATOM   228  C  CD2   . LEU A 1 50  ? 9.270   4.157   17.506  1.00 36.15 ? 32  LEU A CD2   1 
ATOM   229  N  N     . PHE A 1 51  ? 6.805   4.066   14.055  1.00 23.41 ? 33  PHE A N     1 
ATOM   230  C  CA    . PHE A 1 51  ? 6.335   5.188   13.289  1.00 22.35 ? 33  PHE A CA    1 
ATOM   231  C  C     . PHE A 1 51  ? 7.430   6.260   13.177  1.00 23.29 ? 33  PHE A C     1 
ATOM   232  O  O     . PHE A 1 51  ? 7.929   6.750   14.213  1.00 22.47 ? 33  PHE A O     1 
ATOM   233  C  CB    . PHE A 1 51  ? 5.063   5.756   13.925  1.00 21.62 ? 33  PHE A CB    1 
ATOM   234  C  CG    . PHE A 1 51  ? 4.502   6.985   13.243  1.00 17.88 ? 33  PHE A CG    1 
ATOM   235  C  CD1   . PHE A 1 51  ? 3.681   6.852   12.120  1.00 20.76 ? 33  PHE A CD1   1 
ATOM   236  C  CD2   . PHE A 1 51  ? 4.700   8.259   13.788  1.00 18.95 ? 33  PHE A CD2   1 
ATOM   237  C  CE1   . PHE A 1 51  ? 3.099   7.912   11.522  1.00 17.83 ? 33  PHE A CE1   1 
ATOM   238  C  CE2   . PHE A 1 51  ? 4.140   9.370   13.171  1.00 22.39 ? 33  PHE A CE2   1 
ATOM   239  C  CZ    . PHE A 1 51  ? 3.314   9.167   11.992  1.00 22.27 ? 33  PHE A CZ    1 
ATOM   240  N  N     . PRO A 1 52  ? 7.809   6.641   11.924  1.00 23.18 ? 34  PRO A N     1 
ATOM   241  C  CA    . PRO A 1 52  ? 8.950   7.560   11.840  1.00 23.71 ? 34  PRO A CA    1 
ATOM   242  C  C     . PRO A 1 52  ? 8.489   8.987   12.169  1.00 25.20 ? 34  PRO A C     1 
ATOM   243  O  O     . PRO A 1 52  ? 7.547   9.472   11.544  1.00 26.27 ? 34  PRO A O     1 
ATOM   244  C  CB    . PRO A 1 52  ? 9.418   7.425   10.380  1.00 24.23 ? 34  PRO A CB    1 
ATOM   245  C  CG    . PRO A 1 52  ? 8.143   6.953   9.604   1.00 20.68 ? 34  PRO A CG    1 
ATOM   246  C  CD    . PRO A 1 52  ? 7.270   6.254   10.589  1.00 22.48 ? 34  PRO A CD    1 
ATOM   247  N  N     . PRO A 1 53  ? 9.146   9.654   13.144  1.00 23.94 ? 35  PRO A N     1 
ATOM   248  C  CA    . PRO A 1 53  ? 8.820   11.005  13.541  1.00 23.71 ? 35  PRO A CA    1 
ATOM   249  C  C     . PRO A 1 53  ? 9.416   11.986  12.493  1.00 22.89 ? 35  PRO A C     1 
ATOM   250  O  O     . PRO A 1 53  ? 10.458  11.687  11.878  1.00 23.52 ? 35  PRO A O     1 
ATOM   251  C  CB    . PRO A 1 53  ? 9.506   11.121  14.919  1.00 23.31 ? 35  PRO A CB    1 
ATOM   252  C  CG    . PRO A 1 53  ? 10.727  10.311  14.772  1.00 23.23 ? 35  PRO A CG    1 
ATOM   253  C  CD    . PRO A 1 53  ? 10.316  9.145   13.889  1.00 25.40 ? 35  PRO A CD    1 
ATOM   254  N  N     . GLY A 1 54  ? 8.726   13.094  12.274  1.00 22.25 ? 36  GLY A N     1 
ATOM   255  C  CA    . GLY A 1 54  ? 9.110   14.135  11.306  1.00 22.90 ? 36  GLY A CA    1 
ATOM   256  C  C     . GLY A 1 54  ? 9.314   13.687  9.859   1.00 23.09 ? 36  GLY A C     1 
ATOM   257  O  O     . GLY A 1 54  ? 10.143  14.228  9.107   1.00 23.92 ? 36  GLY A O     1 
ATOM   258  N  N     . GLN A 1 55  ? 8.571   12.673  9.461   1.00 23.30 ? 37  GLN A N     1 
ATOM   259  C  CA    . GLN A 1 55  ? 8.680   12.123  8.126   1.00 22.52 ? 37  GLN A CA    1 
ATOM   260  C  C     . GLN A 1 55  ? 8.438   13.226  7.092   1.00 23.18 ? 37  GLN A C     1 
ATOM   261  O  O     . GLN A 1 55  ? 7.465   13.975  7.200   1.00 26.98 ? 37  GLN A O     1 
ATOM   262  C  CB    . GLN A 1 55  ? 7.717   10.939  7.967   1.00 20.82 ? 37  GLN A CB    1 
ATOM   263  C  CG    . GLN A 1 55  ? 7.927   10.161  6.606   1.00 18.99 ? 37  GLN A CG    1 
ATOM   264  C  CD    . GLN A 1 55  ? 9.370   9.726   6.299   1.00 20.03 ? 37  GLN A CD    1 
ATOM   265  O  OE1   . GLN A 1 55  ? 9.981   10.188  5.322   1.00 23.21 ? 37  GLN A OE1   1 
ATOM   266  N  NE2   . GLN A 1 55  ? 9.911   8.825   7.103   1.00 20.81 ? 37  GLN A NE2   1 
ATOM   267  N  N     . GLY A 1 56  ? 9.347   13.355  6.138   1.00 24.10 ? 38  GLY A N     1 
ATOM   268  C  CA    . GLY A 1 56  ? 9.189   14.250  4.978   1.00 25.20 ? 38  GLY A CA    1 
ATOM   269  C  C     . GLY A 1 56  ? 8.808   13.496  3.704   1.00 25.70 ? 38  GLY A C     1 
ATOM   270  O  O     . GLY A 1 56  ? 8.932   12.239  3.639   1.00 24.41 ? 38  GLY A O     1 
ATOM   271  N  N     . ALA A 1 57  ? 8.362   14.263  2.698   1.00 25.09 ? 39  ALA A N     1 
ATOM   272  C  CA    . ALA A 1 57  ? 7.947   13.725  1.390   1.00 26.66 ? 39  ALA A CA    1 
ATOM   273  C  C     . ALA A 1 57  ? 9.012   12.846  0.758   1.00 26.62 ? 39  ALA A C     1 
ATOM   274  O  O     . ALA A 1 57  ? 10.193  13.189  0.826   1.00 26.16 ? 39  ALA A O     1 
ATOM   275  C  CB    . ALA A 1 57  ? 7.612   14.876  0.443   1.00 26.42 ? 39  ALA A CB    1 
ATOM   276  N  N     . THR A 1 58  ? 8.601   11.725  0.155   1.00 26.50 ? 40  THR A N     1 
ATOM   277  C  CA    . THR A 1 58  ? 9.514   10.840  -0.576  1.00 27.10 ? 40  THR A CA    1 
ATOM   278  C  C     . THR A 1 58  ? 9.993   11.492  -1.880  1.00 28.43 ? 40  THR A C     1 
ATOM   279  O  O     . THR A 1 58  ? 9.230   12.093  -2.607  1.00 28.69 ? 40  THR A O     1 
ATOM   280  C  CB    . THR A 1 58  ? 8.927   9.398   -0.825  1.00 25.66 ? 40  THR A CB    1 
ATOM   281  O  OG1   . THR A 1 58  ? 8.478   8.871   0.429   1.00 22.60 ? 40  THR A OG1   1 
ATOM   282  C  CG2   . THR A 1 58  ? 9.958   8.473   -1.388  1.00 25.85 ? 40  THR A CG2   1 
ATOM   283  N  N     . ILE A 1 59  ? 11.297  11.427  -2.104  1.00 29.86 ? 41  ILE A N     1 
ATOM   284  C  CA    . ILE A 1 59  ? 11.905  11.898  -3.353  1.00 31.11 ? 41  ILE A CA    1 
ATOM   285  C  C     . ILE A 1 59  ? 12.233  10.694  -4.221  1.00 30.65 ? 41  ILE A C     1 
ATOM   286  O  O     . ILE A 1 59  ? 13.044  9.874   -3.837  1.00 31.46 ? 41  ILE A O     1 
ATOM   287  C  CB    . ILE A 1 59  ? 13.170  12.752  -3.045  1.00 31.69 ? 41  ILE A CB    1 
ATOM   288  C  CG1   . ILE A 1 59  ? 12.779  14.014  -2.227  1.00 32.66 ? 41  ILE A CG1   1 
ATOM   289  C  CG2   . ILE A 1 59  ? 14.008  13.002  -4.321  1.00 32.06 ? 41  ILE A CG2   1 
ATOM   290  C  CD1   . ILE A 1 59  ? 12.003  15.184  -3.015  1.00 33.91 ? 41  ILE A CD1   1 
ATOM   291  N  N     . GLY A 1 60  ? 11.556  10.545  -5.360  1.00 30.81 ? 42  GLY A N     1 
ATOM   292  C  CA    . GLY A 1 60  ? 11.711  9.344   -6.186  1.00 30.45 ? 42  GLY A CA    1 
ATOM   293  C  C     . GLY A 1 60  ? 11.094  8.069   -5.614  1.00 29.95 ? 42  GLY A C     1 
ATOM   294  O  O     . GLY A 1 60  ? 9.882   7.951   -5.454  1.00 32.20 ? 42  GLY A O     1 
ATOM   295  N  N     . VAL A 1 61  ? 11.911  7.072   -5.353  1.00 29.37 ? 43  VAL A N     1 
ATOM   296  C  CA    . VAL A 1 61  ? 11.421  5.827   -4.759  1.00 27.89 ? 43  VAL A CA    1 
ATOM   297  C  C     . VAL A 1 61  ? 12.403  5.318   -3.728  1.00 28.41 ? 43  VAL A C     1 
ATOM   298  O  O     . VAL A 1 61  ? 13.634  5.401   -3.906  1.00 29.64 ? 43  VAL A O     1 
ATOM   299  C  CB    . VAL A 1 61  ? 11.091  4.700   -5.811  1.00 27.80 ? 43  VAL A CB    1 
ATOM   300  C  CG1   . VAL A 1 61  ? 12.219  4.501   -6.729  1.00 29.82 ? 43  VAL A CG1   1 
ATOM   301  C  CG2   . VAL A 1 61  ? 10.795  3.391   -5.117  1.00 27.09 ? 43  VAL A CG2   1 
ATOM   302  N  N     . ASP A 1 62  ? 11.852  4.829   -2.631  1.00 26.30 ? 44  ASP A N     1 
ATOM   303  C  CA    . ASP A 1 62  ? 12.628  4.261   -1.599  1.00 26.07 ? 44  ASP A CA    1 
ATOM   304  C  C     . ASP A 1 62  ? 12.402  2.707   -1.564  1.00 22.45 ? 44  ASP A C     1 
ATOM   305  O  O     . ASP A 1 62  ? 11.425  2.184   -2.092  1.00 19.91 ? 44  ASP A O     1 
ATOM   306  C  CB    . ASP A 1 62  ? 12.464  5.052   -0.262  1.00 25.83 ? 44  ASP A CB    1 
ATOM   307  C  CG    . ASP A 1 62  ? 13.262  6.404   -0.265  1.00 30.77 ? 44  ASP A CG    1 
ATOM   308  O  OD1   . ASP A 1 62  ? 14.454  6.458   -0.730  1.00 32.45 ? 44  ASP A OD1   1 
ATOM   309  O  OD2   . ASP A 1 62  ? 12.720  7.438   0.185   1.00 34.58 ? 44  ASP A OD2   1 
ATOM   310  N  N     . PHE A 1 63  ? 13.380  1.987   -1.062  1.00 20.73 ? 45  PHE A N     1 
ATOM   311  C  CA    . PHE A 1 63  ? 13.304  0.519   -1.037  1.00 20.36 ? 45  PHE A CA    1 
ATOM   312  C  C     . PHE A 1 63  ? 13.641  -0.027  0.343   1.00 21.91 ? 45  PHE A C     1 
ATOM   313  O  O     . PHE A 1 63  ? 14.632  0.358   0.944   1.00 19.23 ? 45  PHE A O     1 
ATOM   314  C  CB    . PHE A 1 63  ? 14.291  -0.011  -2.072  1.00 20.66 ? 45  PHE A CB    1 
ATOM   315  C  CG    . PHE A 1 63  ? 14.384  -1.516  -2.146  1.00 21.36 ? 45  PHE A CG    1 
ATOM   316  C  CD1   . PHE A 1 63  ? 13.371  -2.263  -2.701  1.00 17.77 ? 45  PHE A CD1   1 
ATOM   317  C  CD2   . PHE A 1 63  ? 15.553  -2.166  -1.729  1.00 22.70 ? 45  PHE A CD2   1 
ATOM   318  C  CE1   . PHE A 1 63  ? 13.484  -3.651  -2.778  1.00 16.24 ? 45  PHE A CE1   1 
ATOM   319  C  CE2   . PHE A 1 63  ? 15.672  -3.568  -1.840  1.00 24.65 ? 45  PHE A CE2   1 
ATOM   320  C  CZ    . PHE A 1 63  ? 14.602  -4.305  -2.367  1.00 19.38 ? 45  PHE A CZ    1 
ATOM   321  N  N     . MET A 1 64  ? 12.841  -0.990  0.771   1.00 23.11 ? 46  MET A N     1 
ATOM   322  C  CA    . MET A 1 64  ? 12.943  -1.633  2.058   1.00 25.58 ? 46  MET A CA    1 
ATOM   323  C  C     . MET A 1 64  ? 12.680  -3.142  1.916   1.00 26.15 ? 46  MET A C     1 
ATOM   324  O  O     . MET A 1 64  ? 12.019  -3.607  0.977   1.00 25.99 ? 46  MET A O     1 
ATOM   325  C  CB    . MET A 1 64  ? 11.884  -1.041  3.006   1.00 25.81 ? 46  MET A CB    1 
ATOM   326  C  CG    . MET A 1 64  ? 11.937  0.493   3.228   1.00 30.21 ? 46  MET A CG    1 
ATOM   327  S  SD    . MET A 1 64  ? 11.110  1.511   1.944   1.00 34.24 ? 46  MET A SD    1 
ATOM   328  C  CE    . MET A 1 64  ? 10.845  3.079   2.827   1.00 27.00 ? 46  MET A CE    1 
ATOM   329  N  N     . ILE A 1 65  ? 13.170  -3.881  2.897   1.00 28.01 ? 47  ILE A N     1 
ATOM   330  C  CA    . ILE A 1 65  ? 13.085  -5.318  2.928   1.00 29.64 ? 47  ILE A CA    1 
ATOM   331  C  C     . ILE A 1 65  ? 12.553  -5.787  4.262   1.00 29.71 ? 47  ILE A C     1 
ATOM   332  O  O     . ILE A 1 65  ? 12.639  -5.078  5.274   1.00 29.80 ? 47  ILE A O     1 
ATOM   333  C  CB    . ILE A 1 65  ? 14.451  -5.887  2.617   1.00 30.30 ? 47  ILE A CB    1 
ATOM   334  C  CG1   . ILE A 1 65  ? 14.486  -6.269  1.154   1.00 32.72 ? 47  ILE A CG1   1 
ATOM   335  C  CG2   . ILE A 1 65  ? 14.844  -7.097  3.464   1.00 33.86 ? 47  ILE A CG2   1 
ATOM   336  C  CD1   . ILE A 1 65  ? 15.115  -5.209  0.332   1.00 38.23 ? 47  ILE A CD1   1 
ATOM   337  N  N     . LYS A 1 66  ? 11.903  -6.938  4.248   1.00 29.79 ? 48  LYS A N     1 
ATOM   338  C  CA    . LYS A 1 66  ? 11.625  -7.625  5.492   1.00 29.63 ? 48  LYS A CA    1 
ATOM   339  C  C     . LYS A 1 66  ? 11.184  -9.055  5.209   1.00 29.62 ? 48  LYS A C     1 
ATOM   340  O  O     . LYS A 1 66  ? 10.371  -9.283  4.361   1.00 29.75 ? 48  LYS A O     1 
ATOM   341  C  CB    . LYS A 1 66  ? 10.524  -6.921  6.297   1.00 29.49 ? 48  LYS A CB    1 
ATOM   342  C  CG    . LYS A 1 66  ? 10.593  -7.276  7.806   1.00 27.67 ? 48  LYS A CG    1 
ATOM   343  C  CD    . LYS A 1 66  ? 9.257   -7.087  8.398   1.00 32.37 ? 48  LYS A CD    1 
ATOM   344  C  CE    . LYS A 1 66  ? 9.244   -7.477  9.831   1.00 33.33 ? 48  LYS A CE    1 
ATOM   345  N  NZ    . LYS A 1 66  ? 7.965   -6.954  10.354  1.00 35.00 ? 48  LYS A NZ    1 
ATOM   346  N  N     . THR A 1 67  ? 11.696  -9.988  5.989   1.00 32.12 ? 49  THR A N     1 
ATOM   347  C  CA    . THR A 1 67  ? 11.320  -11.408 5.933   1.00 33.31 ? 49  THR A CA    1 
ATOM   348  C  C     . THR A 1 67  ? 10.408  -11.800 7.097   1.00 34.98 ? 49  THR A C     1 
ATOM   349  O  O     . THR A 1 67  ? 10.668  -11.550 8.266   1.00 35.62 ? 49  THR A O     1 
ATOM   350  C  CB    . THR A 1 67  ? 12.549  -12.315 5.919   1.00 33.79 ? 49  THR A CB    1 
ATOM   351  O  OG1   . THR A 1 67  ? 13.470  -11.840 4.930   1.00 34.70 ? 49  THR A OG1   1 
ATOM   352  C  CG2   . THR A 1 67  ? 12.156  -13.724 5.559   1.00 31.99 ? 49  THR A CG2   1 
ATOM   353  N  N     . VAL A 1 68  ? 9.337   -12.445 6.714   1.00 36.87 ? 50  VAL A N     1 
ATOM   354  C  CA    . VAL A 1 68  ? 8.180   -12.677 7.515   1.00 38.20 ? 50  VAL A CA    1 
ATOM   355  C  C     . VAL A 1 68  ? 7.885   -14.213 7.440   1.00 38.96 ? 50  VAL A C     1 
ATOM   356  O  O     . VAL A 1 68  ? 8.074   -14.825 6.371   1.00 38.04 ? 50  VAL A O     1 
ATOM   357  C  CB    . VAL A 1 68  ? 7.123   -11.662 6.951   1.00 37.62 ? 50  VAL A CB    1 
ATOM   358  C  CG1   . VAL A 1 68  ? 5.916   -12.240 6.321   1.00 36.00 ? 50  VAL A CG1   1 
ATOM   359  C  CG2   . VAL A 1 68  ? 6.878   -10.503 7.955   1.00 38.94 ? 50  VAL A CG2   1 
ATOM   360  N  N     . GLU A 1 69  ? 7.466   -14.829 8.563   1.00 39.53 ? 51  GLU A N     1 
ATOM   361  C  CA    . GLU A 1 69  ? 6.908   -16.221 8.576   1.00 40.12 ? 51  GLU A CA    1 
ATOM   362  C  C     . GLU A 1 69  ? 5.369   -16.351 8.367   1.00 40.31 ? 51  GLU A C     1 
ATOM   363  O  O     . GLU A 1 69  ? 4.592   -15.922 9.210   1.00 41.04 ? 51  GLU A O     1 
ATOM   364  C  CB    . GLU A 1 69  ? 7.279   -16.915 9.891   1.00 41.13 ? 51  GLU A CB    1 
ATOM   365  C  CG    . GLU A 1 69  ? 8.280   -18.069 9.794   1.00 42.67 ? 51  GLU A CG    1 
ATOM   366  C  CD    . GLU A 1 69  ? 8.111   -19.119 10.905  1.00 42.91 ? 51  GLU A CD    1 
ATOM   367  O  OE1   . GLU A 1 69  ? 9.135   -19.770 11.270  1.00 44.03 ? 51  GLU A OE1   1 
ATOM   368  O  OE2   . GLU A 1 69  ? 6.959   -19.312 11.398  1.00 47.50 ? 51  GLU A OE2   1 
ATOM   369  N  N     . ILE A 1 70  ? 4.912   -16.947 7.266   1.00 38.98 ? 52  ILE A N     1 
ATOM   370  C  CA    . ILE A 1 70  ? 3.489   -17.125 7.042   1.00 38.99 ? 52  ILE A CA    1 
ATOM   371  C  C     . ILE A 1 70  ? 3.237   -18.640 7.125   1.00 39.54 ? 52  ILE A C     1 
ATOM   372  O  O     . ILE A 1 70  ? 3.425   -19.376 6.146   1.00 38.89 ? 52  ILE A O     1 
ATOM   373  C  CB    . ILE A 1 70  ? 2.960   -16.549 5.653   1.00 39.17 ? 52  ILE A CB    1 
ATOM   374  C  CG1   . ILE A 1 70  ? 3.048   -15.024 5.561   1.00 40.18 ? 52  ILE A CG1   1 
ATOM   375  C  CG2   . ILE A 1 70  ? 1.490   -16.891 5.427   1.00 39.27 ? 52  ILE A CG2   1 
ATOM   376  C  CD1   . ILE A 1 70  ? 4.397   -14.462 5.823   1.00 37.35 ? 52  ILE A CD1   1 
ATOM   377  N  N     . ASN A 1 71  ? 2.828   -19.083 8.315   1.00 39.68 ? 53  ASN A N     1 
ATOM   378  C  CA    . ASN A 1 71  ? 2.479   -20.483 8.569   1.00 39.51 ? 53  ASN A CA    1 
ATOM   379  C  C     . ASN A 1 71  ? 3.650   -21.398 8.283   1.00 38.23 ? 53  ASN A C     1 
ATOM   380  O  O     . ASN A 1 71  ? 3.542   -22.407 7.586   1.00 36.96 ? 53  ASN A O     1 
ATOM   381  C  CB    . ASN A 1 71  ? 1.211   -20.859 7.801   1.00 39.75 ? 53  ASN A CB    1 
ATOM   382  C  CG    . ASN A 1 71  ? 0.016   -20.029 8.246   1.00 42.33 ? 53  ASN A CG    1 
ATOM   383  O  OD1   . ASN A 1 71  ? -0.252  -19.892 9.448   1.00 47.08 ? 53  ASN A OD1   1 
ATOM   384  N  ND2   . ASN A 1 71  ? -0.696  -19.453 7.291   1.00 45.17 ? 53  ASN A ND2   1 
ATOM   385  N  N     . GLY A 1 72  ? 4.787   -20.987 8.812   1.00 37.53 ? 54  GLY A N     1 
ATOM   386  C  CA    . GLY A 1 72  ? 6.024   -21.703 8.594   1.00 38.89 ? 54  GLY A CA    1 
ATOM   387  C  C     . GLY A 1 72  ? 6.783   -21.423 7.321   1.00 39.10 ? 54  GLY A C     1 
ATOM   388  O  O     . GLY A 1 72  ? 7.915   -21.869 7.200   1.00 40.35 ? 54  GLY A O     1 
ATOM   389  N  N     . GLU A 1 73  ? 6.177   -20.721 6.362   1.00 39.92 ? 55  GLU A N     1 
ATOM   390  C  CA    . GLU A 1 73  ? 6.887   -20.311 5.123   1.00 40.15 ? 55  GLU A CA    1 
ATOM   391  C  C     . GLU A 1 73  ? 7.624   -19.014 5.362   1.00 39.87 ? 55  GLU A C     1 
ATOM   392  O  O     . GLU A 1 73  ? 7.047   -18.081 5.898   1.00 38.86 ? 55  GLU A O     1 
ATOM   393  C  CB    . GLU A 1 73  ? 5.925   -20.091 3.948   1.00 40.39 ? 55  GLU A CB    1 
ATOM   394  C  CG    . GLU A 1 73  ? 5.015   -21.244 3.631   1.00 42.12 ? 55  GLU A CG    1 
ATOM   395  C  CD    . GLU A 1 73  ? 5.745   -22.399 2.999   1.00 46.14 ? 55  GLU A CD    1 
ATOM   396  O  OE1   . GLU A 1 73  ? 6.409   -22.215 1.956   1.00 50.12 ? 55  GLU A OE1   1 
ATOM   397  O  OE2   . GLU A 1 73  ? 5.641   -23.502 3.532   1.00 45.46 ? 55  GLU A OE2   1 
ATOM   398  N  N     . LYS A 1 74  ? 8.899   -18.969 4.974   1.00 39.80 ? 56  LYS A N     1 
ATOM   399  C  CA    . LYS A 1 74  ? 9.715   -17.739 5.033   1.00 39.69 ? 56  LYS A CA    1 
ATOM   400  C  C     . LYS A 1 74  ? 9.528   -16.945 3.732   1.00 39.00 ? 56  LYS A C     1 
ATOM   401  O  O     . LYS A 1 74  ? 9.900   -17.408 2.643   1.00 38.66 ? 56  LYS A O     1 
ATOM   402  C  CB    . LYS A 1 74  ? 11.210  -18.066 5.233   1.00 40.87 ? 56  LYS A CB    1 
ATOM   403  C  CG    . LYS A 1 74  ? 11.547  -18.996 6.441   1.00 42.32 ? 56  LYS A CG    1 
ATOM   404  C  CD    . LYS A 1 74  ? 11.971  -18.179 7.645   1.00 47.76 ? 56  LYS A CD    1 
ATOM   405  C  CE    . LYS A 1 74  ? 12.046  -19.011 8.914   1.00 49.72 ? 56  LYS A CE    1 
ATOM   406  N  NZ    . LYS A 1 74  ? 13.268  -19.889 9.005   1.00 50.82 ? 56  LYS A NZ    1 
ATOM   407  N  N     . VAL A 1 75  ? 8.901   -15.776 3.854   1.00 36.23 ? 57  VAL A N     1 
ATOM   408  C  CA    . VAL A 1 75  ? 8.567   -14.929 2.714   1.00 34.44 ? 57  VAL A CA    1 
ATOM   409  C  C     . VAL A 1 75  ? 9.417   -13.655 2.848   1.00 32.71 ? 57  VAL A C     1 
ATOM   410  O  O     . VAL A 1 75  ? 9.428   -13.016 3.880   1.00 32.30 ? 57  VAL A O     1 
ATOM   411  C  CB    . VAL A 1 75  ? 7.051   -14.640 2.692   1.00 35.04 ? 57  VAL A CB    1 
ATOM   412  C  CG1   . VAL A 1 75  ? 6.659   -13.600 1.621   1.00 33.55 ? 57  VAL A CG1   1 
ATOM   413  C  CG2   . VAL A 1 75  ? 6.242   -15.995 2.517   1.00 35.64 ? 57  VAL A CG2   1 
ATOM   414  N  N     . LYS A 1 76  ? 10.204  -13.368 1.834   1.00 30.38 ? 58  LYS A N     1 
ATOM   415  C  CA    . LYS A 1 76  ? 10.943  -12.154 1.787   1.00 28.68 ? 58  LYS A CA    1 
ATOM   416  C  C     . LYS A 1 76  ? 10.114  -11.200 0.980   1.00 27.73 ? 58  LYS A C     1 
ATOM   417  O  O     . LYS A 1 76  ? 9.748   -11.500 -0.160  1.00 25.57 ? 58  LYS A O     1 
ATOM   418  C  CB    . LYS A 1 76  ? 12.281  -12.362 1.100   1.00 29.32 ? 58  LYS A CB    1 
ATOM   419  C  CG    . LYS A 1 76  ? 13.153  -11.152 1.126   1.00 27.47 ? 58  LYS A CG    1 
ATOM   420  C  CD    . LYS A 1 76  ? 14.515  -11.370 0.487   1.00 29.26 ? 58  LYS A CD    1 
ATOM   421  C  CE    . LYS A 1 76  ? 15.256  -10.024 0.478   1.00 31.72 ? 58  LYS A CE    1 
ATOM   422  N  NZ    . LYS A 1 76  ? 16.195  -9.841  -0.640  1.00 34.78 ? 58  LYS A NZ    1 
ATOM   423  N  N     . LEU A 1 77  ? 9.836   -10.043 1.592   1.00 26.75 ? 59  LEU A N     1 
ATOM   424  C  CA    . LEU A 1 77  ? 9.247   -8.915  0.896   1.00 24.61 ? 59  LEU A CA    1 
ATOM   425  C  C     . LEU A 1 77  ? 10.277  -7.875  0.473   1.00 23.80 ? 59  LEU A C     1 
ATOM   426  O  O     . LEU A 1 77  ? 11.066  -7.330  1.303   1.00 21.89 ? 59  LEU A O     1 
ATOM   427  C  CB    . LEU A 1 77  ? 8.164   -8.250  1.776   1.00 25.00 ? 59  LEU A CB    1 
ATOM   428  C  CG    . LEU A 1 77  ? 7.159   -9.312  2.268   1.00 23.44 ? 59  LEU A CG    1 
ATOM   429  C  CD1   . LEU A 1 77  ? 6.353   -8.776  3.440   1.00 25.17 ? 59  LEU A CD1   1 
ATOM   430  C  CD2   . LEU A 1 77  ? 6.266   -9.826  1.100   1.00 22.01 ? 59  LEU A CD2   1 
ATOM   431  N  N     . GLN A 1 78  ? 10.223  -7.589  -0.826  1.00 22.26 ? 60  GLN A N     1 
ATOM   432  C  CA    . GLN A 1 78  ? 10.912  -6.456  -1.421  1.00 22.97 ? 60  GLN A CA    1 
ATOM   433  C  C     . GLN A 1 78  ? 9.918   -5.311  -1.639  1.00 21.94 ? 60  GLN A C     1 
ATOM   434  O  O     . GLN A 1 78  ? 9.005   -5.478  -2.415  1.00 22.37 ? 60  GLN A O     1 
ATOM   435  C  CB    . GLN A 1 78  ? 11.533  -6.901  -2.754  1.00 23.53 ? 60  GLN A CB    1 
ATOM   436  C  CG    . GLN A 1 78  ? 12.728  -7.804  -2.543  1.00 24.38 ? 60  GLN A CG    1 
ATOM   437  C  CD    . GLN A 1 78  ? 13.411  -8.112  -3.872  1.00 30.27 ? 60  GLN A CD    1 
ATOM   438  O  OE1   . GLN A 1 78  ? 12.777  -8.087  -4.927  1.00 27.42 ? 60  GLN A OE1   1 
ATOM   439  N  NE2   . GLN A 1 78  ? 14.716  -8.359  -3.825  1.00 33.52 ? 60  GLN A NE2   1 
ATOM   440  N  N     . ILE A 1 79  ? 10.063  -4.184  -0.927  1.00 20.67 ? 61  ILE A N     1 
ATOM   441  C  CA    . ILE A 1 79  ? 9.019   -3.152  -0.928  1.00 18.50 ? 61  ILE A CA    1 
ATOM   442  C  C     . ILE A 1 79  ? 9.516   -1.832  -1.472  1.00 19.36 ? 61  ILE A C     1 
ATOM   443  O  O     . ILE A 1 79  ? 10.517  -1.279  -1.013  1.00 18.89 ? 61  ILE A O     1 
ATOM   444  C  CB    . ILE A 1 79  ? 8.450   -2.913  0.484   1.00 19.58 ? 61  ILE A CB    1 
ATOM   445  C  CG1   . ILE A 1 79  ? 7.858   -4.227  1.074   1.00 18.96 ? 61  ILE A CG1   1 
ATOM   446  C  CG2   . ILE A 1 79  ? 7.446   -1.743  0.496   1.00 18.49 ? 61  ILE A CG2   1 
ATOM   447  C  CD1   . ILE A 1 79  ? 7.891   -4.242  2.594   1.00 19.89 ? 61  ILE A CD1   1 
ATOM   448  N  N     . TRP A 1 80  ? 8.794   -1.319  -2.464  1.00 19.58 ? 62  TRP A N     1 
ATOM   449  C  CA    . TRP A 1 80  ? 9.136   -0.035  -3.023  1.00 19.83 ? 62  TRP A CA    1 
ATOM   450  C  C     . TRP A 1 80  ? 8.135   0.987   -2.525  1.00 20.86 ? 62  TRP A C     1 
ATOM   451  O  O     . TRP A 1 80  ? 6.908   0.769   -2.547  1.00 19.73 ? 62  TRP A O     1 
ATOM   452  C  CB    . TRP A 1 80  ? 9.256   -0.055  -4.549  1.00 19.13 ? 62  TRP A CB    1 
ATOM   453  C  CG    . TRP A 1 80  ? 10.526  -0.758  -5.059  1.00 20.11 ? 62  TRP A CG    1 
ATOM   454  C  CD1   . TRP A 1 80  ? 11.716  -0.154  -5.440  1.00 20.85 ? 62  TRP A CD1   1 
ATOM   455  C  CD2   . TRP A 1 80  ? 10.731  -2.182  -5.240  1.00 20.93 ? 62  TRP A CD2   1 
ATOM   456  N  NE1   . TRP A 1 80  ? 12.611  -1.103  -5.841  1.00 19.20 ? 62  TRP A NE1   1 
ATOM   457  C  CE2   . TRP A 1 80  ? 12.054  -2.354  -5.717  1.00 21.45 ? 62  TRP A CE2   1 
ATOM   458  C  CE3   . TRP A 1 80  ? 9.939   -3.326  -5.001  1.00 20.13 ? 62  TRP A CE3   1 
ATOM   459  C  CZ2   . TRP A 1 80  ? 12.604  -3.621  -5.982  1.00 17.98 ? 62  TRP A CZ2   1 
ATOM   460  C  CZ3   . TRP A 1 80  ? 10.469  -4.588  -5.284  1.00 21.29 ? 62  TRP A CZ3   1 
ATOM   461  C  CH2   . TRP A 1 80  ? 11.804  -4.728  -5.760  1.00 22.12 ? 62  TRP A CH2   1 
ATOM   462  N  N     . ASP A 1 81  ? 8.681   2.104   -2.043  1.00 20.50 ? 63  ASP A N     1 
ATOM   463  C  CA    . ASP A 1 81  ? 7.862   3.135   -1.462  1.00 20.59 ? 63  ASP A CA    1 
ATOM   464  C  C     . ASP A 1 81  ? 8.015   4.332   -2.360  1.00 20.04 ? 63  ASP A C     1 
ATOM   465  O  O     . ASP A 1 81  ? 9.077   4.961   -2.388  1.00 18.50 ? 63  ASP A O     1 
ATOM   466  C  CB    . ASP A 1 81  ? 8.407   3.421   -0.070  1.00 22.22 ? 63  ASP A CB    1 
ATOM   467  C  CG    . ASP A 1 81  ? 7.752   4.597   0.574   1.00 23.19 ? 63  ASP A CG    1 
ATOM   468  O  OD1   . ASP A 1 81  ? 6.548   4.827   0.263   1.00 22.01 ? 63  ASP A OD1   1 
ATOM   469  O  OD2   . ASP A 1 81  ? 8.448   5.257   1.397   1.00 26.15 ? 63  ASP A OD2   1 
ATOM   470  N  N     . THR A 1 82  ? 6.982   4.591   -3.156  1.00 21.80 ? 64  THR A N     1 
ATOM   471  C  CA    . THR A 1 82  ? 7.036   5.637   -4.188  1.00 23.05 ? 64  THR A CA    1 
ATOM   472  C  C     . THR A 1 82  ? 6.629   7.034   -3.760  1.00 24.21 ? 64  THR A C     1 
ATOM   473  O  O     . THR A 1 82  ? 5.789   7.188   -2.903  1.00 25.39 ? 64  THR A O     1 
ATOM   474  C  CB    . THR A 1 82  ? 6.154   5.258   -5.382  1.00 23.35 ? 64  THR A CB    1 
ATOM   475  O  OG1   . THR A 1 82  ? 4.763   5.328   -5.005  1.00 20.61 ? 64  THR A OG1   1 
ATOM   476  C  CG2   . THR A 1 82  ? 6.514   3.821   -5.899  1.00 24.61 ? 64  THR A CG2   1 
ATOM   477  N  N     . ALA A 1 83  ? 7.191   8.047   -4.408  1.00 26.46 ? 65  ALA A N     1 
ATOM   478  C  CA    . ALA A 1 83  ? 6.770   9.431   -4.202  1.00 29.00 ? 65  ALA A CA    1 
ATOM   479  C  C     . ALA A 1 83  ? 5.312   9.597   -4.622  1.00 30.09 ? 65  ALA A C     1 
ATOM   480  O  O     . ALA A 1 83  ? 4.907   9.074   -5.688  1.00 32.08 ? 65  ALA A O     1 
ATOM   481  C  CB    . ALA A 1 83  ? 7.655   10.389  -4.983  1.00 27.78 ? 65  ALA A CB    1 
ATOM   482  N  N     . GLY A 1 84  ? 4.531   10.265  -3.764  1.00 32.17 ? 66  GLY A N     1 
ATOM   483  C  CA    . GLY A 1 84  ? 3.255   10.836  -4.163  1.00 34.74 ? 66  GLY A CA    1 
ATOM   484  C  C     . GLY A 1 84  ? 3.349   12.037  -5.123  1.00 37.24 ? 66  GLY A C     1 
ATOM   485  O  O     . GLY A 1 84  ? 2.570   12.131  -6.102  1.00 37.37 ? 66  GLY A O     1 
ATOM   486  N  N     . GLN A 1 85  ? 4.283   12.956  -4.868  1.00 38.52 ? 67  GLN A N     1 
ATOM   487  C  CA    . GLN A 1 85  ? 4.321   14.220  -5.625  1.00 41.19 ? 67  GLN A CA    1 
ATOM   488  C  C     . GLN A 1 85  ? 4.211   14.011  -7.162  1.00 41.18 ? 67  GLN A C     1 
ATOM   489  O  O     . GLN A 1 85  ? 4.998   13.253  -7.732  1.00 40.74 ? 67  GLN A O     1 
ATOM   490  C  CB    . GLN A 1 85  ? 5.579   15.009  -5.254  1.00 40.97 ? 67  GLN A CB    1 
ATOM   491  C  CG    . GLN A 1 85  ? 5.450   15.800  -3.929  1.00 43.10 ? 67  GLN A CG    1 
ATOM   492  C  CD    . GLN A 1 85  ? 6.791   16.074  -3.207  1.00 43.83 ? 67  GLN A CD    1 
ATOM   493  O  OE1   . GLN A 1 85  ? 7.808   15.408  -3.453  1.00 48.26 ? 67  GLN A OE1   1 
ATOM   494  N  NE2   . GLN A 1 85  ? 6.776   17.047  -2.283  1.00 45.02 ? 67  GLN A NE2   1 
ATOM   495  N  N     . GLU A 1 86  ? 3.235   14.671  -7.810  1.00 42.25 ? 68  GLU A N     1 
ATOM   496  C  CA    . GLU A 1 86  ? 2.975   14.555  -9.273  1.00 42.65 ? 68  GLU A CA    1 
ATOM   497  C  C     . GLU A 1 86  ? 4.247   14.568  -10.107 1.00 43.03 ? 68  GLU A C     1 
ATOM   498  O  O     . GLU A 1 86  ? 4.335   13.852  -11.103 1.00 42.67 ? 68  GLU A O     1 
ATOM   499  C  CB    . GLU A 1 86  ? 2.035   15.677  -9.801  1.00 43.69 ? 68  GLU A CB    1 
ATOM   500  C  CG    . GLU A 1 86  ? 2.040   15.917  -11.372 1.00 45.11 ? 68  GLU A CG    1 
ATOM   501  C  CD    . GLU A 1 86  ? 2.805   17.200  -11.884 1.00 51.21 ? 68  GLU A CD    1 
ATOM   502  O  OE1   . GLU A 1 86  ? 2.142   18.225  -12.175 1.00 53.74 ? 68  GLU A OE1   1 
ATOM   503  O  OE2   . GLU A 1 86  ? 4.059   17.200  -12.023 1.00 53.12 ? 68  GLU A OE2   1 
ATOM   504  N  N     . ARG A 1 87  ? 5.226   15.375  -9.693  1.00 43.37 ? 69  ARG A N     1 
ATOM   505  C  CA    . ARG A 1 87  ? 6.455   15.553  -10.484 1.00 43.79 ? 69  ARG A CA    1 
ATOM   506  C  C     . ARG A 1 87  ? 7.321   14.296  -10.580 1.00 42.81 ? 69  ARG A C     1 
ATOM   507  O  O     . ARG A 1 87  ? 8.159   14.206  -11.482 1.00 42.28 ? 69  ARG A O     1 
ATOM   508  C  CB    . ARG A 1 87  ? 7.261   16.758  -9.990  1.00 44.37 ? 69  ARG A CB    1 
ATOM   509  C  CG    . ARG A 1 87  ? 8.276   16.473  -8.906  1.00 45.92 ? 69  ARG A CG    1 
ATOM   510  C  CD    . ARG A 1 87  ? 8.641   17.738  -8.204  1.00 51.93 ? 69  ARG A CD    1 
ATOM   511  N  NE    . ARG A 1 87  ? 9.916   17.627  -7.507  1.00 57.59 ? 69  ARG A NE    1 
ATOM   512  C  CZ    . ARG A 1 87  ? 10.059  17.676  -6.189  1.00 59.75 ? 69  ARG A CZ    1 
ATOM   513  N  NH1   . ARG A 1 87  ? 8.988   17.825  -5.406  1.00 61.94 ? 69  ARG A NH1   1 
ATOM   514  N  NH2   . ARG A 1 87  ? 11.274  17.579  -5.660  1.00 59.78 ? 69  ARG A NH2   1 
ATOM   515  N  N     . PHE A 1 88  ? 7.111   13.328  -9.678  1.00 41.34 ? 70  PHE A N     1 
ATOM   516  C  CA    . PHE A 1 88  ? 7.846   12.041  -9.764  1.00 40.31 ? 70  PHE A CA    1 
ATOM   517  C  C     . PHE A 1 88  ? 7.078   10.934  -10.443 1.00 39.95 ? 70  PHE A C     1 
ATOM   518  O  O     . PHE A 1 88  ? 7.537   9.757   -10.490 1.00 39.16 ? 70  PHE A O     1 
ATOM   519  C  CB    . PHE A 1 88  ? 8.311   11.558  -8.379  1.00 40.04 ? 70  PHE A CB    1 
ATOM   520  C  CG    . PHE A 1 88  ? 9.355   12.444  -7.751  1.00 39.64 ? 70  PHE A CG    1 
ATOM   521  C  CD1   . PHE A 1 88  ? 8.985   13.394  -6.783  1.00 42.56 ? 70  PHE A CD1   1 
ATOM   522  C  CD2   . PHE A 1 88  ? 10.705  12.339  -8.122  1.00 39.18 ? 70  PHE A CD2   1 
ATOM   523  C  CE1   . PHE A 1 88  ? 9.938   14.235  -6.203  1.00 38.29 ? 70  PHE A CE1   1 
ATOM   524  C  CE2   . PHE A 1 88  ? 11.665  13.167  -7.541  1.00 40.46 ? 70  PHE A CE2   1 
ATOM   525  C  CZ    . PHE A 1 88  ? 11.265  14.131  -6.577  1.00 39.42 ? 70  PHE A CZ    1 
ATOM   526  N  N     . ARG A 1 89  ? 5.915   11.308  -10.980 1.00 39.16 ? 71  ARG A N     1 
ATOM   527  C  CA    . ARG A 1 89  ? 4.912   10.317  -11.304 1.00 39.05 ? 71  ARG A CA    1 
ATOM   528  C  C     . ARG A 1 89  ? 5.297   9.414   -12.439 1.00 38.30 ? 71  ARG A C     1 
ATOM   529  O  O     . ARG A 1 89  ? 5.012   8.234   -12.389 1.00 38.36 ? 71  ARG A O     1 
ATOM   530  C  CB    . ARG A 1 89  ? 3.517   10.906  -11.540 1.00 39.27 ? 71  ARG A CB    1 
ATOM   531  C  CG    . ARG A 1 89  ? 2.457   9.803   -11.528 1.00 41.54 ? 71  ARG A CG    1 
ATOM   532  C  CD    . ARG A 1 89  ? 1.879   9.559   -10.125 1.00 43.54 ? 71  ARG A CD    1 
ATOM   533  N  NE    . ARG A 1 89  ? 0.521   10.101  -10.132 1.00 46.48 ? 71  ARG A NE    1 
ATOM   534  C  CZ    . ARG A 1 89  ? 0.029   11.026  -9.306  1.00 46.28 ? 71  ARG A CZ    1 
ATOM   535  N  NH1   . ARG A 1 89  ? 0.727   11.532  -8.255  1.00 38.51 ? 71  ARG A NH1   1 
ATOM   536  N  NH2   . ARG A 1 89  ? -1.224  11.404  -9.538  1.00 45.75 ? 71  ARG A NH2   1 
ATOM   537  N  N     . SER A 1 90  ? 5.938   9.966   -13.460 1.00 38.15 ? 72  SER A N     1 
ATOM   538  C  CA    . SER A 1 90  ? 6.447   9.156   -14.576 1.00 38.17 ? 72  SER A CA    1 
ATOM   539  C  C     . SER A 1 90  ? 7.492   8.128   -14.132 1.00 36.84 ? 72  SER A C     1 
ATOM   540  O  O     . SER A 1 90  ? 7.602   7.032   -14.712 1.00 37.15 ? 72  SER A O     1 
ATOM   541  C  CB    . SER A 1 90  ? 7.008   10.060  -15.709 1.00 38.69 ? 72  SER A CB    1 
ATOM   542  O  OG    . SER A 1 90  ? 8.155   10.797  -15.285 1.00 42.01 ? 72  SER A OG    1 
ATOM   543  N  N     . ILE A 1 91  ? 8.264   8.484   -13.101 1.00 35.37 ? 73  ILE A N     1 
ATOM   544  C  CA    . ILE A 1 91  ? 9.299   7.598   -12.610 1.00 32.80 ? 73  ILE A CA    1 
ATOM   545  C  C     . ILE A 1 91  ? 8.716   6.532   -11.701 1.00 31.69 ? 73  ILE A C     1 
ATOM   546  O  O     . ILE A 1 91  ? 9.158   5.400   -11.734 1.00 31.53 ? 73  ILE A O     1 
ATOM   547  C  CB    . ILE A 1 91  ? 10.474  8.369   -11.881 1.00 33.53 ? 73  ILE A CB    1 
ATOM   548  C  CG1   . ILE A 1 91  ? 11.016  9.521   -12.747 1.00 33.53 ? 73  ILE A CG1   1 
ATOM   549  C  CG2   . ILE A 1 91  ? 11.588  7.379   -11.476 1.00 32.67 ? 73  ILE A CG2   1 
ATOM   550  C  CD1   . ILE A 1 91  ? 10.345  10.959  -12.488 1.00 37.75 ? 73  ILE A CD1   1 
ATOM   551  N  N     . THR A 1 92  ? 7.727   6.879   -10.871 1.00 30.42 ? 74  THR A N     1 
ATOM   552  C  CA    . THR A 1 92  ? 7.175   5.858   -9.969  1.00 29.24 ? 74  THR A CA    1 
ATOM   553  C  C     . THR A 1 92  ? 6.463   4.779   -10.804 1.00 29.25 ? 74  THR A C     1 
ATOM   554  O  O     . THR A 1 92  ? 6.481   3.573   -10.465 1.00 28.90 ? 74  THR A O     1 
ATOM   555  C  CB    . THR A 1 92  ? 6.214   6.471   -8.890  1.00 29.37 ? 74  THR A CB    1 
ATOM   556  O  OG1   . THR A 1 92  ? 5.070   6.974   -9.543  1.00 33.87 ? 74  THR A OG1   1 
ATOM   557  C  CG2   . THR A 1 92  ? 6.884   7.610   -8.140  1.00 25.26 ? 74  THR A CG2   1 
ATOM   558  N  N     . GLN A 1 93  ? 5.894   5.196   -11.933 1.00 28.47 ? 75  GLN A N     1 
ATOM   559  C  CA    . GLN A 1 93  ? 5.149   4.295   -12.811 1.00 29.54 ? 75  GLN A CA    1 
ATOM   560  C  C     . GLN A 1 93  ? 5.960   3.195   -13.462 1.00 28.66 ? 75  GLN A C     1 
ATOM   561  O  O     . GLN A 1 93  ? 5.391   2.199   -13.927 1.00 30.06 ? 75  GLN A O     1 
ATOM   562  C  CB    . GLN A 1 93  ? 4.397   5.079   -13.901 1.00 30.38 ? 75  GLN A CB    1 
ATOM   563  C  CG    . GLN A 1 93  ? 3.115   5.747   -13.384 1.00 32.21 ? 75  GLN A CG    1 
ATOM   564  C  CD    . GLN A 1 93  ? 2.543   6.716   -14.382 1.00 33.98 ? 75  GLN A CD    1 
ATOM   565  O  OE1   . GLN A 1 93  ? 3.267   7.253   -15.230 1.00 41.01 ? 75  GLN A OE1   1 
ATOM   566  N  NE2   . GLN A 1 93  ? 1.244   6.932   -14.321 1.00 34.14 ? 75  GLN A NE2   1 
ATOM   567  N  N     . SER A 1 94  ? 7.275   3.384   -13.478 1.00 28.88 ? 76  SER A N     1 
ATOM   568  C  CA    . SER A 1 94  ? 8.218   2.495   -14.151 1.00 28.57 ? 76  SER A CA    1 
ATOM   569  C  C     . SER A 1 94  ? 8.495   1.302   -13.256 1.00 29.03 ? 76  SER A C     1 
ATOM   570  O  O     . SER A 1 94  ? 9.080   0.289   -13.695 1.00 27.13 ? 76  SER A O     1 
ATOM   571  C  CB    . SER A 1 94  ? 9.489   3.271   -14.504 1.00 28.19 ? 76  SER A CB    1 
ATOM   572  O  OG    . SER A 1 94  ? 10.423  3.358   -13.439 1.00 27.70 ? 76  SER A OG    1 
ATOM   573  N  N     . TYR A 1 95  ? 8.025   1.436   -11.997 1.00 28.72 ? 77  TYR A N     1 
ATOM   574  C  CA    . TYR A 1 95  ? 8.172   0.391   -10.967 1.00 28.67 ? 77  TYR A CA    1 
ATOM   575  C  C     . TYR A 1 95  ? 7.004   -0.589  -10.902 1.00 29.46 ? 77  TYR A C     1 
ATOM   576  O  O     . TYR A 1 95  ? 7.118   -1.602  -10.255 1.00 31.07 ? 77  TYR A O     1 
ATOM   577  C  CB    . TYR A 1 95  ? 8.511   0.967   -9.548  1.00 27.73 ? 77  TYR A CB    1 
ATOM   578  C  CG    . TYR A 1 95  ? 9.908   1.574   -9.459  1.00 25.79 ? 77  TYR A CG    1 
ATOM   579  C  CD1   . TYR A 1 95  ? 10.151  2.869   -9.915  1.00 28.61 ? 77  TYR A CD1   1 
ATOM   580  C  CD2   . TYR A 1 95  ? 10.973  0.837   -8.967  1.00 25.08 ? 77  TYR A CD2   1 
ATOM   581  C  CE1   . TYR A 1 95  ? 11.429  3.433   -9.880  1.00 28.81 ? 77  TYR A CE1   1 
ATOM   582  C  CE2   . TYR A 1 95  ? 12.252  1.377   -8.903  1.00 25.50 ? 77  TYR A CE2   1 
ATOM   583  C  CZ    . TYR A 1 95  ? 12.484  2.656   -9.371  1.00 27.92 ? 77  TYR A CZ    1 
ATOM   584  O  OH    . TYR A 1 95  ? 13.736  3.185   -9.351  1.00 24.66 ? 77  TYR A OH    1 
ATOM   585  N  N     . TYR A 1 96  ? 5.896   -0.301  -11.588 1.00 29.98 ? 78  TYR A N     1 
ATOM   586  C  CA    . TYR A 1 96  ? 4.660   -1.074  -11.484 1.00 30.33 ? 78  TYR A CA    1 
ATOM   587  C  C     . TYR A 1 96  ? 4.692   -2.448  -12.088 1.00 31.69 ? 78  TYR A C     1 
ATOM   588  O  O     . TYR A 1 96  ? 4.059   -3.384  -11.567 1.00 30.80 ? 78  TYR A O     1 
ATOM   589  C  CB    . TYR A 1 96  ? 3.512   -0.333  -12.197 1.00 30.78 ? 78  TYR A CB    1 
ATOM   590  C  CG    . TYR A 1 96  ? 2.984   0.915   -11.569 1.00 30.97 ? 78  TYR A CG    1 
ATOM   591  C  CD1   . TYR A 1 96  ? 3.744   1.650   -10.630 1.00 32.20 ? 78  TYR A CD1   1 
ATOM   592  C  CD2   . TYR A 1 96  ? 1.739   1.420   -11.952 1.00 29.27 ? 78  TYR A CD2   1 
ATOM   593  C  CE1   . TYR A 1 96  ? 3.266   2.835   -10.100 1.00 31.59 ? 78  TYR A CE1   1 
ATOM   594  C  CE2   . TYR A 1 96  ? 1.233   2.569   -11.384 1.00 27.70 ? 78  TYR A CE2   1 
ATOM   595  C  CZ    . TYR A 1 96  ? 1.983   3.283   -10.477 1.00 31.59 ? 78  TYR A CZ    1 
ATOM   596  O  OH    . TYR A 1 96  ? 1.511   4.473   -9.965  1.00 29.20 ? 78  TYR A OH    1 
ATOM   597  N  N     . ARG A 1 97  ? 5.390   -2.555  -13.234 1.00 33.30 ? 79  ARG A N     1 
ATOM   598  C  CA    . ARG A 1 97  ? 5.350   -3.764  -14.082 1.00 34.91 ? 79  ARG A CA    1 
ATOM   599  C  C     . ARG A 1 97  ? 5.978   -4.947  -13.369 1.00 34.79 ? 79  ARG A C     1 
ATOM   600  O  O     . ARG A 1 97  ? 5.504   -6.072  -13.477 1.00 35.57 ? 79  ARG A O     1 
ATOM   601  C  CB    . ARG A 1 97  ? 6.064   -3.545  -15.432 1.00 35.88 ? 79  ARG A CB    1 
ATOM   602  C  CG    . ARG A 1 97  ? 6.137   -2.057  -15.965 1.00 40.81 ? 79  ARG A CG    1 
ATOM   603  C  CD    . ARG A 1 97  ? 7.422   -1.294  -15.536 1.00 47.20 ? 79  ARG A CD    1 
ATOM   604  N  NE    . ARG A 1 97  ? 8.513   -1.245  -16.541 1.00 52.08 ? 79  ARG A NE    1 
ATOM   605  C  CZ    . ARG A 1 97  ? 9.578   -2.064  -16.602 1.00 53.73 ? 79  ARG A CZ    1 
ATOM   606  N  NH1   . ARG A 1 97  ? 9.761   -3.063  -15.731 1.00 53.35 ? 79  ARG A NH1   1 
ATOM   607  N  NH2   . ARG A 1 97  ? 10.488  -1.882  -17.550 1.00 55.69 ? 79  ARG A NH2   1 
ATOM   608  N  N     . SER A 1 98  ? 7.038   -4.686  -12.613 1.00 35.30 ? 80  SER A N     1 
ATOM   609  C  CA    . SER A 1 98  ? 7.753   -5.738  -11.892 1.00 34.83 ? 80  SER A CA    1 
ATOM   610  C  C     . SER A 1 98  ? 7.152   -6.111  -10.521 1.00 33.33 ? 80  SER A C     1 
ATOM   611  O  O     . SER A 1 98  ? 7.589   -7.098  -9.887  1.00 34.87 ? 80  SER A O     1 
ATOM   612  C  CB    . SER A 1 98  ? 9.186   -5.292  -11.689 1.00 35.07 ? 80  SER A CB    1 
ATOM   613  O  OG    . SER A 1 98  ? 9.181   -4.389  -10.599 1.00 41.10 ? 80  SER A OG    1 
ATOM   614  N  N     . ALA A 1 99  ? 6.125   -5.390  -10.069 1.00 30.77 ? 81  ALA A N     1 
ATOM   615  C  CA    . ALA A 1 99  ? 5.426   -5.757  -8.828  1.00 28.15 ? 81  ALA A CA    1 
ATOM   616  C  C     . ALA A 1 99  ? 4.500   -6.980  -8.884  1.00 26.20 ? 81  ALA A C     1 
ATOM   617  O  O     . ALA A 1 99  ? 3.788   -7.193  -9.863  1.00 24.60 ? 81  ALA A O     1 
ATOM   618  C  CB    . ALA A 1 99  ? 4.658   -4.549  -8.275  1.00 29.89 ? 81  ALA A CB    1 
ATOM   619  N  N     . ASN A 1 100 ? 4.507   -7.762  -7.794  1.00 24.58 ? 82  ASN A N     1 
ATOM   620  C  CA    . ASN A 1 100 ? 3.532   -8.828  -7.554  1.00 22.95 ? 82  ASN A CA    1 
ATOM   621  C  C     . ASN A 1 100 ? 2.222   -8.284  -7.005  1.00 23.46 ? 82  ASN A C     1 
ATOM   622  O  O     . ASN A 1 100 ? 1.152   -8.749  -7.415  1.00 22.15 ? 82  ASN A O     1 
ATOM   623  C  CB    . ASN A 1 100 ? 4.093   -9.905  -6.599  1.00 23.49 ? 82  ASN A CB    1 
ATOM   624  C  CG    . ASN A 1 100 ? 5.272   -10.662 -7.207  1.00 23.59 ? 82  ASN A CG    1 
ATOM   625  O  OD1   . ASN A 1 100 ? 5.102   -11.374 -8.188  1.00 29.77 ? 82  ASN A OD1   1 
ATOM   626  N  ND2   . ASN A 1 100 ? 6.442   -10.484 -6.669  1.00 16.63 ? 82  ASN A ND2   1 
ATOM   627  N  N     . ALA A 1 101 ? 2.322   -7.317  -6.065  1.00 21.09 ? 83  ALA A N     1 
ATOM   628  C  CA    . ALA A 1 101 ? 1.169   -6.575  -5.565  1.00 19.98 ? 83  ALA A CA    1 
ATOM   629  C  C     . ALA A 1 101 ? 1.383   -5.045  -5.436  1.00 18.83 ? 83  ALA A C     1 
ATOM   630  O  O     . ALA A 1 101 ? 2.505   -4.559  -5.272  1.00 15.62 ? 83  ALA A O     1 
ATOM   631  C  CB    . ALA A 1 101 ? 0.755   -7.121  -4.281  1.00 17.82 ? 83  ALA A CB    1 
ATOM   632  N  N     . LEU A 1 102 ? 0.277   -4.317  -5.523  1.00 19.06 ? 84  LEU A N     1 
ATOM   633  C  CA    . LEU A 1 102 ? 0.278   -2.876  -5.325  1.00 18.77 ? 84  LEU A CA    1 
ATOM   634  C  C     . LEU A 1 102 ? -0.584  -2.579  -4.125  1.00 17.20 ? 84  LEU A C     1 
ATOM   635  O  O     . LEU A 1 102 ? -1.658  -3.118  -3.982  1.00 16.24 ? 84  LEU A O     1 
ATOM   636  C  CB    . LEU A 1 102 ? -0.221  -2.135  -6.573  1.00 18.67 ? 84  LEU A CB    1 
ATOM   637  C  CG    . LEU A 1 102 ? 0.667   -2.209  -7.823  1.00 21.92 ? 84  LEU A CG    1 
ATOM   638  C  CD1   . LEU A 1 102 ? 1.868   -1.308  -7.742  1.00 26.03 ? 84  LEU A CD1   1 
ATOM   639  C  CD2   . LEU A 1 102 ? 1.212   -3.551  -8.003  1.00 31.50 ? 84  LEU A CD2   1 
ATOM   640  N  N     . ILE A 1 103 ? -0.048  -1.787  -3.226  1.00 17.34 ? 85  ILE A N     1 
ATOM   641  C  CA    . ILE A 1 103 ? -0.825  -1.355  -2.103  1.00 16.07 ? 85  ILE A CA    1 
ATOM   642  C  C     . ILE A 1 103 ? -1.215  0.080   -2.431  1.00 15.11 ? 85  ILE A C     1 
ATOM   643  O  O     . ILE A 1 103 ? -0.403  1.019   -2.350  1.00 15.00 ? 85  ILE A O     1 
ATOM   644  C  CB    . ILE A 1 103 ? -0.127  -1.441  -0.787  1.00 17.39 ? 85  ILE A CB    1 
ATOM   645  C  CG1   . ILE A 1 103 ? 0.152   -2.906  -0.400  1.00 17.12 ? 85  ILE A CG1   1 
ATOM   646  C  CG2   . ILE A 1 103 ? -1.047  -0.744  0.257   1.00 15.93 ? 85  ILE A CG2   1 
ATOM   647  C  CD1   . ILE A 1 103 ? 1.207   -3.091  0.674   1.00 17.92 ? 85  ILE A CD1   1 
ATOM   648  N  N     . LEU A 1 104 ? -2.478  0.240   -2.812  1.00 15.46 ? 86  LEU A N     1 
ATOM   649  C  CA    . LEU A 1 104 ? -2.962  1.567   -3.230  1.00 15.53 ? 86  LEU A CA    1 
ATOM   650  C  C     . LEU A 1 104 ? -3.549  2.257   -2.028  1.00 15.86 ? 86  LEU A C     1 
ATOM   651  O  O     . LEU A 1 104 ? -4.389  1.680   -1.367  1.00 16.18 ? 86  LEU A O     1 
ATOM   652  C  CB    . LEU A 1 104 ? -4.042  1.418   -4.325  1.00 15.12 ? 86  LEU A CB    1 
ATOM   653  C  CG    . LEU A 1 104 ? -4.734  2.671   -4.848  1.00 13.43 ? 86  LEU A CG    1 
ATOM   654  C  CD1   . LEU A 1 104 ? -3.790  3.772   -5.418  1.00 11.22 ? 86  LEU A CD1   1 
ATOM   655  C  CD2   . LEU A 1 104 ? -5.815  2.247   -5.911  1.00 13.51 ? 86  LEU A CD2   1 
ATOM   656  N  N     . THR A 1 105 ? -3.116  3.506   -1.762  1.00 16.35 ? 87  THR A N     1 
ATOM   657  C  CA    . THR A 1 105 ? -3.318  4.114   -0.470  1.00 17.11 ? 87  THR A CA    1 
ATOM   658  C  C     . THR A 1 105 ? -4.037  5.468   -0.589  1.00 16.91 ? 87  THR A C     1 
ATOM   659  O  O     . THR A 1 105 ? -3.757  6.290   -1.499  1.00 15.70 ? 87  THR A O     1 
ATOM   660  C  CB    . THR A 1 105 ? -1.972  4.262   0.308   1.00 18.95 ? 87  THR A CB    1 
ATOM   661  O  OG1   . THR A 1 105 ? -1.249  3.020   0.290   1.00 20.14 ? 87  THR A OG1   1 
ATOM   662  C  CG2   . THR A 1 105 ? -2.202  4.609   1.801   1.00 16.58 ? 87  THR A CG2   1 
ATOM   663  N  N     . TYR A 1 106 ? -5.028  5.651   0.275   1.00 16.05 ? 88  TYR A N     1 
ATOM   664  C  CA    . TYR A 1 106 ? -5.545  6.994   0.477   1.00 14.72 ? 88  TYR A CA    1 
ATOM   665  C  C     . TYR A 1 106 ? -5.535  7.332   1.983   1.00 15.61 ? 88  TYR A C     1 
ATOM   666  O  O     . TYR A 1 106 ? -5.180  6.482   2.850   1.00 15.64 ? 88  TYR A O     1 
ATOM   667  C  CB    . TYR A 1 106 ? -6.895  7.203   -0.239  1.00 15.23 ? 88  TYR A CB    1 
ATOM   668  C  CG    . TYR A 1 106 ? -8.079  6.695   0.517   1.00 12.17 ? 88  TYR A CG    1 
ATOM   669  C  CD1   . TYR A 1 106 ? -8.940  7.586   1.169   1.00 16.72 ? 88  TYR A CD1   1 
ATOM   670  C  CD2   . TYR A 1 106 ? -8.346  5.328   0.591   1.00 14.13 ? 88  TYR A CD2   1 
ATOM   671  C  CE1   . TYR A 1 106 ? -10.077 7.106   1.890   1.00 15.39 ? 88  TYR A CE1   1 
ATOM   672  C  CE2   . TYR A 1 106 ? -9.452  4.834   1.306   1.00 13.07 ? 88  TYR A CE2   1 
ATOM   673  C  CZ    . TYR A 1 106 ? -10.309 5.729   1.919   1.00 14.91 ? 88  TYR A CZ    1 
ATOM   674  O  OH    . TYR A 1 106 ? -11.336 5.231   2.659   1.00 17.03 ? 88  TYR A OH    1 
ATOM   675  N  N     . ASP A 1 107 ? -5.865  8.587   2.285   1.00 16.66 ? 89  ASP A N     1 
ATOM   676  C  CA    . ASP A 1 107 ? -5.881  9.120   3.629   1.00 14.93 ? 89  ASP A CA    1 
ATOM   677  C  C     . ASP A 1 107 ? -7.357  9.336   3.927   1.00 16.16 ? 89  ASP A C     1 
ATOM   678  O  O     . ASP A 1 107 ? -7.971  10.104  3.244   1.00 16.44 ? 89  ASP A O     1 
ATOM   679  C  CB    . ASP A 1 107 ? -5.191  10.471  3.572   1.00 15.07 ? 89  ASP A CB    1 
ATOM   680  C  CG    . ASP A 1 107 ? -5.240  11.235  4.860   1.00 17.25 ? 89  ASP A CG    1 
ATOM   681  O  OD1   . ASP A 1 107 ? -6.010  10.823  5.787   1.00 15.74 ? 89  ASP A OD1   1 
ATOM   682  O  OD2   . ASP A 1 107 ? -4.469  12.242  4.907   1.00 19.67 ? 89  ASP A OD2   1 
ATOM   683  N  N     . ILE A 1 108 ? -7.911  8.688   4.950   1.00 16.08 ? 90  ILE A N     1 
ATOM   684  C  CA    . ILE A 1 108 ? -9.373  8.863   5.251   1.00 17.01 ? 90  ILE A CA    1 
ATOM   685  C  C     . ILE A 1 108 ? -9.839  10.317  5.522   1.00 16.64 ? 90  ILE A C     1 
ATOM   686  O  O     . ILE A 1 108 ? -11.049 10.685  5.344   1.00 16.55 ? 90  ILE A O     1 
ATOM   687  C  CB    . ILE A 1 108 ? -9.813  7.925   6.369   1.00 17.25 ? 90  ILE A CB    1 
ATOM   688  C  CG1   . ILE A 1 108 ? -9.301  8.372   7.774   1.00 14.40 ? 90  ILE A CG1   1 
ATOM   689  C  CG2   . ILE A 1 108 ? -9.486  6.497   6.010   1.00 19.49 ? 90  ILE A CG2   1 
ATOM   690  C  CD1   . ILE A 1 108 ? -9.913  7.477   8.949   1.00 15.28 ? 90  ILE A CD1   1 
ATOM   691  N  N     . THR A 1 109 ? -8.881  11.145  5.936   1.00 16.78 ? 91  THR A N     1 
ATOM   692  C  CA    . THR A 1 109 ? -9.161  12.554  6.341   1.00 16.35 ? 91  THR A CA    1 
ATOM   693  C  C     . THR A 1 109 ? -9.015  13.484  5.176   1.00 16.65 ? 91  THR A C     1 
ATOM   694  O  O     . THR A 1 109 ? -9.228  14.675  5.340   1.00 19.73 ? 91  THR A O     1 
ATOM   695  C  CB    . THR A 1 109 ? -8.183  13.024  7.477   1.00 17.66 ? 91  THR A CB    1 
ATOM   696  O  OG1   . THR A 1 109 ? -6.864  13.191  6.920   1.00 16.91 ? 91  THR A OG1   1 
ATOM   697  C  CG2   . THR A 1 109 ? -8.191  12.017  8.650   1.00 16.43 ? 91  THR A CG2   1 
ATOM   698  N  N     . CYS A 1 110 ? -8.721  12.973  3.970   1.00 17.20 ? 92  CYS A N     1 
ATOM   699  C  CA    . CYS A 1 110 ? -8.567  13.796  2.757   1.00 17.44 ? 92  CYS A CA    1 
ATOM   700  C  C     . CYS A 1 110 ? -9.419  13.282  1.581   1.00 17.98 ? 92  CYS A C     1 
ATOM   701  O  O     . CYS A 1 110 ? -9.094  12.253  0.953   1.00 20.84 ? 92  CYS A O     1 
ATOM   702  C  CB    . CYS A 1 110 ? -7.077  13.918  2.331   1.00 17.47 ? 92  CYS A CB    1 
ATOM   703  S  SG    . CYS A 1 110 ? -6.781  14.794  0.716   1.00 21.75 ? 92  CYS A SG    1 
ATOM   704  N  N     . GLU A 1 111 ? -10.521 13.956  1.283   1.00 17.83 ? 93  GLU A N     1 
ATOM   705  C  CA    . GLU A 1 111 ? -11.415 13.427  0.293   1.00 20.15 ? 93  GLU A CA    1 
ATOM   706  C  C     . GLU A 1 111 ? -10.779 13.308  -1.067  1.00 19.11 ? 93  GLU A C     1 
ATOM   707  O  O     . GLU A 1 111 ? -11.078 12.373  -1.762  1.00 19.96 ? 93  GLU A O     1 
ATOM   708  C  CB    . GLU A 1 111 ? -12.680 14.297  0.162   1.00 20.92 ? 93  GLU A CB    1 
ATOM   709  C  CG    . GLU A 1 111 ? -13.763 13.521  -0.591  1.00 22.43 ? 93  GLU A CG    1 
ATOM   710  C  CD    . GLU A 1 111 ? -15.101 14.188  -0.467  1.00 29.78 ? 93  GLU A CD    1 
ATOM   711  O  OE1   . GLU A 1 111 ? -15.184 15.252  0.217   1.00 29.68 ? 93  GLU A OE1   1 
ATOM   712  O  OE2   . GLU A 1 111 ? -16.043 13.662  -1.075  1.00 32.45 ? 93  GLU A OE2   1 
ATOM   713  N  N     . GLU A 1 112 ? -9.992  14.318  -1.478  1.00 19.71 ? 94  GLU A N     1 
ATOM   714  C  CA    . GLU A 1 112 ? -9.275  14.303  -2.754  1.00 20.45 ? 94  GLU A CA    1 
ATOM   715  C  C     . GLU A 1 112 ? -8.390  13.043  -2.932  1.00 20.14 ? 94  GLU A C     1 
ATOM   716  O  O     . GLU A 1 112 ? -8.352  12.503  -3.991  1.00 19.96 ? 94  GLU A O     1 
ATOM   717  C  CB    . GLU A 1 112 ? -8.411  15.582  -2.902  1.00 21.90 ? 94  GLU A CB    1 
ATOM   718  C  CG    . GLU A 1 112 ? -7.601  15.645  -4.233  1.00 22.00 ? 94  GLU A CG    1 
ATOM   719  C  CD    . GLU A 1 112 ? -8.482  15.690  -5.500  1.00 29.40 ? 94  GLU A CD    1 
ATOM   720  O  OE1   . GLU A 1 112 ? -9.732  15.880  -5.421  1.00 27.74 ? 94  GLU A OE1   1 
ATOM   721  O  OE2   . GLU A 1 112 ? -7.889  15.562  -6.595  1.00 31.12 ? 94  GLU A OE2   1 
ATOM   722  N  N     . SER A 1 113 ? -7.695  12.567  -1.889  1.00 19.01 ? 95  SER A N     1 
ATOM   723  C  CA    . SER A 1 113 ? -6.853  11.356  -2.049  1.00 17.66 ? 95  SER A CA    1 
ATOM   724  C  C     . SER A 1 113 ? -7.716  10.147  -2.436  1.00 16.80 ? 95  SER A C     1 
ATOM   725  O  O     . SER A 1 113 ? -7.272  9.278   -3.223  1.00 15.13 ? 95  SER A O     1 
ATOM   726  C  CB    . SER A 1 113 ? -5.963  11.096  -0.819  1.00 16.01 ? 95  SER A CB    1 
ATOM   727  O  OG    . SER A 1 113 ? -6.781  10.678  0.272   1.00 19.02 ? 95  SER A OG    1 
ATOM   728  N  N     . PHE A 1 114 ? -8.951  10.118  -1.911  1.00 16.05 ? 96  PHE A N     1 
ATOM   729  C  CA    . PHE A 1 114 ? -9.977  9.141   -2.311  1.00 17.45 ? 96  PHE A CA    1 
ATOM   730  C  C     . PHE A 1 114 ? -10.507 9.353   -3.746  1.00 18.57 ? 96  PHE A C     1 
ATOM   731  O  O     . PHE A 1 114 ? -10.666 8.371   -4.507  1.00 19.57 ? 96  PHE A O     1 
ATOM   732  C  CB    . PHE A 1 114 ? -11.177 9.192   -1.370  1.00 16.79 ? 96  PHE A CB    1 
ATOM   733  C  CG    . PHE A 1 114 ? -12.189 8.062   -1.548  1.00 13.39 ? 96  PHE A CG    1 
ATOM   734  C  CD1   . PHE A 1 114 ? -11.905 6.786   -1.100  1.00 12.96 ? 96  PHE A CD1   1 
ATOM   735  C  CD2   . PHE A 1 114 ? -13.434 8.289   -2.137  1.00 13.81 ? 96  PHE A CD2   1 
ATOM   736  C  CE1   . PHE A 1 114 ? -12.785 5.783   -1.251  1.00 9.63  ? 96  PHE A CE1   1 
ATOM   737  C  CE2   . PHE A 1 114 ? -14.365 7.220   -2.277  1.00 13.30 ? 96  PHE A CE2   1 
ATOM   738  C  CZ    . PHE A 1 114 ? -14.033 6.022   -1.862  1.00 10.17 ? 96  PHE A CZ    1 
ATOM   739  N  N     . ARG A 1 115 ? -10.863 10.604  -4.053  1.00 18.98 ? 97  ARG A N     1 
ATOM   740  C  CA    . ARG A 1 115 ? -11.481 10.982  -5.335  1.00 21.40 ? 97  ARG A CA    1 
ATOM   741  C  C     . ARG A 1 115 ? -10.540 10.707  -6.521  1.00 20.23 ? 97  ARG A C     1 
ATOM   742  O  O     . ARG A 1 115 ? -11.021 10.331  -7.617  1.00 19.25 ? 97  ARG A O     1 
ATOM   743  C  CB    . ARG A 1 115 ? -11.942 12.463  -5.308  1.00 21.30 ? 97  ARG A CB    1 
ATOM   744  C  CG    . ARG A 1 115 ? -13.444 12.642  -5.047  1.00 25.56 ? 97  ARG A CG    1 
ATOM   745  C  CD    . ARG A 1 115 ? -13.924 14.164  -5.088  1.00 29.31 ? 97  ARG A CD    1 
ATOM   746  N  NE    . ARG A 1 115 ? -12.927 15.022  -4.441  1.00 38.69 ? 97  ARG A NE    1 
ATOM   747  C  CZ    . ARG A 1 115 ? -13.148 16.111  -3.707  1.00 39.82 ? 97  ARG A CZ    1 
ATOM   748  N  NH1   . ARG A 1 115 ? -14.396 16.567  -3.500  1.00 38.85 ? 97  ARG A NH1   1 
ATOM   749  N  NH2   . ARG A 1 115 ? -12.091 16.729  -3.162  1.00 36.49 ? 97  ARG A NH2   1 
ATOM   750  N  N     . CYS A 1 116 ? -9.218  10.823  -6.252  1.00 18.54 ? 98  CYS A N     1 
ATOM   751  C  CA    . CYS A 1 116 ? -8.100  10.402  -7.143  1.00 21.09 ? 98  CYS A CA    1 
ATOM   752  C  C     . CYS A 1 116 ? -8.077  8.922   -7.484  1.00 18.60 ? 98  CYS A C     1 
ATOM   753  O  O     . CYS A 1 116 ? -7.450  8.548   -8.475  1.00 20.00 ? 98  CYS A O     1 
ATOM   754  C  CB    . CYS A 1 116 ? -6.695  10.761  -6.538  1.00 16.00 ? 98  CYS A CB    1 
ATOM   755  S  SG    . CYS A 1 116 ? -6.501  12.536  -6.935  1.00 31.18 ? 98  CYS A SG    1 
ATOM   756  N  N     . LEU A 1 117 ? -8.703  8.076   -6.676  1.00 18.09 ? 99  LEU A N     1 
ATOM   757  C  CA    . LEU A 1 117 ? -8.457  6.623   -6.886  1.00 16.92 ? 99  LEU A CA    1 
ATOM   758  C  C     . LEU A 1 117 ? -8.732  6.052   -8.271  1.00 19.32 ? 99  LEU A C     1 
ATOM   759  O  O     . LEU A 1 117 ? -7.955  5.187   -8.722  1.00 20.72 ? 99  LEU A O     1 
ATOM   760  C  CB    . LEU A 1 117 ? -9.055  5.755   -5.789  1.00 15.40 ? 99  LEU A CB    1 
ATOM   761  C  CG    . LEU A 1 117 ? -8.432  6.052   -4.420  1.00 17.24 ? 99  LEU A CG    1 
ATOM   762  C  CD1   . LEU A 1 117 ? -9.310  5.536   -3.290  1.00 15.19 ? 99  LEU A CD1   1 
ATOM   763  C  CD2   . LEU A 1 117 ? -6.967  5.558   -4.325  1.00 13.72 ? 99  LEU A CD2   1 
ATOM   764  N  N     . PRO A 1 118 ? -9.868  6.436   -8.915  1.00 19.62 ? 100 PRO A N     1 
ATOM   765  C  CA    . PRO A 1 118 ? -10.123 5.979   -10.339 1.00 20.64 ? 100 PRO A CA    1 
ATOM   766  C  C     . PRO A 1 118 ? -8.953  6.227   -11.268 1.00 21.89 ? 100 PRO A C     1 
ATOM   767  O  O     . PRO A 1 118 ? -8.588  5.355   -12.049 1.00 21.88 ? 100 PRO A O     1 
ATOM   768  C  CB    . PRO A 1 118 ? -11.353 6.804   -10.740 1.00 20.78 ? 100 PRO A CB    1 
ATOM   769  C  CG    . PRO A 1 118 ? -12.076 6.941   -9.471  1.00 20.87 ? 100 PRO A CG    1 
ATOM   770  C  CD    . PRO A 1 118 ? -11.027 7.159   -8.395  1.00 18.00 ? 100 PRO A CD    1 
ATOM   771  N  N     . GLU A 1 119 ? -8.335  7.406   -11.143 1.00 22.54 ? 101 GLU A N     1 
ATOM   772  C  CA    . GLU A 1 119 ? -7.153  7.759   -11.914 1.00 23.00 ? 101 GLU A CA    1 
ATOM   773  C  C     . GLU A 1 119 ? -5.947  6.844   -11.674 1.00 22.13 ? 101 GLU A C     1 
ATOM   774  O  O     . GLU A 1 119 ? -5.249  6.500   -12.605 1.00 22.37 ? 101 GLU A O     1 
ATOM   775  C  CB    . GLU A 1 119 ? -6.786  9.232   -11.680 1.00 23.27 ? 101 GLU A CB    1 
ATOM   776  C  CG    . GLU A 1 119 ? -5.587  9.672   -12.466 1.00 30.66 ? 101 GLU A CG    1 
ATOM   777  C  CD    . GLU A 1 119 ? -5.699  9.405   -13.986 1.00 39.69 ? 101 GLU A CD    1 
ATOM   778  O  OE1   . GLU A 1 119 ? -6.840  9.278   -14.524 1.00 45.02 ? 101 GLU A OE1   1 
ATOM   779  O  OE2   . GLU A 1 119 ? -4.631  9.325   -14.645 1.00 42.42 ? 101 GLU A OE2   1 
ATOM   780  N  N     . TRP A 1 120 ? -5.760  6.404   -10.437 1.00 20.79 ? 102 TRP A N     1 
ATOM   781  C  CA    . TRP A 1 120 ? -4.696  5.485   -10.064 1.00 20.17 ? 102 TRP A CA    1 
ATOM   782  C  C     . TRP A 1 120 ? -4.963  4.128   -10.638 1.00 20.88 ? 102 TRP A C     1 
ATOM   783  O  O     . TRP A 1 120 ? -4.036  3.455   -11.077 1.00 20.11 ? 102 TRP A O     1 
ATOM   784  C  CB    . TRP A 1 120 ? -4.543  5.356   -8.538  1.00 18.02 ? 102 TRP A CB    1 
ATOM   785  C  CG    . TRP A 1 120 ? -3.904  6.543   -7.862  1.00 19.55 ? 102 TRP A CG    1 
ATOM   786  C  CD1   . TRP A 1 120 ? -4.512  7.523   -7.166  1.00 18.41 ? 102 TRP A CD1   1 
ATOM   787  C  CD2   . TRP A 1 120 ? -2.496  6.846   -7.843  1.00 19.83 ? 102 TRP A CD2   1 
ATOM   788  N  NE1   . TRP A 1 120 ? -3.575  8.415   -6.705  1.00 21.50 ? 102 TRP A NE1   1 
ATOM   789  C  CE2   . TRP A 1 120 ? -2.331  8.014   -7.109  1.00 17.17 ? 102 TRP A CE2   1 
ATOM   790  C  CE3   . TRP A 1 120 ? -1.367  6.243   -8.421  1.00 24.37 ? 102 TRP A CE3   1 
ATOM   791  C  CZ2   . TRP A 1 120 ? -1.081  8.607   -6.915  1.00 19.09 ? 102 TRP A CZ2   1 
ATOM   792  C  CZ3   . TRP A 1 120 ? -0.083  6.802   -8.159  1.00 20.53 ? 102 TRP A CZ3   1 
ATOM   793  C  CH2   . TRP A 1 120 ? 0.035   7.969   -7.464  1.00 18.92 ? 102 TRP A CH2   1 
ATOM   794  N  N     . LEU A 1 121 ? -6.218  3.687   -10.577 1.00 21.42 ? 103 LEU A N     1 
ATOM   795  C  CA    . LEU A 1 121 ? -6.516  2.417   -11.125 1.00 22.40 ? 103 LEU A CA    1 
ATOM   796  C  C     . LEU A 1 121 ? -6.296  2.370   -12.639 1.00 23.71 ? 103 LEU A C     1 
ATOM   797  O  O     . LEU A 1 121 ? -5.891  1.327   -13.173 1.00 23.76 ? 103 LEU A O     1 
ATOM   798  C  CB    . LEU A 1 121 ? -7.950  2.027   -10.776 1.00 24.23 ? 103 LEU A CB    1 
ATOM   799  C  CG    . LEU A 1 121 ? -8.299  1.885   -9.290  1.00 21.86 ? 103 LEU A CG    1 
ATOM   800  C  CD1   . LEU A 1 121 ? -9.777  2.124   -9.217  1.00 20.74 ? 103 LEU A CD1   1 
ATOM   801  C  CD2   . LEU A 1 121 ? -7.867  0.491   -8.718  1.00 20.81 ? 103 LEU A CD2   1 
ATOM   802  N  N     . ARG A 1 122 ? -6.582  3.480   -13.313 1.00 24.20 ? 104 ARG A N     1 
ATOM   803  C  CA    . ARG A 1 122 ? -6.304  3.665   -14.729 1.00 26.00 ? 104 ARG A CA    1 
ATOM   804  C  C     . ARG A 1 122 ? -4.774  3.491   -15.052 1.00 26.76 ? 104 ARG A C     1 
ATOM   805  O  O     . ARG A 1 122 ? -4.374  2.744   -15.971 1.00 26.93 ? 104 ARG A O     1 
ATOM   806  C  CB    . ARG A 1 122 ? -6.794  5.079   -15.090 1.00 26.06 ? 104 ARG A CB    1 
ATOM   807  C  CG    . ARG A 1 122 ? -7.684  5.240   -16.326 1.00 30.29 ? 104 ARG A CG    1 
ATOM   808  C  CD    . ARG A 1 122 ? -9.005  4.418   -16.295 1.00 36.71 ? 104 ARG A CD    1 
ATOM   809  N  NE    . ARG A 1 122 ? -9.731  4.470   -15.013 1.00 42.65 ? 104 ARG A NE    1 
ATOM   810  C  CZ    . ARG A 1 122 ? -9.916  3.432   -14.184 1.00 39.20 ? 104 ARG A CZ    1 
ATOM   811  N  NH1   . ARG A 1 122 ? -9.445  2.195   -14.468 1.00 37.39 ? 104 ARG A NH1   1 
ATOM   812  N  NH2   . ARG A 1 122 ? -10.587 3.635   -13.061 1.00 36.78 ? 104 ARG A NH2   1 
ATOM   813  N  N     . GLU A 1 123 ? -3.938  4.191   -14.287 1.00 26.39 ? 105 GLU A N     1 
ATOM   814  C  CA    . GLU A 1 123 ? -2.485  4.049   -14.340 1.00 28.21 ? 105 GLU A CA    1 
ATOM   815  C  C     . GLU A 1 123 ? -2.053  2.602   -14.198 1.00 26.91 ? 105 GLU A C     1 
ATOM   816  O  O     . GLU A 1 123 ? -1.200  2.092   -14.977 1.00 24.45 ? 105 GLU A O     1 
ATOM   817  C  CB    . GLU A 1 123 ? -1.844  4.825   -13.208 1.00 27.93 ? 105 GLU A CB    1 
ATOM   818  C  CG    . GLU A 1 123 ? -1.737  6.343   -13.349 1.00 30.74 ? 105 GLU A CG    1 
ATOM   819  C  CD    . GLU A 1 123 ? -0.973  6.969   -12.110 1.00 32.17 ? 105 GLU A CD    1 
ATOM   820  O  OE1   . GLU A 1 123 ? 0.056   6.315   -11.689 1.00 32.76 ? 105 GLU A OE1   1 
ATOM   821  O  OE2   . GLU A 1 123 ? -1.386  8.082   -11.567 1.00 34.35 ? 105 GLU A OE2   1 
ATOM   822  N  N     . ILE A 1 124 ? -2.591  1.958   -13.159 1.00 26.28 ? 106 ILE A N     1 
ATOM   823  C  CA    . ILE A 1 124 ? -2.225  0.583   -12.830 1.00 26.27 ? 106 ILE A CA    1 
ATOM   824  C  C     . ILE A 1 124 ? -2.579  -0.339  -13.962 1.00 29.22 ? 106 ILE A C     1 
ATOM   825  O  O     . ILE A 1 124 ? -1.813  -1.259  -14.259 1.00 28.15 ? 106 ILE A O     1 
ATOM   826  C  CB    . ILE A 1 124 ? -2.961  0.039   -11.580 1.00 26.28 ? 106 ILE A CB    1 
ATOM   827  C  CG1   . ILE A 1 124 ? -2.410  0.653   -10.291 1.00 23.79 ? 106 ILE A CG1   1 
ATOM   828  C  CG2   . ILE A 1 124 ? -2.839  -1.450  -11.496 1.00 24.42 ? 106 ILE A CG2   1 
ATOM   829  C  CD1   . ILE A 1 124 ? -3.374  0.551   -9.168  1.00 18.68 ? 106 ILE A CD1   1 
ATOM   830  N  N     . GLU A 1 125 ? -3.786  -0.141  -14.533 1.00 30.74 ? 107 GLU A N     1 
ATOM   831  C  CA    . GLU A 1 125 ? -4.152  -0.772  -15.794 1.00 34.49 ? 107 GLU A CA    1 
ATOM   832  C  C     . GLU A 1 125 ? -3.123  -0.620  -16.950 1.00 35.04 ? 107 GLU A C     1 
ATOM   833  O  O     . GLU A 1 125 ? -2.825  -1.606  -17.610 1.00 35.37 ? 107 GLU A O     1 
ATOM   834  C  CB    . GLU A 1 125 ? -5.567  -0.347  -16.201 1.00 33.72 ? 107 GLU A CB    1 
ATOM   835  C  CG    . GLU A 1 125 ? -6.605  -1.227  -15.576 1.00 36.15 ? 107 GLU A CG    1 
ATOM   836  C  CD    . GLU A 1 125 ? -8.068  -0.796  -15.858 1.00 39.78 ? 107 GLU A CD    1 
ATOM   837  O  OE1   . GLU A 1 125 ? -8.996  -1.564  -15.433 1.00 46.73 ? 107 GLU A OE1   1 
ATOM   838  O  OE2   . GLU A 1 125 ? -8.313  0.299   -16.469 1.00 46.96 ? 107 GLU A OE2   1 
ATOM   839  N  N     . GLN A 1 126 ? -2.563  0.571   -17.206 1.00 36.44 ? 108 GLN A N     1 
ATOM   840  C  CA    . GLN A 1 126 ? -1.572  0.641   -18.299 1.00 37.75 ? 108 GLN A CA    1 
ATOM   841  C  C     . GLN A 1 126 ? -0.135  0.193   -17.946 1.00 38.00 ? 108 GLN A C     1 
ATOM   842  O  O     . GLN A 1 126 ? 0.558   -0.423  -18.772 1.00 38.08 ? 108 GLN A O     1 
ATOM   843  C  CB    . GLN A 1 126 ? -1.592  1.970   -19.076 1.00 38.29 ? 108 GLN A CB    1 
ATOM   844  C  CG    . GLN A 1 126 ? -1.028  1.912   -20.591 1.00 39.39 ? 108 GLN A CG    1 
ATOM   845  C  CD    . GLN A 1 126 ? -1.427  0.645   -21.469 1.00 45.96 ? 108 GLN A CD    1 
ATOM   846  O  OE1   . GLN A 1 126 ? -0.787  -0.426  -21.399 1.00 47.66 ? 108 GLN A OE1   1 
ATOM   847  N  NE2   . GLN A 1 126 ? -2.453  0.807   -22.330 1.00 46.31 ? 108 GLN A NE2   1 
ATOM   848  N  N     . TYR A 1 127 ? 0.274   0.434   -16.713 1.00 37.30 ? 109 TYR A N     1 
ATOM   849  C  CA    . TYR A 1 127 ? 1.667   0.329   -16.353 1.00 37.62 ? 109 TYR A CA    1 
ATOM   850  C  C     . TYR A 1 127 ? 2.032   -0.891  -15.526 1.00 37.41 ? 109 TYR A C     1 
ATOM   851  O  O     . TYR A 1 127 ? 3.205   -1.283  -15.530 1.00 37.47 ? 109 TYR A O     1 
ATOM   852  C  CB    . TYR A 1 127 ? 2.150   1.606   -15.634 1.00 39.04 ? 109 TYR A CB    1 
ATOM   853  C  CG    . TYR A 1 127 ? 2.169   2.856   -16.486 1.00 40.78 ? 109 TYR A CG    1 
ATOM   854  C  CD1   . TYR A 1 127 ? 1.282   3.888   -16.240 1.00 42.40 ? 109 TYR A CD1   1 
ATOM   855  C  CD2   . TYR A 1 127 ? 3.091   3.000   -17.550 1.00 42.39 ? 109 TYR A CD2   1 
ATOM   856  C  CE1   . TYR A 1 127 ? 1.292   5.061   -17.028 1.00 46.21 ? 109 TYR A CE1   1 
ATOM   857  C  CE2   . TYR A 1 127 ? 3.117   4.163   -18.343 1.00 45.87 ? 109 TYR A CE2   1 
ATOM   858  C  CZ    . TYR A 1 127 ? 2.216   5.201   -18.086 1.00 45.14 ? 109 TYR A CZ    1 
ATOM   859  O  OH    . TYR A 1 127 ? 2.219   6.369   -18.865 1.00 43.19 ? 109 TYR A OH    1 
ATOM   860  N  N     . ALA A 1 128 ? 1.075   -1.451  -14.782 1.00 37.11 ? 110 ALA A N     1 
ATOM   861  C  CA    . ALA A 1 128 ? 1.284   -2.696  -14.009 1.00 37.87 ? 110 ALA A CA    1 
ATOM   862  C  C     . ALA A 1 128 ? 1.035   -3.917  -14.863 1.00 39.02 ? 110 ALA A C     1 
ATOM   863  O  O     . ALA A 1 128 ? 0.337   -3.837  -15.884 1.00 38.51 ? 110 ALA A O     1 
ATOM   864  C  CB    . ALA A 1 128 ? 0.380   -2.765  -12.739 1.00 37.22 ? 110 ALA A CB    1 
ATOM   865  N  N     . SER A 1 129 ? 1.560   -5.060  -14.412 1.00 39.36 ? 111 SER A N     1 
ATOM   866  C  CA    . SER A 1 129 ? 1.358   -6.328  -15.115 1.00 41.28 ? 111 SER A CA    1 
ATOM   867  C  C     . SER A 1 129 ? -0.097  -6.782  -14.993 1.00 41.77 ? 111 SER A C     1 
ATOM   868  O  O     . SER A 1 129 ? -0.776  -6.446  -14.033 1.00 41.36 ? 111 SER A O     1 
ATOM   869  C  CB    . SER A 1 129 ? 2.287   -7.410  -14.556 1.00 40.75 ? 111 SER A CB    1 
ATOM   870  O  OG    . SER A 1 129 ? 1.659   -8.049  -13.474 1.00 40.55 ? 111 SER A OG    1 
ATOM   871  N  N     . ASN A 1 130 ? -0.580  -7.564  -15.949 1.00 43.21 ? 112 ASN A N     1 
ATOM   872  C  CA    . ASN A 1 130 ? -1.972  -8.036  -15.838 1.00 43.92 ? 112 ASN A CA    1 
ATOM   873  C  C     . ASN A 1 130 ? -2.187  -9.168  -14.820 1.00 42.88 ? 112 ASN A C     1 
ATOM   874  O  O     . ASN A 1 130 ? -3.307  -9.595  -14.618 1.00 43.84 ? 112 ASN A O     1 
ATOM   875  C  CB    . ASN A 1 130 ? -2.669  -8.275  -17.226 1.00 45.77 ? 112 ASN A CB    1 
ATOM   876  C  CG    . ASN A 1 130 ? -2.177  -9.553  -17.969 1.00 49.35 ? 112 ASN A CG    1 
ATOM   877  O  OD1   . ASN A 1 130 ? -1.301  -10.297 -17.496 1.00 53.28 ? 112 ASN A OD1   1 
ATOM   878  N  ND2   . ASN A 1 130 ? -2.751  -9.791  -19.163 1.00 53.36 ? 112 ASN A ND2   1 
ATOM   879  N  N     . LYS A 1 131 ? -1.130  -9.606  -14.139 1.00 41.85 ? 113 LYS A N     1 
ATOM   880  C  CA    . LYS A 1 131 ? -1.265  -10.543 -13.008 1.00 40.86 ? 113 LYS A CA    1 
ATOM   881  C  C     . LYS A 1 131 ? -1.117  -9.853  -11.623 1.00 39.95 ? 113 LYS A C     1 
ATOM   882  O  O     . LYS A 1 131 ? -1.190  -10.496 -10.565 1.00 40.45 ? 113 LYS A O     1 
ATOM   883  C  CB    . LYS A 1 131 ? -0.270  -11.699 -13.142 1.00 41.73 ? 113 LYS A CB    1 
ATOM   884  C  CG    . LYS A 1 131 ? 0.138   -12.028 -14.601 1.00 43.43 ? 113 LYS A CG    1 
ATOM   885  C  CD    . LYS A 1 131 ? 0.401   -13.523 -14.825 1.00 47.48 ? 113 LYS A CD    1 
ATOM   886  C  CE    . LYS A 1 131 ? 0.809   -13.821 -16.297 1.00 47.16 ? 113 LYS A CE    1 
ATOM   887  N  NZ    . LYS A 1 131 ? 2.023   -14.739 -16.362 1.00 47.70 ? 113 LYS A NZ    1 
ATOM   888  N  N     . VAL A 1 132 ? -0.922  -8.540  -11.631 1.00 38.16 ? 114 VAL A N     1 
ATOM   889  C  CA    . VAL A 1 132 ? -0.782  -7.749  -10.380 1.00 35.34 ? 114 VAL A CA    1 
ATOM   890  C  C     . VAL A 1 132 ? -2.033  -7.878  -9.468  1.00 34.14 ? 114 VAL A C     1 
ATOM   891  O  O     . VAL A 1 132 ? -3.171  -7.903  -9.950  1.00 34.31 ? 114 VAL A O     1 
ATOM   892  C  CB    . VAL A 1 132 ? -0.498  -6.245  -10.696 1.00 35.70 ? 114 VAL A CB    1 
ATOM   893  C  CG1   . VAL A 1 132 ? -1.805  -5.496  -11.046 1.00 34.11 ? 114 VAL A CG1   1 
ATOM   894  C  CG2   . VAL A 1 132 ? 0.211   -5.569  -9.513  1.00 34.54 ? 114 VAL A CG2   1 
ATOM   895  N  N     . ILE A 1 133 ? -1.800  -8.018  -8.175  1.00 30.62 ? 115 ILE A N     1 
ATOM   896  C  CA    . ILE A 1 133 ? -2.840  -7.967  -7.167  1.00 29.14 ? 115 ILE A CA    1 
ATOM   897  C  C     . ILE A 1 133 ? -2.793  -6.542  -6.604  1.00 27.98 ? 115 ILE A C     1 
ATOM   898  O  O     . ILE A 1 133 ? -1.689  -6.030  -6.371  1.00 25.68 ? 115 ILE A O     1 
ATOM   899  C  CB    . ILE A 1 133 ? -2.527  -8.999  -6.074  1.00 27.51 ? 115 ILE A CB    1 
ATOM   900  C  CG1   . ILE A 1 133 ? -2.688  -10.416 -6.678  1.00 29.07 ? 115 ILE A CG1   1 
ATOM   901  C  CG2   . ILE A 1 133 ? -3.431  -8.821  -4.863  1.00 29.56 ? 115 ILE A CG2   1 
ATOM   902  C  CD1   . ILE A 1 133 ? -1.667  -11.422 -6.170  1.00 33.23 ? 115 ILE A CD1   1 
ATOM   903  N  N     . THR A 1 134 ? -3.962  -5.899  -6.474  1.00 25.93 ? 116 THR A N     1 
ATOM   904  C  CA    . THR A 1 134 ? -4.069  -4.549  -5.879  1.00 24.25 ? 116 THR A CA    1 
ATOM   905  C  C     . THR A 1 134 ? -4.955  -4.584  -4.653  1.00 22.69 ? 116 THR A C     1 
ATOM   906  O  O     . THR A 1 134 ? -6.133  -5.026  -4.711  1.00 23.01 ? 116 THR A O     1 
ATOM   907  C  CB    . THR A 1 134 ? -4.649  -3.507  -6.877  1.00 25.51 ? 116 THR A CB    1 
ATOM   908  O  OG1   . THR A 1 134 ? -3.853  -3.471  -8.068  1.00 24.64 ? 116 THR A OG1   1 
ATOM   909  C  CG2   . THR A 1 134 ? -4.644  -2.117  -6.249  1.00 22.60 ? 116 THR A CG2   1 
ATOM   910  N  N     . VAL A 1 135 ? -4.415  -4.112  -3.529  1.00 20.93 ? 117 VAL A N     1 
ATOM   911  C  CA    . VAL A 1 135 ? -5.246  -3.907  -2.341  1.00 18.35 ? 117 VAL A CA    1 
ATOM   912  C  C     . VAL A 1 135 ? -5.468  -2.404  -2.046  1.00 18.56 ? 117 VAL A C     1 
ATOM   913  O  O     . VAL A 1 135 ? -4.666  -1.589  -2.452  1.00 17.55 ? 117 VAL A O     1 
ATOM   914  C  CB    . VAL A 1 135 ? -4.751  -4.673  -1.121  1.00 19.50 ? 117 VAL A CB    1 
ATOM   915  C  CG1   . VAL A 1 135 ? -4.679  -6.216  -1.433  1.00 20.33 ? 117 VAL A CG1   1 
ATOM   916  C  CG2   . VAL A 1 135 ? -3.427  -4.132  -0.554  1.00 16.29 ? 117 VAL A CG2   1 
ATOM   917  N  N     . LEU A 1 136 ? -6.587  -2.050  -1.392  1.00 17.46 ? 118 LEU A N     1 
ATOM   918  C  CA    . LEU A 1 136 ? -6.812  -0.628  -1.073  1.00 17.70 ? 118 LEU A CA    1 
ATOM   919  C  C     . LEU A 1 136 ? -6.634  -0.440  0.408   1.00 17.03 ? 118 LEU A C     1 
ATOM   920  O  O     . LEU A 1 136 ? -7.164  -1.219  1.191   1.00 16.02 ? 118 LEU A O     1 
ATOM   921  C  CB    . LEU A 1 136 ? -8.233  -0.216  -1.453  1.00 16.69 ? 118 LEU A CB    1 
ATOM   922  C  CG    . LEU A 1 136 ? -8.500  1.286   -1.266  1.00 19.21 ? 118 LEU A CG    1 
ATOM   923  C  CD1   . LEU A 1 136 ? -7.744  2.095   -2.339  1.00 18.74 ? 118 LEU A CD1   1 
ATOM   924  C  CD2   . LEU A 1 136 ? -10.016 1.552   -1.306  1.00 19.56 ? 118 LEU A CD2   1 
ATOM   925  N  N     . VAL A 1 137 ? -5.887  0.595   0.790   1.00 17.57 ? 119 VAL A N     1 
ATOM   926  C  CA    . VAL A 1 137 ? -5.707  0.918   2.188   1.00 15.89 ? 119 VAL A CA    1 
ATOM   927  C  C     . VAL A 1 137 ? -6.187  2.371   2.442   1.00 16.31 ? 119 VAL A C     1 
ATOM   928  O  O     . VAL A 1 137 ? -5.756  3.349   1.773   1.00 14.47 ? 119 VAL A O     1 
ATOM   929  C  CB    . VAL A 1 137 ? -4.194  0.653   2.638   1.00 16.65 ? 119 VAL A CB    1 
ATOM   930  C  CG1   . VAL A 1 137 ? -3.864  1.390   3.956   1.00 16.93 ? 119 VAL A CG1   1 
ATOM   931  C  CG2   . VAL A 1 137 ? -3.995  -0.815  2.896   1.00 18.32 ? 119 VAL A CG2   1 
ATOM   932  N  N     . GLY A 1 138 ? -7.131  2.476   3.382   1.00 14.87 ? 120 GLY A N     1 
ATOM   933  C  CA    . GLY A 1 138 ? -7.443  3.687   3.971   1.00 15.12 ? 120 GLY A CA    1 
ATOM   934  C  C     . GLY A 1 138 ? -6.653  3.931   5.237   1.00 14.37 ? 120 GLY A C     1 
ATOM   935  O  O     . GLY A 1 138 ? -6.939  3.321   6.276   1.00 14.68 ? 120 GLY A O     1 
ATOM   936  N  N     . ASN A 1 139 ? -5.713  4.867   5.172   1.00 12.76 ? 121 ASN A N     1 
ATOM   937  C  CA    . ASN A 1 139 ? -4.808  5.192   6.282   1.00 14.50 ? 121 ASN A CA    1 
ATOM   938  C  C     . ASN A 1 139 ? -5.268  6.362   7.173   1.00 14.92 ? 121 ASN A C     1 
ATOM   939  O  O     . ASN A 1 139 ? -6.131  7.164   6.779   1.00 14.81 ? 121 ASN A O     1 
ATOM   940  C  CB    . ASN A 1 139 ? -3.334  5.394   5.823   1.00 10.92 ? 121 ASN A CB    1 
ATOM   941  C  CG    . ASN A 1 139 ? -2.322  5.345   6.968   1.00 14.94 ? 121 ASN A CG    1 
ATOM   942  O  OD1   . ASN A 1 139 ? -2.275  4.396   7.825   1.00 16.01 ? 121 ASN A OD1   1 
ATOM   943  N  ND2   . ASN A 1 139 ? -1.451  6.355   6.973   1.00 18.16 ? 121 ASN A ND2   1 
ATOM   944  N  N     . LYS A 1 140 ? -4.693  6.372   8.383   1.00 17.10 ? 122 LYS A N     1 
ATOM   945  C  CA    . LYS A 1 140 ? -4.909  7.370   9.462   1.00 16.71 ? 122 LYS A CA    1 
ATOM   946  C  C     . LYS A 1 140 ? -6.260  7.158   10.197  1.00 18.34 ? 122 LYS A C     1 
ATOM   947  O  O     . LYS A 1 140 ? -6.910  8.151   10.571  1.00 19.30 ? 122 LYS A O     1 
ATOM   948  C  CB    . LYS A 1 140 ? -4.757  8.810   8.963   1.00 16.51 ? 122 LYS A CB    1 
ATOM   949  C  CG    . LYS A 1 140 ? -3.525  9.021   8.034   1.00 15.20 ? 122 LYS A CG    1 
ATOM   950  C  CD    . LYS A 1 140 ? -3.278  10.530  7.935   1.00 15.88 ? 122 LYS A CD    1 
ATOM   951  C  CE    . LYS A 1 140 ? -2.241  10.772  6.886   1.00 9.20  ? 122 LYS A CE    1 
ATOM   952  N  NZ    . LYS A 1 140 ? -1.990  12.259  6.642   1.00 14.75 ? 122 LYS A NZ    1 
ATOM   953  N  N     . ILE A 1 141 ? -6.647  5.900   10.454  1.00 18.20 ? 123 ILE A N     1 
ATOM   954  C  CA    . ILE A 1 141 ? -7.900  5.703   11.230  1.00 21.42 ? 123 ILE A CA    1 
ATOM   955  C  C     . ILE A 1 141 ? -7.853  6.205   12.698  1.00 21.53 ? 123 ILE A C     1 
ATOM   956  O  O     . ILE A 1 141 ? -8.898  6.235   13.351  1.00 22.37 ? 123 ILE A O     1 
ATOM   957  C  CB    . ILE A 1 141 ? -8.350  4.259   11.495  1.00 22.20 ? 123 ILE A CB    1 
ATOM   958  C  CG1   . ILE A 1 141 ? -7.235  3.271   11.339  1.00 22.39 ? 123 ILE A CG1   1 
ATOM   959  C  CG2   . ILE A 1 141 ? -9.926  3.993   11.073  1.00 24.21 ? 123 ILE A CG2   1 
ATOM   960  C  CD1   . ILE A 1 141 ? -7.425  2.140   12.211  1.00 28.36 ? 123 ILE A CD1   1 
ATOM   961  N  N     . ASP A 1 142 ? -6.658  6.456   13.257  1.00 21.18 ? 124 ASP A N     1 
ATOM   962  C  CA    . ASP A 1 142 ? -6.559  7.096   14.578  1.00 20.40 ? 124 ASP A CA    1 
ATOM   963  C  C     . ASP A 1 142 ? -7.258  8.494   14.514  1.00 21.43 ? 124 ASP A C     1 
ATOM   964  O  O     . ASP A 1 142 ? -7.601  9.084   15.534  1.00 20.94 ? 124 ASP A O     1 
ATOM   965  C  CB    . ASP A 1 142 ? -5.060  7.250   14.974  1.00 20.81 ? 124 ASP A CB    1 
ATOM   966  C  CG    . ASP A 1 142 ? -4.239  7.981   13.906  1.00 20.37 ? 124 ASP A CG    1 
ATOM   967  O  OD1   . ASP A 1 142 ? -3.873  9.160   14.114  1.00 18.36 ? 124 ASP A OD1   1 
ATOM   968  O  OD2   . ASP A 1 142 ? -3.998  7.395   12.806  1.00 23.55 ? 124 ASP A OD2   1 
ATOM   969  N  N     . LEU A 1 143 ? -7.443  9.027   13.301  1.00 20.08 ? 125 LEU A N     1 
ATOM   970  C  CA    . LEU A 1 143 ? -8.146  10.308  13.070  1.00 19.09 ? 125 LEU A CA    1 
ATOM   971  C  C     . LEU A 1 143 ? -9.538  10.108  12.476  1.00 18.84 ? 125 LEU A C     1 
ATOM   972  O  O     . LEU A 1 143 ? -10.040 10.997  11.826  1.00 17.05 ? 125 LEU A O     1 
ATOM   973  C  CB    . LEU A 1 143 ? -7.356  11.191  12.116  1.00 17.35 ? 125 LEU A CB    1 
ATOM   974  C  CG    . LEU A 1 143 ? -5.856  11.438  12.306  1.00 19.04 ? 125 LEU A CG    1 
ATOM   975  C  CD1   . LEU A 1 143 ? -5.396  12.457  11.279  1.00 19.63 ? 125 LEU A CD1   1 
ATOM   976  C  CD2   . LEU A 1 143 ? -5.600  12.030  13.704  1.00 24.54 ? 125 LEU A CD2   1 
ATOM   977  N  N     . ALA A 1 144 ? -10.106 8.925   12.707  1.00 19.28 ? 126 ALA A N     1 
ATOM   978  C  CA    . ALA A 1 144 ? -11.488 8.544   12.396  1.00 21.56 ? 126 ALA A CA    1 
ATOM   979  C  C     . ALA A 1 144 ? -12.561 9.613   12.504  1.00 21.68 ? 126 ALA A C     1 
ATOM   980  O  O     . ALA A 1 144 ? -13.475 9.597   11.696  1.00 22.41 ? 126 ALA A O     1 
ATOM   981  C  CB    . ALA A 1 144 ? -11.924 7.337   13.271  1.00 21.53 ? 126 ALA A CB    1 
ATOM   982  N  N     . GLU A 1 145 ? -12.515 10.477  13.513  1.00 21.51 ? 127 GLU A N     1 
ATOM   983  C  CA    . GLU A 1 145 ? -13.588 11.428  13.740  1.00 22.03 ? 127 GLU A CA    1 
ATOM   984  C  C     . GLU A 1 145 ? -13.415 12.655  12.784  1.00 21.95 ? 127 GLU A C     1 
ATOM   985  O  O     . GLU A 1 145 ? -14.353 13.419  12.541  1.00 21.89 ? 127 GLU A O     1 
ATOM   986  C  CB    . GLU A 1 145 ? -13.617 11.867  15.205  1.00 23.05 ? 127 GLU A CB    1 
ATOM   987  C  CG    . GLU A 1 145 ? -14.147 10.820  16.163  1.00 22.75 ? 127 GLU A CG    1 
ATOM   988  C  CD    . GLU A 1 145 ? -14.310 11.294  17.619  1.00 24.06 ? 127 GLU A CD    1 
ATOM   989  O  OE1   . GLU A 1 145 ? -13.915 12.451  17.931  1.00 24.19 ? 127 GLU A OE1   1 
ATOM   990  O  OE2   . GLU A 1 145 ? -14.853 10.503  18.445  1.00 24.31 ? 127 GLU A OE2   1 
ATOM   991  N  N     . ARG A 1 146 ? -12.224 12.790  12.211  1.00 20.64 ? 128 ARG A N     1 
ATOM   992  C  CA    . ARG A 1 146 ? -11.947 13.787  11.141  1.00 19.58 ? 128 ARG A CA    1 
ATOM   993  C  C     . ARG A 1 146 ? -11.913 13.207  9.726   1.00 18.29 ? 128 ARG A C     1 
ATOM   994  O  O     . ARG A 1 146 ? -11.449 13.859  8.784   1.00 15.51 ? 128 ARG A O     1 
ATOM   995  C  CB    . ARG A 1 146 ? -10.631 14.455  11.412  1.00 21.28 ? 128 ARG A CB    1 
ATOM   996  C  CG    . ARG A 1 146 ? -10.628 15.127  12.786  1.00 24.26 ? 128 ARG A CG    1 
ATOM   997  C  CD    . ARG A 1 146 ? -9.230  15.554  13.107  1.00 26.21 ? 128 ARG A CD    1 
ATOM   998  N  NE    . ARG A 1 146 ? -8.926  16.719  12.294  1.00 31.42 ? 128 ARG A NE    1 
ATOM   999  C  CZ    . ARG A 1 146 ? -7.690  17.153  12.081  1.00 38.68 ? 128 ARG A CZ    1 
ATOM   1000 N  NH1   . ARG A 1 146 ? -6.651  16.491  12.612  1.00 41.38 ? 128 ARG A NH1   1 
ATOM   1001 N  NH2   . ARG A 1 146 ? -7.492  18.226  11.323  1.00 39.71 ? 128 ARG A NH2   1 
ATOM   1002 N  N     . ARG A 1 147 ? -12.381 11.972  9.576   1.00 17.46 ? 129 ARG A N     1 
ATOM   1003 C  CA    . ARG A 1 147 ? -12.521 11.434  8.213   1.00 19.23 ? 129 ARG A CA    1 
ATOM   1004 C  C     . ARG A 1 147 ? -13.502 12.240  7.370   1.00 19.02 ? 129 ARG A C     1 
ATOM   1005 O  O     . ARG A 1 147 ? -14.527 12.708  7.854   1.00 20.84 ? 129 ARG A O     1 
ATOM   1006 C  CB    . ARG A 1 147 ? -12.893 9.928   8.222   1.00 18.34 ? 129 ARG A CB    1 
ATOM   1007 C  CG    . ARG A 1 147 ? -14.258 9.557   8.748   1.00 20.44 ? 129 ARG A CG    1 
ATOM   1008 C  CD    . ARG A 1 147 ? -14.675 8.321   7.965   1.00 29.42 ? 129 ARG A CD    1 
ATOM   1009 N  NE    . ARG A 1 147 ? -14.116 7.165   8.604   1.00 30.20 ? 129 ARG A NE    1 
ATOM   1010 C  CZ    . ARG A 1 147 ? -13.599 6.086   8.026   1.00 24.32 ? 129 ARG A CZ    1 
ATOM   1011 N  NH1   . ARG A 1 147 ? -13.478 5.915   6.736   1.00 24.87 ? 129 ARG A NH1   1 
ATOM   1012 N  NH2   . ARG A 1 147 ? -13.121 5.180   8.813   1.00 17.68 ? 129 ARG A NH2   1 
ATOM   1013 N  N     . GLU A 1 148 ? -13.188 12.345  6.090   1.00 18.69 ? 130 GLU A N     1 
ATOM   1014 C  CA    . GLU A 1 148 ? -14.031 12.978  5.062   1.00 17.89 ? 130 GLU A CA    1 
ATOM   1015 C  C     . GLU A 1 148 ? -14.611 11.945  4.059   1.00 17.91 ? 130 GLU A C     1 
ATOM   1016 O  O     . GLU A 1 148 ? -15.482 12.250  3.220   1.00 18.24 ? 130 GLU A O     1 
ATOM   1017 C  CB    . GLU A 1 148 ? -13.205 14.010  4.336   1.00 16.46 ? 130 GLU A CB    1 
ATOM   1018 C  CG    . GLU A 1 148 ? -12.660 15.109  5.273   1.00 18.45 ? 130 GLU A CG    1 
ATOM   1019 C  CD    . GLU A 1 148 ? -11.865 16.138  4.491   1.00 25.99 ? 130 GLU A CD    1 
ATOM   1020 O  OE1   . GLU A 1 148 ? -11.622 15.922  3.287   1.00 23.17 ? 130 GLU A OE1   1 
ATOM   1021 O  OE2   . GLU A 1 148 ? -11.431 17.136  5.103   1.00 28.77 ? 130 GLU A OE2   1 
ATOM   1022 N  N     . VAL A 1 149 ? -14.125 10.724  4.149   1.00 16.80 ? 131 VAL A N     1 
ATOM   1023 C  CA    . VAL A 1 149 ? -14.737 9.616   3.404   1.00 16.50 ? 131 VAL A CA    1 
ATOM   1024 C  C     . VAL A 1 149 ? -15.233 8.604   4.424   1.00 16.60 ? 131 VAL A C     1 
ATOM   1025 O  O     . VAL A 1 149 ? -14.429 8.139   5.216   1.00 16.22 ? 131 VAL A O     1 
ATOM   1026 C  CB    . VAL A 1 149 ? -13.666 8.937   2.476   1.00 17.16 ? 131 VAL A CB    1 
ATOM   1027 C  CG1   . VAL A 1 149 ? -14.196 7.742   1.766   1.00 15.14 ? 131 VAL A CG1   1 
ATOM   1028 C  CG2   . VAL A 1 149 ? -12.937 9.994   1.554   1.00 15.43 ? 131 VAL A CG2   1 
ATOM   1029 N  N     . SER A 1 150 ? -16.536 8.277   4.399   1.00 16.42 ? 132 SER A N     1 
ATOM   1030 C  CA    . SER A 1 150 ? -17.136 7.385   5.379   1.00 17.98 ? 132 SER A CA    1 
ATOM   1031 C  C     . SER A 1 150 ? -16.681 5.946   5.126   1.00 18.46 ? 132 SER A C     1 
ATOM   1032 O  O     . SER A 1 150 ? -16.309 5.632   3.956   1.00 18.64 ? 132 SER A O     1 
ATOM   1033 C  CB    . SER A 1 150 ? -18.672 7.499   5.321   1.00 18.22 ? 132 SER A CB    1 
ATOM   1034 O  OG    . SER A 1 150 ? -19.192 6.935   4.137   1.00 17.21 ? 132 SER A OG    1 
ATOM   1035 N  N     . GLN A 1 151 ? -16.790 5.089   6.159   1.00 17.99 ? 133 GLN A N     1 
ATOM   1036 C  CA    . GLN A 1 151 ? -16.390 3.696   6.050   1.00 21.45 ? 133 GLN A CA    1 
ATOM   1037 C  C     . GLN A 1 151 ? -17.212 3.123   4.952   1.00 19.75 ? 133 GLN A C     1 
ATOM   1038 O  O     . GLN A 1 151 ? -16.678 2.454   4.078   1.00 17.56 ? 133 GLN A O     1 
ATOM   1039 C  CB    . GLN A 1 151 ? -16.684 2.831   7.283   1.00 21.47 ? 133 GLN A CB    1 
ATOM   1040 C  CG    . GLN A 1 151 ? -16.013 3.212   8.597   1.00 26.01 ? 133 GLN A CG    1 
ATOM   1041 C  CD    . GLN A 1 151 ? -16.216 2.125   9.659   1.00 26.90 ? 133 GLN A CD    1 
ATOM   1042 O  OE1   . GLN A 1 151 ? -15.862 0.940   9.441   1.00 28.40 ? 133 GLN A OE1   1 
ATOM   1043 N  NE2   . GLN A 1 151 ? -16.870 2.507   10.794  1.00 36.39 ? 133 GLN A NE2   1 
ATOM   1044 N  N     . GLN A 1 152 ? -18.514 3.386   4.982   1.00 19.92 ? 134 GLN A N     1 
ATOM   1045 C  CA    . GLN A 1 152 ? -19.355 2.836   3.933   1.00 21.98 ? 134 GLN A CA    1 
ATOM   1046 C  C     . GLN A 1 152 ? -19.014 3.239   2.516   1.00 21.20 ? 134 GLN A C     1 
ATOM   1047 O  O     . GLN A 1 152 ? -19.080 2.387   1.683   1.00 20.68 ? 134 GLN A O     1 
ATOM   1048 C  CB    . GLN A 1 152 ? -20.831 3.040   4.173   1.00 23.03 ? 134 GLN A CB    1 
ATOM   1049 C  CG    . GLN A 1 152 ? -21.350 1.981   5.108   1.00 32.00 ? 134 GLN A CG    1 
ATOM   1050 C  CD    . GLN A 1 152 ? -22.822 2.131   5.356   1.00 39.62 ? 134 GLN A CD    1 
ATOM   1051 O  OE1   . GLN A 1 152 ? -23.634 1.637   4.577   1.00 42.86 ? 134 GLN A OE1   1 
ATOM   1052 N  NE2   . GLN A 1 152 ? -23.186 2.798   6.465   1.00 44.94 ? 134 GLN A NE2   1 
ATOM   1053 N  N     . ARG A 1 153 ? -18.706 4.520   2.242   1.00 20.21 ? 135 ARG A N     1 
ATOM   1054 C  CA    . ARG A 1 153 ? -18.279 4.939   0.927   1.00 20.70 ? 135 ARG A CA    1 
ATOM   1055 C  C     . ARG A 1 153 ? -17.107 4.120   0.396   1.00 19.31 ? 135 ARG A C     1 
ATOM   1056 O  O     . ARG A 1 153 ? -17.071 3.726   -0.781  1.00 19.99 ? 135 ARG A O     1 
ATOM   1057 C  CB    . ARG A 1 153 ? -17.887 6.412   0.923   1.00 21.27 ? 135 ARG A CB    1 
ATOM   1058 C  CG    . ARG A 1 153 ? -18.559 7.167   -0.193  1.00 26.60 ? 135 ARG A CG    1 
ATOM   1059 C  CD    . ARG A 1 153 ? -17.649 8.135   -0.943  1.00 30.33 ? 135 ARG A CD    1 
ATOM   1060 N  NE    . ARG A 1 153 ? -17.464 9.289   -0.170  1.00 27.38 ? 135 ARG A NE    1 
ATOM   1061 C  CZ    . ARG A 1 153 ? -16.901 10.434  -0.527  1.00 28.36 ? 135 ARG A CZ    1 
ATOM   1062 N  NH1   . ARG A 1 153 ? -16.470 10.711  -1.744  1.00 26.75 ? 135 ARG A NH1   1 
ATOM   1063 N  NH2   . ARG A 1 153 ? -16.804 11.335  0.400   1.00 21.71 ? 135 ARG A NH2   1 
ATOM   1064 N  N     . ALA A 1 154 ? -16.102 3.938   1.256   1.00 19.30 ? 136 ALA A N     1 
ATOM   1065 C  CA    . ALA A 1 154 ? -14.868 3.246   0.918   1.00 18.15 ? 136 ALA A CA    1 
ATOM   1066 C  C     . ALA A 1 154 ? -15.153 1.783   0.683   1.00 19.14 ? 136 ALA A C     1 
ATOM   1067 O  O     . ALA A 1 154 ? -14.573 1.197   -0.198  1.00 17.49 ? 136 ALA A O     1 
ATOM   1068 C  CB    . ALA A 1 154 ? -13.876 3.388   2.056   1.00 17.15 ? 136 ALA A CB    1 
ATOM   1069 N  N     . GLU A 1 155 ? -16.041 1.190   1.478   1.00 19.37 ? 137 GLU A N     1 
ATOM   1070 C  CA    . GLU A 1 155 ? -16.313 -0.183  1.250   1.00 22.41 ? 137 GLU A CA    1 
ATOM   1071 C  C     . GLU A 1 155 ? -17.099 -0.397  -0.054  1.00 21.61 ? 137 GLU A C     1 
ATOM   1072 O  O     . GLU A 1 155 ? -16.932 -1.427  -0.678  1.00 21.46 ? 137 GLU A O     1 
ATOM   1073 C  CB    . GLU A 1 155 ? -17.051 -0.785  2.422   1.00 23.85 ? 137 GLU A CB    1 
ATOM   1074 C  CG    . GLU A 1 155 ? -16.202 -1.134  3.611   1.00 28.82 ? 137 GLU A CG    1 
ATOM   1075 C  CD    . GLU A 1 155 ? -17.142 -1.281  4.813   1.00 34.49 ? 137 GLU A CD    1 
ATOM   1076 O  OE1   . GLU A 1 155 ? -18.369 -1.311  4.593   1.00 35.39 ? 137 GLU A OE1   1 
ATOM   1077 O  OE2   . GLU A 1 155 ? -16.684 -1.339  5.952   1.00 34.93 ? 137 GLU A OE2   1 
ATOM   1078 N  N     . GLU A 1 156 ? -17.958 0.563   -0.419  1.00 20.09 ? 138 GLU A N     1 
ATOM   1079 C  CA    . GLU A 1 156 ? -18.786 0.479   -1.635  1.00 20.98 ? 138 GLU A CA    1 
ATOM   1080 C  C     . GLU A 1 156 ? -17.944 0.653   -2.885  1.00 19.83 ? 138 GLU A C     1 
ATOM   1081 O  O     . GLU A 1 156 ? -18.145 -0.044  -3.854  1.00 18.98 ? 138 GLU A O     1 
ATOM   1082 C  CB    . GLU A 1 156 ? -19.856 1.571   -1.629  1.00 21.16 ? 138 GLU A CB    1 
ATOM   1083 C  CG    . GLU A 1 156 ? -20.977 1.212   -0.663  1.00 25.56 ? 138 GLU A CG    1 
ATOM   1084 C  CD    . GLU A 1 156 ? -22.035 2.284   -0.583  1.00 27.59 ? 138 GLU A CD    1 
ATOM   1085 O  OE1   . GLU A 1 156 ? -21.813 3.438   -1.057  1.00 30.85 ? 138 GLU A OE1   1 
ATOM   1086 O  OE2   . GLU A 1 156 ? -23.079 1.972   -0.003  1.00 31.50 ? 138 GLU A OE2   1 
ATOM   1087 N  N     . PHE A 1 157 ? -17.003 1.607   -2.833  1.00 19.18 ? 139 PHE A N     1 
ATOM   1088 C  CA    . PHE A 1 157 ? -16.004 1.761   -3.870  1.00 18.58 ? 139 PHE A CA    1 
ATOM   1089 C  C     . PHE A 1 157 ? -15.186 0.471   -4.017  1.00 19.73 ? 139 PHE A C     1 
ATOM   1090 O  O     . PHE A 1 157 ? -14.987 -0.008  -5.115  1.00 20.32 ? 139 PHE A O     1 
ATOM   1091 C  CB    . PHE A 1 157 ? -15.088 2.972   -3.593  1.00 17.32 ? 139 PHE A CB    1 
ATOM   1092 C  CG    . PHE A 1 157 ? -13.988 3.093   -4.571  1.00 17.74 ? 139 PHE A CG    1 
ATOM   1093 C  CD1   . PHE A 1 157 ? -14.251 3.475   -5.886  1.00 15.65 ? 139 PHE A CD1   1 
ATOM   1094 C  CD2   . PHE A 1 157 ? -12.675 2.772   -4.186  1.00 17.26 ? 139 PHE A CD2   1 
ATOM   1095 C  CE1   . PHE A 1 157 ? -13.185 3.532   -6.852  1.00 14.79 ? 139 PHE A CE1   1 
ATOM   1096 C  CE2   . PHE A 1 157 ? -11.632 2.806   -5.149  1.00 17.02 ? 139 PHE A CE2   1 
ATOM   1097 C  CZ    . PHE A 1 157 ? -11.898 3.181   -6.451  1.00 14.84 ? 139 PHE A CZ    1 
ATOM   1098 N  N     . SER A 1 158 ? -14.713 -0.111  -2.916  1.00 19.87 ? 140 SER A N     1 
ATOM   1099 C  CA    . SER A 1 158 ? -13.933 -1.252  -3.127  1.00 21.92 ? 140 SER A CA    1 
ATOM   1100 C  C     . SER A 1 158 ? -14.653 -2.513  -3.499  1.00 21.29 ? 140 SER A C     1 
ATOM   1101 O  O     . SER A 1 158 ? -14.069 -3.338  -4.173  1.00 19.08 ? 140 SER A O     1 
ATOM   1102 C  CB    . SER A 1 158 ? -12.738 -1.434  -2.161  1.00 23.44 ? 140 SER A CB    1 
ATOM   1103 O  OG    . SER A 1 158 ? -13.075 -1.285  -0.833  1.00 30.24 ? 140 SER A OG    1 
ATOM   1104 N  N     . GLU A 1 159 ? -15.915 -2.653  -3.085  1.00 21.75 ? 141 GLU A N     1 
ATOM   1105 C  CA    . GLU A 1 159 ? -16.776 -3.771  -3.542  1.00 24.76 ? 141 GLU A CA    1 
ATOM   1106 C  C     . GLU A 1 159 ? -16.995 -3.700  -5.069  1.00 22.92 ? 141 GLU A C     1 
ATOM   1107 O  O     . GLU A 1 159 ? -16.867 -4.710  -5.747  1.00 21.73 ? 141 GLU A O     1 
ATOM   1108 C  CB    . GLU A 1 159 ? -18.082 -3.788  -2.723  1.00 23.92 ? 141 GLU A CB    1 
ATOM   1109 C  CG    . GLU A 1 159 ? -19.227 -4.563  -3.248  1.00 28.10 ? 141 GLU A CG    1 
ATOM   1110 C  CD    . GLU A 1 159 ? -20.579 -4.292  -2.448  1.00 32.54 ? 141 GLU A CD    1 
ATOM   1111 O  OE1   . GLU A 1 159 ? -21.141 -3.094  -2.441  1.00 34.26 ? 141 GLU A OE1   1 
ATOM   1112 O  OE2   . GLU A 1 159 ? -21.071 -5.328  -1.844  1.00 38.51 ? 141 GLU A OE2   1 
ATOM   1113 N  N     . ALA A 1 160 ? -17.223 -2.482  -5.585  1.00 22.10 ? 142 ALA A N     1 
ATOM   1114 C  CA    . ALA A 1 160 ? -17.311 -2.188  -7.002  1.00 22.55 ? 142 ALA A CA    1 
ATOM   1115 C  C     . ALA A 1 160 ? -16.051 -2.545  -7.810  1.00 23.34 ? 142 ALA A C     1 
ATOM   1116 O  O     . ALA A 1 160 ? -16.153 -2.905  -8.991  1.00 22.48 ? 142 ALA A O     1 
ATOM   1117 C  CB    . ALA A 1 160 ? -17.595 -0.739  -7.197  1.00 21.27 ? 142 ALA A CB    1 
ATOM   1118 N  N     . GLN A 1 161 ? -14.877 -2.372  -7.185  1.00 23.74 ? 143 GLN A N     1 
ATOM   1119 C  CA    . GLN A 1 161 ? -13.576 -2.637  -7.821  1.00 24.22 ? 143 GLN A CA    1 
ATOM   1120 C  C     . GLN A 1 161 ? -13.100 -4.071  -7.650  1.00 25.62 ? 143 GLN A C     1 
ATOM   1121 O  O     . GLN A 1 161 ? -12.070 -4.479  -8.217  1.00 26.88 ? 143 GLN A O     1 
ATOM   1122 C  CB    . GLN A 1 161 ? -12.542 -1.649  -7.301  1.00 23.99 ? 143 GLN A CB    1 
ATOM   1123 C  CG    . GLN A 1 161 ? -12.828 -0.170  -7.732  1.00 23.00 ? 143 GLN A CG    1 
ATOM   1124 C  CD    . GLN A 1 161 ? -12.880 -0.029  -9.231  1.00 25.97 ? 143 GLN A CD    1 
ATOM   1125 O  OE1   . GLN A 1 161 ? -12.081 -0.613  -9.913  1.00 28.59 ? 143 GLN A OE1   1 
ATOM   1126 N  NE2   . GLN A 1 161 ? -13.841 0.719   -9.749  1.00 27.06 ? 143 GLN A NE2   1 
ATOM   1127 N  N     . ASP A 1 162 ? -13.829 -4.838  -6.851  1.00 25.30 ? 144 ASP A N     1 
ATOM   1128 C  CA    . ASP A 1 162 ? -13.408 -6.200  -6.462  1.00 25.88 ? 144 ASP A CA    1 
ATOM   1129 C  C     . ASP A 1 162 ? -12.043 -6.220  -5.797  1.00 24.68 ? 144 ASP A C     1 
ATOM   1130 O  O     . ASP A 1 162 ? -11.148 -7.051  -6.084  1.00 23.98 ? 144 ASP A O     1 
ATOM   1131 C  CB    . ASP A 1 162 ? -13.526 -7.248  -7.573  1.00 26.89 ? 144 ASP A CB    1 
ATOM   1132 C  CG    . ASP A 1 162 ? -13.545 -8.666  -7.022  1.00 30.46 ? 144 ASP A CG    1 
ATOM   1133 O  OD1   . ASP A 1 162 ? -13.729 -9.584  -7.840  1.00 36.42 ? 144 ASP A OD1   1 
ATOM   1134 O  OD2   . ASP A 1 162 ? -13.359 -8.894  -5.779  1.00 29.03 ? 144 ASP A OD2   1 
ATOM   1135 N  N     . MET A 1 163 ? -11.911 -5.303  -4.852  1.00 22.74 ? 145 MET A N     1 
ATOM   1136 C  CA    . MET A 1 163 ? -10.633 -5.028  -4.270  1.00 22.37 ? 145 MET A CA    1 
ATOM   1137 C  C     . MET A 1 163 ? -10.752 -5.202  -2.765  1.00 20.89 ? 145 MET A C     1 
ATOM   1138 O  O     . MET A 1 163 ? -11.705 -4.726  -2.155  1.00 20.20 ? 145 MET A O     1 
ATOM   1139 C  CB    . MET A 1 163 ? -10.274 -3.611  -4.687  1.00 21.33 ? 145 MET A CB    1 
ATOM   1140 C  CG    . MET A 1 163 ? -8.917  -3.185  -4.261  1.00 24.42 ? 145 MET A CG    1 
ATOM   1141 S  SD    . MET A 1 163 ? -8.519  -1.673  -5.187  1.00 25.74 ? 145 MET A SD    1 
ATOM   1142 C  CE    . MET A 1 163 ? -6.846  -1.545  -4.843  1.00 30.40 ? 145 MET A CE    1 
ATOM   1143 N  N     . TYR A 1 164 ? -9.805  -5.930  -2.184  1.00 21.04 ? 146 TYR A N     1 
ATOM   1144 C  CA    . TYR A 1 164 ? -9.626  -6.027  -0.730  1.00 21.89 ? 146 TYR A CA    1 
ATOM   1145 C  C     . TYR A 1 164 ? -9.372  -4.638  -0.136  1.00 21.68 ? 146 TYR A C     1 
ATOM   1146 O  O     . TYR A 1 164 ? -8.580  -3.883  -0.679  1.00 20.44 ? 146 TYR A O     1 
ATOM   1147 C  CB    . TYR A 1 164 ? -8.456  -6.933  -0.393  1.00 23.34 ? 146 TYR A CB    1 
ATOM   1148 C  CG    . TYR A 1 164 ? -8.266  -7.110  1.101   1.00 27.71 ? 146 TYR A CG    1 
ATOM   1149 C  CD1   . TYR A 1 164 ? -9.308  -7.621  1.911   1.00 29.80 ? 146 TYR A CD1   1 
ATOM   1150 C  CD2   . TYR A 1 164 ? -7.072  -6.737  1.715   1.00 25.97 ? 146 TYR A CD2   1 
ATOM   1151 C  CE1   . TYR A 1 164 ? -9.138  -7.727  3.304   1.00 30.78 ? 146 TYR A CE1   1 
ATOM   1152 C  CE2   . TYR A 1 164 ? -6.877  -6.900  3.060   1.00 28.19 ? 146 TYR A CE2   1 
ATOM   1153 C  CZ    . TYR A 1 164 ? -7.912  -7.399  3.852   1.00 29.21 ? 146 TYR A CZ    1 
ATOM   1154 O  OH    . TYR A 1 164 ? -7.723  -7.498  5.212   1.00 32.89 ? 146 TYR A OH    1 
ATOM   1155 N  N     . TYR A 1 165 ? -10.066 -4.323  0.954   1.00 20.49 ? 147 TYR A N     1 
ATOM   1156 C  CA    . TYR A 1 165 ? -9.963  -3.015  1.585   1.00 19.97 ? 147 TYR A CA    1 
ATOM   1157 C  C     . TYR A 1 165 ? -9.664  -3.141  3.090   1.00 19.61 ? 147 TYR A C     1 
ATOM   1158 O  O     . TYR A 1 165 ? -10.251 -3.953  3.749   1.00 18.87 ? 147 TYR A O     1 
ATOM   1159 C  CB    . TYR A 1 165 ? -11.269 -2.243  1.367   1.00 20.89 ? 147 TYR A CB    1 
ATOM   1160 C  CG    . TYR A 1 165 ? -11.291 -0.884  2.056   1.00 21.74 ? 147 TYR A CG    1 
ATOM   1161 C  CD1   . TYR A 1 165 ? -10.306 0.079   1.781   1.00 22.46 ? 147 TYR A CD1   1 
ATOM   1162 C  CD2   . TYR A 1 165 ? -12.268 -0.579  3.013   1.00 22.96 ? 147 TYR A CD2   1 
ATOM   1163 C  CE1   . TYR A 1 165 ? -10.298 1.337   2.419   1.00 21.09 ? 147 TYR A CE1   1 
ATOM   1164 C  CE2   . TYR A 1 165 ? -12.263 0.694   3.665   1.00 22.65 ? 147 TYR A CE2   1 
ATOM   1165 C  CZ    . TYR A 1 165 ? -11.281 1.610   3.352   1.00 16.39 ? 147 TYR A CZ    1 
ATOM   1166 O  OH    . TYR A 1 165 ? -11.302 2.816   3.955   1.00 21.64 ? 147 TYR A OH    1 
ATOM   1167 N  N     . LEU A 1 166 ? -8.692  -2.374  3.586   1.00 19.75 ? 148 LEU A N     1 
ATOM   1168 C  CA    . LEU A 1 166 ? -8.349  -2.357  5.010   1.00 18.84 ? 148 LEU A CA    1 
ATOM   1169 C  C     . LEU A 1 166 ? -8.055  -0.909  5.420   1.00 19.04 ? 148 LEU A C     1 
ATOM   1170 O  O     . LEU A 1 166 ? -7.540  -0.108  4.596   1.00 18.36 ? 148 LEU A O     1 
ATOM   1171 C  CB    . LEU A 1 166 ? -7.098  -3.196  5.229   1.00 19.49 ? 148 LEU A CB    1 
ATOM   1172 C  CG    . LEU A 1 166 ? -6.672  -3.537  6.673   1.00 18.83 ? 148 LEU A CG    1 
ATOM   1173 C  CD1   . LEU A 1 166 ? -7.757  -4.415  7.411   1.00 20.52 ? 148 LEU A CD1   1 
ATOM   1174 C  CD2   . LEU A 1 166 ? -5.334  -4.203  6.572   1.00 25.21 ? 148 LEU A CD2   1 
ATOM   1175 N  N     . GLU A 1 167 ? -8.471  -0.577  6.643   1.00 17.36 ? 149 GLU A N     1 
ATOM   1176 C  CA    . GLU A 1 167 ? -8.200  0.677   7.266   1.00 17.88 ? 149 GLU A CA    1 
ATOM   1177 C  C     . GLU A 1 167 ? -7.095  0.579   8.308   1.00 16.61 ? 149 GLU A C     1 
ATOM   1178 O  O     . GLU A 1 167 ? -7.119  -0.285  9.254   1.00 16.69 ? 149 GLU A O     1 
ATOM   1179 C  CB    . GLU A 1 167 ? -9.495  1.315   7.829   1.00 18.32 ? 149 GLU A CB    1 
ATOM   1180 C  CG    . GLU A 1 167 ? -10.327 1.831   6.679   1.00 20.32 ? 149 GLU A CG    1 
ATOM   1181 C  CD    . GLU A 1 167 ? -11.579 2.594   7.129   1.00 25.32 ? 149 GLU A CD    1 
ATOM   1182 O  OE1   . GLU A 1 167 ? -11.881 2.537   8.370   1.00 21.93 ? 149 GLU A OE1   1 
ATOM   1183 O  OE2   . GLU A 1 167 ? -12.201 3.245   6.218   1.00 23.50 ? 149 GLU A OE2   1 
ATOM   1184 N  N     . THR A 1 168 ? -6.087  1.403   8.092   1.00 14.98 ? 150 THR A N     1 
ATOM   1185 C  CA    . THR A 1 168 ? -4.867  1.305   8.866   1.00 15.76 ? 150 THR A CA    1 
ATOM   1186 C  C     . THR A 1 168 ? -4.585  2.537   9.674   1.00 16.05 ? 150 THR A C     1 
ATOM   1187 O  O     . THR A 1 168 ? -5.136  3.567   9.379   1.00 17.12 ? 150 THR A O     1 
ATOM   1188 C  CB    . THR A 1 168 ? -3.618  1.111   7.923   1.00 14.60 ? 150 THR A CB    1 
ATOM   1189 O  OG1   . THR A 1 168 ? -3.562  2.212   6.985   1.00 18.66 ? 150 THR A OG1   1 
ATOM   1190 C  CG2   . THR A 1 168 ? -3.730  -0.173  7.179   1.00 14.97 ? 150 THR A CG2   1 
ATOM   1191 N  N     . SER A 1 169 ? -3.697  2.398   10.673  1.00 17.46 ? 151 SER A N     1 
ATOM   1192 C  CA    . SER A 1 169 ? -2.963  3.525   11.293  1.00 16.96 ? 151 SER A CA    1 
ATOM   1193 C  C     . SER A 1 169 ? -1.471  3.189   11.457  1.00 17.00 ? 151 SER A C     1 
ATOM   1194 O  O     . SER A 1 169 ? -1.055  2.436   12.356  1.00 15.76 ? 151 SER A O     1 
ATOM   1195 C  CB    . SER A 1 169 ? -3.493  3.881   12.718  1.00 17.54 ? 151 SER A CB    1 
ATOM   1196 O  OG    . SER A 1 169 ? -2.781  5.019   13.243  1.00 14.37 ? 151 SER A OG    1 
ATOM   1197 N  N     . ALA A 1 170 ? -0.670  3.782   10.608  1.00 17.98 ? 152 ALA A N     1 
ATOM   1198 C  CA    . ALA A 1 170 ? 0.815   3.725   10.741  1.00 18.19 ? 152 ALA A CA    1 
ATOM   1199 C  C     . ALA A 1 170 ? 1.208   4.283   12.139  1.00 19.21 ? 152 ALA A C     1 
ATOM   1200 O  O     . ALA A 1 170 ? 2.140   3.793   12.800  1.00 18.53 ? 152 ALA A O     1 
ATOM   1201 C  CB    . ALA A 1 170 ? 1.416   4.627   9.636   1.00 16.22 ? 152 ALA A CB    1 
ATOM   1202 N  N     . LYS A 1 171 ? 0.473   5.318   12.563  1.00 19.90 ? 153 LYS A N     1 
ATOM   1203 C  CA    . LYS A 1 171 ? 0.776   6.079   13.766  1.00 22.64 ? 153 LYS A CA    1 
ATOM   1204 C  C     . LYS A 1 171 ? 0.582   5.217   14.980  1.00 22.62 ? 153 LYS A C     1 
ATOM   1205 O  O     . LYS A 1 171 ? 1.502   5.027   15.755  1.00 22.57 ? 153 LYS A O     1 
ATOM   1206 C  CB    . LYS A 1 171 ? -0.065  7.340   13.845  1.00 22.08 ? 153 LYS A CB    1 
ATOM   1207 C  CG    . LYS A 1 171 ? 0.679   8.471   14.385  1.00 27.65 ? 153 LYS A CG    1 
ATOM   1208 C  CD    . LYS A 1 171 ? 0.337   8.674   15.839  1.00 30.80 ? 153 LYS A CD    1 
ATOM   1209 C  CE    . LYS A 1 171 ? -0.418  9.969   15.996  1.00 39.28 ? 153 LYS A CE    1 
ATOM   1210 N  NZ    . LYS A 1 171 ? 0.486   11.129  15.679  1.00 40.08 ? 153 LYS A NZ    1 
ATOM   1211 N  N     . GLU A 1 172 ? -0.617  4.694   15.121  1.00 21.91 ? 154 GLU A N     1 
ATOM   1212 C  CA    . GLU A 1 172 ? -0.959  3.845   16.231  1.00 22.61 ? 154 GLU A CA    1 
ATOM   1213 C  C     . GLU A 1 172 ? -0.844  2.350   16.001  1.00 21.70 ? 154 GLU A C     1 
ATOM   1214 O  O     . GLU A 1 172 ? -1.147  1.614   16.921  1.00 24.09 ? 154 GLU A O     1 
ATOM   1215 C  CB    . GLU A 1 172 ? -2.369  4.235   16.718  1.00 23.00 ? 154 GLU A CB    1 
ATOM   1216 C  CG    . GLU A 1 172 ? -2.370  5.680   17.301  1.00 25.32 ? 154 GLU A CG    1 
ATOM   1217 C  CD    . GLU A 1 172 ? -3.746  6.172   17.774  1.00 27.31 ? 154 GLU A CD    1 
ATOM   1218 O  OE1   . GLU A 1 172 ? -4.605  5.370   18.231  1.00 34.40 ? 154 GLU A OE1   1 
ATOM   1219 O  OE2   . GLU A 1 172 ? -3.973  7.400   17.654  1.00 36.17 ? 154 GLU A OE2   1 
ATOM   1220 N  N     . SER A 1 173 ? -0.348  1.903   14.834  1.00 20.86 ? 155 SER A N     1 
ATOM   1221 C  CA    . SER A 1 173 ? -0.132  0.442   14.442  1.00 21.13 ? 155 SER A CA    1 
ATOM   1222 C  C     . SER A 1 173 ? -1.335  -0.364  13.963  1.00 21.19 ? 155 SER A C     1 
ATOM   1223 O  O     . SER A 1 173 ? -1.207  -1.522  13.524  1.00 20.82 ? 155 SER A O     1 
ATOM   1224 C  CB    . SER A 1 173 ? 0.723   -0.358  15.462  1.00 22.43 ? 155 SER A CB    1 
ATOM   1225 O  OG    . SER A 1 173 ? -0.055  -1.067  16.433  1.00 25.39 ? 155 SER A OG    1 
ATOM   1226 N  N     . ASP A 1 174 ? -2.533  0.196   14.105  1.00 20.71 ? 156 ASP A N     1 
ATOM   1227 C  CA    . ASP A 1 174 ? -3.773  -0.527  13.703  1.00 21.05 ? 156 ASP A CA    1 
ATOM   1228 C  C     . ASP A 1 174 ? -3.644  -1.089  12.304  1.00 19.73 ? 156 ASP A C     1 
ATOM   1229 O  O     . ASP A 1 174 ? -3.541  -0.304  11.342  1.00 20.19 ? 156 ASP A O     1 
ATOM   1230 C  CB    . ASP A 1 174 ? -4.953  0.441   13.643  1.00 19.51 ? 156 ASP A CB    1 
ATOM   1231 C  CG    . ASP A 1 174 ? -5.272  1.062   14.966  1.00 25.75 ? 156 ASP A CG    1 
ATOM   1232 O  OD1   . ASP A 1 174 ? -4.380  1.540   15.700  1.00 26.60 ? 156 ASP A OD1   1 
ATOM   1233 O  OD2   . ASP A 1 174 ? -6.473  1.109   15.249  1.00 32.71 ? 156 ASP A OD2   1 
ATOM   1234 N  N     . ASN A 1 175 ? -3.655  -2.438  12.219  1.00 21.03 ? 157 ASN A N     1 
ATOM   1235 C  CA    . ASN A 1 175 ? -3.713  -3.247  10.977  1.00 21.55 ? 157 ASN A CA    1 
ATOM   1236 C  C     . ASN A 1 175 ? -2.522  -3.157  10.058  1.00 21.39 ? 157 ASN A C     1 
ATOM   1237 O  O     . ASN A 1 175 ? -2.616  -3.633  8.936   1.00 21.58 ? 157 ASN A O     1 
ATOM   1238 C  CB    . ASN A 1 175 ? -4.973  -2.962  10.125  1.00 20.28 ? 157 ASN A CB    1 
ATOM   1239 C  CG    . ASN A 1 175 ? -6.282  -3.444  10.769  1.00 24.77 ? 157 ASN A CG    1 
ATOM   1240 O  OD1   . ASN A 1 175 ? -6.327  -4.460  11.497  1.00 26.16 ? 157 ASN A OD1   1 
ATOM   1241 N  ND2   . ASN A 1 175 ? -7.344  -2.673  10.554  1.00 21.35 ? 157 ASN A ND2   1 
ATOM   1242 N  N     . VAL A 1 176 ? -1.391  -2.602  10.539  1.00 21.91 ? 158 VAL A N     1 
ATOM   1243 C  CA    . VAL A 1 176 ? -0.203  -2.422  9.687   1.00 21.86 ? 158 VAL A CA    1 
ATOM   1244 C  C     . VAL A 1 176 ? 0.444   -3.775  9.445   1.00 23.78 ? 158 VAL A C     1 
ATOM   1245 O  O     . VAL A 1 176 ? 0.711   -4.113  8.279   1.00 21.36 ? 158 VAL A O     1 
ATOM   1246 C  CB    . VAL A 1 176 ? 0.842   -1.420  10.257  1.00 22.75 ? 158 VAL A CB    1 
ATOM   1247 C  CG1   . VAL A 1 176 ? 2.031   -1.295  9.302   1.00 22.69 ? 158 VAL A CG1   1 
ATOM   1248 C  CG2   . VAL A 1 176 ? 0.208   -0.031  10.495  1.00 18.69 ? 158 VAL A CG2   1 
ATOM   1249 N  N     . GLU A 1 177 ? 0.642   -4.565  10.523  1.00 24.13 ? 159 GLU A N     1 
ATOM   1250 C  CA    . GLU A 1 177 ? 1.166   -5.935  10.352  1.00 27.89 ? 159 GLU A CA    1 
ATOM   1251 C  C     . GLU A 1 177 ? 0.228   -6.807  9.487   1.00 26.99 ? 159 GLU A C     1 
ATOM   1252 O  O     . GLU A 1 177 ? 0.640   -7.413  8.513   1.00 28.45 ? 159 GLU A O     1 
ATOM   1253 C  CB    . GLU A 1 177 ? 1.476   -6.602  11.707  1.00 25.93 ? 159 GLU A CB    1 
ATOM   1254 C  CG    . GLU A 1 177 ? 2.483   -7.759  11.676  1.00 37.44 ? 159 GLU A CG    1 
ATOM   1255 C  CD    . GLU A 1 177 ? 3.950   -7.340  11.345  1.00 44.83 ? 159 GLU A CD    1 
ATOM   1256 O  OE1   . GLU A 1 177 ? 4.813   -8.237  11.159  1.00 49.65 ? 159 GLU A OE1   1 
ATOM   1257 O  OE2   . GLU A 1 177 ? 4.248   -6.123  11.266  1.00 48.94 ? 159 GLU A OE2   1 
ATOM   1258 N  N     . LYS A 1 178 ? -1.045  -6.822  9.840   1.00 26.83 ? 160 LYS A N     1 
ATOM   1259 C  CA    . LYS A 1 178 ? -2.054  -7.565  9.095   1.00 26.04 ? 160 LYS A CA    1 
ATOM   1260 C  C     . LYS A 1 178 ? -2.055  -7.275  7.609   1.00 24.79 ? 160 LYS A C     1 
ATOM   1261 O  O     . LYS A 1 178 ? -2.171  -8.205  6.794   1.00 24.90 ? 160 LYS A O     1 
ATOM   1262 C  CB    . LYS A 1 178 ? -3.446  -7.342  9.689   1.00 27.02 ? 160 LYS A CB    1 
ATOM   1263 C  CG    . LYS A 1 178 ? -4.574  -7.884  8.864   1.00 27.09 ? 160 LYS A CG    1 
ATOM   1264 C  CD    . LYS A 1 178 ? -5.862  -7.717  9.610   1.00 30.78 ? 160 LYS A CD    1 
ATOM   1265 C  CE    . LYS A 1 178 ? -6.919  -8.496  8.881   1.00 34.89 ? 160 LYS A CE    1 
ATOM   1266 N  NZ    . LYS A 1 178 ? -8.094  -7.624  8.873   1.00 39.86 ? 160 LYS A NZ    1 
ATOM   1267 N  N     . LEU A 1 179 ? -1.940  -5.996  7.249   1.00 23.21 ? 161 LEU A N     1 
ATOM   1268 C  CA    . LEU A 1 179 ? -1.873  -5.600  5.852   1.00 20.38 ? 161 LEU A CA    1 
ATOM   1269 C  C     . LEU A 1 179 ? -0.872  -6.480  5.061   1.00 20.52 ? 161 LEU A C     1 
ATOM   1270 O  O     . LEU A 1 179 ? -1.225  -7.113  4.104   1.00 19.92 ? 161 LEU A O     1 
ATOM   1271 C  CB    . LEU A 1 179 ? -1.473  -4.106  5.747   1.00 18.63 ? 161 LEU A CB    1 
ATOM   1272 C  CG    . LEU A 1 179 ? -1.181  -3.514  4.383   1.00 16.60 ? 161 LEU A CG    1 
ATOM   1273 C  CD1   . LEU A 1 179 ? -2.267  -3.822  3.258   1.00 14.96 ? 161 LEU A CD1   1 
ATOM   1274 C  CD2   . LEU A 1 179 ? -0.971  -2.037  4.531   1.00 19.12 ? 161 LEU A CD2   1 
ATOM   1275 N  N     . PHE A 1 180 ? 0.392   -6.488  5.477   1.00 22.41 ? 162 PHE A N     1 
ATOM   1276 C  CA    . PHE A 1 180 ? 1.432   -7.116  4.685   1.00 21.83 ? 162 PHE A CA    1 
ATOM   1277 C  C     . PHE A 1 180 ? 1.403   -8.623  4.905   1.00 23.35 ? 162 PHE A C     1 
ATOM   1278 O  O     . PHE A 1 180 ? 1.721   -9.359  3.980   1.00 24.04 ? 162 PHE A O     1 
ATOM   1279 C  CB    . PHE A 1 180 ? 2.818   -6.615  5.049   1.00 21.56 ? 162 PHE A CB    1 
ATOM   1280 C  CG    . PHE A 1 180 ? 3.063   -5.154  4.748   1.00 21.51 ? 162 PHE A CG    1 
ATOM   1281 C  CD1   . PHE A 1 180 ? 2.700   -4.163  5.698   1.00 17.80 ? 162 PHE A CD1   1 
ATOM   1282 C  CD2   . PHE A 1 180 ? 3.694   -4.752  3.560   1.00 20.14 ? 162 PHE A CD2   1 
ATOM   1283 C  CE1   . PHE A 1 180 ? 2.920   -2.813  5.452   1.00 16.25 ? 162 PHE A CE1   1 
ATOM   1284 C  CE2   . PHE A 1 180 ? 3.942   -3.326  3.340   1.00 18.78 ? 162 PHE A CE2   1 
ATOM   1285 C  CZ    . PHE A 1 180 ? 3.505   -2.400  4.274   1.00 16.03 ? 162 PHE A CZ    1 
ATOM   1286 N  N     . LEU A 1 181 ? 1.039   -9.086  6.099   1.00 24.99 ? 163 LEU A N     1 
ATOM   1287 C  CA    . LEU A 1 181 ? 1.027   -10.549 6.335   1.00 26.38 ? 163 LEU A CA    1 
ATOM   1288 C  C     . LEU A 1 181 ? -0.128  -11.230 5.648   1.00 26.81 ? 163 LEU A C     1 
ATOM   1289 O  O     . LEU A 1 181 ? 0.005   -12.344 5.146   1.00 26.88 ? 163 LEU A O     1 
ATOM   1290 C  CB    . LEU A 1 181 ? 1.091   -10.933 7.807   1.00 27.36 ? 163 LEU A CB    1 
ATOM   1291 C  CG    . LEU A 1 181 ? 1.993   -10.159 8.805   1.00 29.70 ? 163 LEU A CG    1 
ATOM   1292 C  CD1   . LEU A 1 181 ? 1.476   -10.375 10.204  1.00 32.88 ? 163 LEU A CD1   1 
ATOM   1293 C  CD2   . LEU A 1 181 ? 3.473   -10.506 8.699   1.00 32.11 ? 163 LEU A CD2   1 
ATOM   1294 N  N     . ASP A 1 182 ? -1.281  -10.570 5.588   1.00 27.45 ? 164 ASP A N     1 
ATOM   1295 C  CA    . ASP A 1 182 ? -2.342  -11.144 4.802   1.00 27.76 ? 164 ASP A CA    1 
ATOM   1296 C  C     . ASP A 1 182 ? -2.054  -11.094 3.297   1.00 27.73 ? 164 ASP A C     1 
ATOM   1297 O  O     . ASP A 1 182 ? -2.514  -11.961 2.556   1.00 26.46 ? 164 ASP A O     1 
ATOM   1298 C  CB    . ASP A 1 182 ? -3.679  -10.462 5.066   1.00 29.82 ? 164 ASP A CB    1 
ATOM   1299 C  CG    . ASP A 1 182 ? -4.254  -10.751 6.428   1.00 29.40 ? 164 ASP A CG    1 
ATOM   1300 O  OD1   . ASP A 1 182 ? -3.622  -11.394 7.327   1.00 31.70 ? 164 ASP A OD1   1 
ATOM   1301 O  OD2   . ASP A 1 182 ? -5.377  -10.271 6.593   1.00 31.78 ? 164 ASP A OD2   1 
ATOM   1302 N  N     . LEU A 1 183 ? -1.326  -10.076 2.827   1.00 26.72 ? 165 LEU A N     1 
ATOM   1303 C  CA    . LEU A 1 183 ? -1.020  -9.963  1.393   1.00 26.36 ? 165 LEU A CA    1 
ATOM   1304 C  C     . LEU A 1 183 ? 0.009   -11.038 0.984   1.00 26.07 ? 165 LEU A C     1 
ATOM   1305 O  O     . LEU A 1 183 ? -0.087  -11.598 -0.094  1.00 25.74 ? 165 LEU A O     1 
ATOM   1306 C  CB    . LEU A 1 183 ? -0.519  -8.524  1.029   1.00 26.53 ? 165 LEU A CB    1 
ATOM   1307 C  CG    . LEU A 1 183 ? -0.154  -8.093  -0.398  1.00 28.21 ? 165 LEU A CG    1 
ATOM   1308 C  CD1   . LEU A 1 183 ? -1.294  -8.304  -1.445  1.00 29.71 ? 165 LEU A CD1   1 
ATOM   1309 C  CD2   . LEU A 1 183 ? 0.327   -6.623  -0.447  1.00 26.63 ? 165 LEU A CD2   1 
ATOM   1310 N  N     . ALA A 1 184 ? 0.991   -11.284 1.849   1.00 27.06 ? 166 ALA A N     1 
ATOM   1311 C  CA    . ALA A 1 184 ? 1.968   -12.330 1.684   1.00 28.26 ? 166 ALA A CA    1 
ATOM   1312 C  C     . ALA A 1 184 ? 1.299   -13.687 1.568   1.00 30.07 ? 166 ALA A C     1 
ATOM   1313 O  O     . ALA A 1 184 ? 1.635   -14.457 0.642   1.00 28.99 ? 166 ALA A O     1 
ATOM   1314 C  CB    . ALA A 1 184 ? 2.965   -12.319 2.837   1.00 28.16 ? 166 ALA A CB    1 
ATOM   1315 N  N     . CYS A 1 185 ? 0.386   -13.974 2.503   1.00 32.34 ? 167 CYS A N     1 
ATOM   1316 C  CA    . CYS A 1 185 ? -0.411  -15.226 2.509   1.00 33.74 ? 167 CYS A CA    1 
ATOM   1317 C  C     . CYS A 1 185 ? -1.186  -15.431 1.224   1.00 34.36 ? 167 CYS A C     1 
ATOM   1318 O  O     . CYS A 1 185 ? -1.285  -16.572 0.732   1.00 35.48 ? 167 CYS A O     1 
ATOM   1319 C  CB    . CYS A 1 185 ? -1.380  -15.278 3.686   1.00 33.19 ? 167 CYS A CB    1 
ATOM   1320 S  SG    . CYS A 1 185 ? -2.671  -16.562 3.518   1.00 37.91 ? 167 CYS A SG    1 
ATOM   1321 N  N     . ARG A 1 186 ? -1.728  -14.341 0.669   1.00 34.03 ? 168 ARG A N     1 
ATOM   1322 C  CA    . ARG A 1 186 ? -2.482  -14.396 -0.567  1.00 34.34 ? 168 ARG A CA    1 
ATOM   1323 C  C     . ARG A 1 186 ? -1.576  -14.504 -1.810  1.00 33.57 ? 168 ARG A C     1 
ATOM   1324 O  O     . ARG A 1 186 ? -1.985  -15.035 -2.859  1.00 33.44 ? 168 ARG A O     1 
ATOM   1325 C  CB    . ARG A 1 186 ? -3.423  -13.204 -0.662  1.00 35.28 ? 168 ARG A CB    1 
ATOM   1326 C  CG    . ARG A 1 186 ? -4.401  -13.130 0.551   1.00 40.25 ? 168 ARG A CG    1 
ATOM   1327 C  CD    . ARG A 1 186 ? -5.635  -14.082 0.382   1.00 48.06 ? 168 ARG A CD    1 
ATOM   1328 N  NE    . ARG A 1 186 ? -6.877  -13.351 0.055   1.00 51.66 ? 168 ARG A NE    1 
ATOM   1329 C  CZ    . ARG A 1 186 ? -7.951  -13.874 -0.542  1.00 53.32 ? 168 ARG A CZ    1 
ATOM   1330 N  NH1   . ARG A 1 186 ? -7.966  -15.152 -0.927  1.00 51.32 ? 168 ARG A NH1   1 
ATOM   1331 N  NH2   . ARG A 1 186 ? -9.012  -13.100 -0.770  1.00 54.65 ? 168 ARG A NH2   1 
ATOM   1332 N  N     . LEU A 1 187 ? -0.346  -14.003 -1.681  1.00 31.76 ? 169 LEU A N     1 
ATOM   1333 C  CA    . LEU A 1 187 ? 0.656   -14.150 -2.716  1.00 30.45 ? 169 LEU A CA    1 
ATOM   1334 C  C     . LEU A 1 187 ? 1.174   -15.569 -2.771  1.00 31.17 ? 169 LEU A C     1 
ATOM   1335 O  O     . LEU A 1 187 ? 1.419   -16.068 -3.868  1.00 31.35 ? 169 LEU A O     1 
ATOM   1336 C  CB    . LEU A 1 187 ? 1.800   -13.152 -2.539  1.00 30.21 ? 169 LEU A CB    1 
ATOM   1337 C  CG    . LEU A 1 187 ? 1.412   -11.710 -2.884  1.00 27.17 ? 169 LEU A CG    1 
ATOM   1338 C  CD1   . LEU A 1 187 ? 2.442   -10.695 -2.471  1.00 25.98 ? 169 LEU A CD1   1 
ATOM   1339 C  CD2   . LEU A 1 187 ? 1.108   -11.577 -4.322  1.00 23.47 ? 169 LEU A CD2   1 
ATOM   1340 N  N     . ILE A 1 188 ? 1.351   -16.194 -1.604  1.00 31.96 ? 170 ILE A N     1 
ATOM   1341 C  CA    . ILE A 1 188 ? 1.648   -17.639 -1.482  1.00 34.45 ? 170 ILE A CA    1 
ATOM   1342 C  C     . ILE A 1 188 ? 0.595   -18.476 -2.197  1.00 36.85 ? 170 ILE A C     1 
ATOM   1343 O  O     . ILE A 1 188 ? 0.931   -19.236 -3.113  1.00 37.89 ? 170 ILE A O     1 
ATOM   1344 C  CB    . ILE A 1 188 ? 1.715   -18.123 -0.033  1.00 33.36 ? 170 ILE A CB    1 
ATOM   1345 C  CG1   . ILE A 1 188 ? 2.938   -17.541 0.662   1.00 32.17 ? 170 ILE A CG1   1 
ATOM   1346 C  CG2   . ILE A 1 188 ? 1.711   -19.677 0.036   1.00 34.98 ? 170 ILE A CG2   1 
ATOM   1347 C  CD1   . ILE A 1 188 ? 3.017   -17.871 2.125   1.00 33.66 ? 170 ILE A CD1   1 
ATOM   1348 N  N     . SER A 1 189 ? -0.667  -18.344 -1.787  1.00 38.66 ? 171 SER A N     1 
ATOM   1349 C  CA    . SER A 1 189 ? -1.750  -19.050 -2.471  1.00 41.58 ? 171 SER A CA    1 
ATOM   1350 C  C     . SER A 1 189 ? -1.685  -18.880 -4.016  1.00 42.89 ? 171 SER A C     1 
ATOM   1351 O  O     . SER A 1 189 ? -1.644  -19.880 -4.744  1.00 43.64 ? 171 SER A O     1 
ATOM   1352 C  CB    . SER A 1 189 ? -3.102  -18.664 -1.876  1.00 41.12 ? 171 SER A CB    1 
ATOM   1353 O  OG    . SER A 1 189 ? -4.139  -18.907 -2.814  1.00 45.23 ? 171 SER A OG    1 
ATOM   1354 N  N     . GLU A 1 190 ? -1.619  -17.629 -4.494  1.00 43.91 ? 172 GLU A N     1 
ATOM   1355 C  CA    . GLU A 1 190 ? -1.339  -17.294 -5.913  1.00 45.08 ? 172 GLU A CA    1 
ATOM   1356 C  C     . GLU A 1 190 ? -0.159  -17.988 -6.622  1.00 45.67 ? 172 GLU A C     1 
ATOM   1357 O  O     . GLU A 1 190 ? -0.237  -18.287 -7.828  1.00 45.43 ? 172 GLU A O     1 
ATOM   1358 C  CB    . GLU A 1 190 ? -1.141  -15.780 -6.089  1.00 45.86 ? 172 GLU A CB    1 
ATOM   1359 C  CG    . GLU A 1 190 ? -2.296  -14.899 -5.621  1.00 47.46 ? 172 GLU A CG    1 
ATOM   1360 C  CD    . GLU A 1 190 ? -3.573  -15.165 -6.362  1.00 50.25 ? 172 GLU A CD    1 
ATOM   1361 O  OE1   . GLU A 1 190 ? -3.969  -16.358 -6.432  1.00 47.13 ? 172 GLU A OE1   1 
ATOM   1362 O  OE2   . GLU A 1 190 ? -4.170  -14.177 -6.867  1.00 52.36 ? 172 GLU A OE2   1 
ATOM   1363 N  N     . ALA A 1 191 ? 0.947   -18.189 -5.911  1.00 45.98 ? 173 ALA A N     1 
ATOM   1364 C  CA    . ALA A 1 191 ? 2.135   -18.776 -6.537  1.00 46.48 ? 173 ALA A CA    1 
ATOM   1365 C  C     . ALA A 1 191 ? 1.896   -20.278 -6.789  1.00 46.98 ? 173 ALA A C     1 
ATOM   1366 O  O     . ALA A 1 191 ? 2.425   -20.822 -7.781  1.00 46.50 ? 173 ALA A O     1 
ATOM   1367 C  CB    . ALA A 1 191 ? 3.392   -18.535 -5.687  1.00 45.74 ? 173 ALA A CB    1 
ATOM   1368 N  N     . ARG A 1 192 ? 1.086   -20.891 -5.899  1.00 47.05 ? 174 ARG A N     1 
ATOM   1369 C  CA    . ARG A 1 192 ? 0.606   -22.294 -5.964  1.00 47.66 ? 174 ARG A CA    1 
ATOM   1370 C  C     . ARG A 1 192 ? -0.653  -22.431 -6.826  1.00 48.13 ? 174 ARG A C     1 
ATOM   1371 O  O     . ARG A 1 192 ? -0.701  -21.928 -7.954  1.00 48.83 ? 174 ARG A O     1 
ATOM   1372 C  CB    . ARG A 1 192 ? 0.313   -22.841 -4.549  1.00 47.07 ? 174 ARG A CB    1 
ATOM   1373 C  CG    . ARG A 1 192 ? 1.541   -22.985 -3.667  1.00 46.42 ? 174 ARG A CG    1 
ATOM   1374 C  CD    . ARG A 1 192 ? 1.188   -23.155 -2.195  1.00 47.51 ? 174 ARG A CD    1 
ATOM   1375 N  NE    . ARG A 1 192 ? 2.403   -23.342 -1.369  1.00 47.90 ? 174 ARG A NE    1 
ATOM   1376 C  CZ    . ARG A 1 192 ? 2.443   -23.409 -0.023  1.00 46.25 ? 174 ARG A CZ    1 
ATOM   1377 N  NH1   . ARG A 1 192 ? 1.335   -23.304 0.707   1.00 41.32 ? 174 ARG A NH1   1 
ATOM   1378 N  NH2   . ARG A 1 192 ? 3.617   -23.583 0.602   1.00 48.44 ? 174 ARG A NH2   1 
HETATM 1379 MG MG    . MG  B 2 .   ? 6.731   8.893   1.324   1.00 18.54 ? 701 MG  A MG    1 
HETATM 1380 P  PG    . GNP C 3 .   ? 4.905   11.208  -0.024  1.00 28.71 ? 700 GNP A PG    1 
HETATM 1381 O  O1G   . GNP C 3 .   ? 5.080   12.702  -0.246  1.00 22.67 ? 700 GNP A O1G   1 
HETATM 1382 O  O2G   . GNP C 3 .   ? 6.178   10.361  0.113   1.00 20.34 ? 700 GNP A O2G   1 
HETATM 1383 O  O3G   . GNP C 3 .   ? 4.134   10.653  -1.240  1.00 21.56 ? 700 GNP A O3G   1 
HETATM 1384 N  N3B   . GNP C 3 .   ? 3.877   11.063  1.264   1.00 19.93 ? 700 GNP A N3B   1 
HETATM 1385 P  PB    . GNP C 3 .   ? 3.496   9.703   2.047   1.00 18.56 ? 700 GNP A PB    1 
HETATM 1386 O  O1B   . GNP C 3 .   ? 2.282   9.074   1.589   1.00 16.35 ? 700 GNP A O1B   1 
HETATM 1387 O  O2B   . GNP C 3 .   ? 4.690   8.822   1.956   1.00 16.25 ? 700 GNP A O2B   1 
HETATM 1388 O  O3A   . GNP C 3 .   ? 3.133   10.046  3.536   1.00 19.02 ? 700 GNP A O3A   1 
HETATM 1389 P  PA    . GNP C 3 .   ? 4.036   10.144  4.833   1.00 19.65 ? 700 GNP A PA    1 
HETATM 1390 O  O1A   . GNP C 3 .   ? 4.255   8.786   5.367   1.00 14.65 ? 700 GNP A O1A   1 
HETATM 1391 O  O2A   . GNP C 3 .   ? 5.191   10.976  4.510   1.00 18.70 ? 700 GNP A O2A   1 
HETATM 1392 O  "O5'" . GNP C 3 .   ? 3.152   10.882  5.867   1.00 23.27 ? 700 GNP A "O5'" 1 
HETATM 1393 C  "C5'" . GNP C 3 .   ? 2.407   12.088  5.541   1.00 23.46 ? 700 GNP A "C5'" 1 
HETATM 1394 C  "C4'" . GNP C 3 .   ? 2.034   12.829  6.819   1.00 22.39 ? 700 GNP A "C4'" 1 
HETATM 1395 O  "O4'" . GNP C 3 .   ? 0.929   12.155  7.470   1.00 18.21 ? 700 GNP A "O4'" 1 
HETATM 1396 C  "C3'" . GNP C 3 .   ? 3.196   12.877  7.814   1.00 23.41 ? 700 GNP A "C3'" 1 
HETATM 1397 O  "O3'" . GNP C 3 .   ? 3.068   14.046  8.577   1.00 25.01 ? 700 GNP A "O3'" 1 
HETATM 1398 C  "C2'" . GNP C 3 .   ? 2.931   11.635  8.660   1.00 21.29 ? 700 GNP A "C2'" 1 
HETATM 1399 O  "O2'" . GNP C 3 .   ? 3.310   11.862  10.012  1.00 22.48 ? 700 GNP A "O2'" 1 
HETATM 1400 C  "C1'" . GNP C 3 .   ? 1.414   11.539  8.649   1.00 19.38 ? 700 GNP A "C1'" 1 
HETATM 1401 N  N9    . GNP C 3 .   ? 0.865   10.199  8.881   1.00 18.27 ? 700 GNP A N9    1 
HETATM 1402 C  C8    . GNP C 3 .   ? 1.204   9.041   8.239   1.00 17.90 ? 700 GNP A C8    1 
HETATM 1403 N  N7    . GNP C 3 .   ? 0.540   8.028   8.659   1.00 17.04 ? 700 GNP A N7    1 
HETATM 1404 C  C5    . GNP C 3 .   ? -0.264  8.552   9.657   1.00 19.21 ? 700 GNP A C5    1 
HETATM 1405 C  C6    . GNP C 3 .   ? -1.206  7.912   10.468  1.00 15.90 ? 700 GNP A C6    1 
HETATM 1406 O  O6    . GNP C 3 .   ? -1.492  6.740   10.467  1.00 18.37 ? 700 GNP A O6    1 
HETATM 1407 N  N1    . GNP C 3 .   ? -1.842  8.754   11.336  1.00 17.89 ? 700 GNP A N1    1 
HETATM 1408 C  C2    . GNP C 3 .   ? -1.599  10.088  11.455  1.00 17.62 ? 700 GNP A C2    1 
HETATM 1409 N  N2    . GNP C 3 .   ? -2.342  10.682  12.392  1.00 19.04 ? 700 GNP A N2    1 
HETATM 1410 N  N3    . GNP C 3 .   ? -0.743  10.733  10.693  1.00 15.58 ? 700 GNP A N3    1 
HETATM 1411 C  C4    . GNP C 3 .   ? -0.088  9.893   9.827   1.00 19.99 ? 700 GNP A C4    1 
HETATM 1412 O  O     . HOH D 4 .   ? -15.784 12.818  10.285  1.00 15.36 ? 702 HOH A O     1 
HETATM 1413 O  O     . HOH D 4 .   ? -13.484 3.751   -12.580 1.00 22.91 ? 703 HOH A O     1 
HETATM 1414 O  O     . HOH D 4 .   ? 11.293  10.423  9.429   1.00 24.10 ? 704 HOH A O     1 
HETATM 1415 O  O     . HOH D 4 .   ? -10.699 16.186  7.908   1.00 26.27 ? 705 HOH A O     1 
HETATM 1416 O  O     . HOH D 4 .   ? -10.260 -2.369  8.031   1.00 15.03 ? 706 HOH A O     1 
HETATM 1417 O  O     . HOH D 4 .   ? -6.548  -1.269  -12.123 1.00 17.90 ? 707 HOH A O     1 
HETATM 1418 O  O     . HOH D 4 .   ? -4.288  8.435   -2.826  1.00 15.98 ? 708 HOH A O     1 
HETATM 1419 O  O     . HOH D 4 .   ? 2.854   7.014   -5.613  1.00 16.24 ? 709 HOH A O     1 
HETATM 1420 O  O     . HOH D 4 .   ? -18.264 4.813   -2.783  1.00 19.37 ? 710 HOH A O     1 
HETATM 1421 O  O     . HOH D 4 .   ? -17.783 6.521   8.620   1.00 19.27 ? 711 HOH A O     1 
HETATM 1422 O  O     . HOH D 4 .   ? -7.605  -7.001  -3.831  1.00 17.97 ? 712 HOH A O     1 
HETATM 1423 O  O     . HOH D 4 .   ? -20.655 -1.352  -4.397  1.00 20.84 ? 713 HOH A O     1 
HETATM 1424 O  O     . HOH D 4 .   ? 6.735   12.849  -2.818  1.00 19.92 ? 714 HOH A O     1 
HETATM 1425 O  O     . HOH D 4 .   ? -1.937  -6.002  12.374  1.00 23.15 ? 715 HOH A O     1 
HETATM 1426 O  O     . HOH D 4 .   ? -17.107 -12.594 -2.364  1.00 26.76 ? 716 HOH A O     1 
HETATM 1427 O  O     . HOH D 4 .   ? -14.623 1.010   -12.519 1.00 21.71 ? 717 HOH A O     1 
HETATM 1428 O  O     . HOH D 4 .   ? -10.537 10.209  15.744  1.00 25.63 ? 718 HOH A O     1 
HETATM 1429 O  O     . HOH D 4 .   ? -16.114 9.514   11.991  1.00 28.56 ? 719 HOH A O     1 
HETATM 1430 O  O     . HOH D 4 .   ? -12.667 6.767   -5.353  1.00 18.76 ? 720 HOH A O     1 
HETATM 1431 O  O     . HOH D 4 .   ? -18.353 10.609  2.948   1.00 27.76 ? 721 HOH A O     1 
HETATM 1432 O  O     . HOH D 4 .   ? -0.245  13.765  -4.798  1.00 20.89 ? 722 HOH A O     1 
HETATM 1433 O  O     . HOH D 4 .   ? 5.400   17.998  -7.551  1.00 30.21 ? 723 HOH A O     1 
HETATM 1434 O  O     . HOH D 4 .   ? 8.629   -2.324  -13.003 1.00 35.13 ? 724 HOH A O     1 
HETATM 1435 O  O     . HOH D 4 .   ? -11.679 6.232   -16.058 1.00 38.30 ? 725 HOH A O     1 
HETATM 1436 O  O     . HOH D 4 .   ? -4.635  14.215  -1.827  1.00 19.69 ? 726 HOH A O     1 
HETATM 1437 O  O     . HOH D 4 .   ? 15.104  -2.297  4.519   1.00 28.63 ? 727 HOH A O     1 
HETATM 1438 O  O     . HOH D 4 .   ? -14.543 -11.256 -2.000  1.00 33.12 ? 728 HOH A O     1 
HETATM 1439 O  O     . HOH D 4 .   ? -1.630  13.618  8.973   1.00 25.73 ? 729 HOH A O     1 
HETATM 1440 O  O     . HOH D 4 .   ? 4.220   10.583  -8.061  1.00 34.96 ? 730 HOH A O     1 
HETATM 1441 O  O     . HOH D 4 .   ? -11.701 1.279   10.390  1.00 31.12 ? 731 HOH A O     1 
HETATM 1442 O  O     . HOH D 4 .   ? -8.193  17.045  4.795   1.00 31.65 ? 732 HOH A O     1 
HETATM 1443 O  O     . HOH D 4 .   ? -1.814  13.573  12.749  1.00 23.97 ? 733 HOH A O     1 
HETATM 1444 O  O     . HOH D 4 .   ? -3.565  9.903   16.599  1.00 28.81 ? 734 HOH A O     1 
HETATM 1445 O  O     . HOH D 4 .   ? -3.412  -7.263  3.306   1.00 26.21 ? 735 HOH A O     1 
HETATM 1446 O  O     . HOH D 4 .   ? 13.770  -0.647  6.220   1.00 31.87 ? 736 HOH A O     1 
HETATM 1447 O  O     . HOH D 4 .   ? -1.889  5.828   -16.483 1.00 36.22 ? 737 HOH A O     1 
HETATM 1448 O  O     . HOH D 4 .   ? -5.353  2.350   -18.317 1.00 33.28 ? 738 HOH A O     1 
HETATM 1449 O  O     . HOH D 4 .   ? -3.137  13.305  0.324   1.00 26.74 ? 739 HOH A O     1 
HETATM 1450 O  O     . HOH D 4 .   ? -14.538 5.393   11.148  1.00 22.59 ? 740 HOH A O     1 
HETATM 1451 O  O     . HOH D 4 .   ? -2.634  12.231  -7.785  1.00 24.54 ? 741 HOH A O     1 
HETATM 1452 O  O     . HOH D 4 .   ? -5.880  -12.373 -4.737  1.00 30.79 ? 742 HOH A O     1 
HETATM 1453 O  O     . HOH D 4 .   ? 16.713  -7.808  -1.852  1.00 25.06 ? 743 HOH A O     1 
HETATM 1454 O  O     . HOH D 4 .   ? 6.242   11.441  10.835  1.00 23.11 ? 744 HOH A O     1 
HETATM 1455 O  O     . HOH D 4 .   ? -3.933  -3.893  14.886  1.00 24.26 ? 745 HOH A O     1 
HETATM 1456 O  O     . HOH D 4 .   ? 6.135   7.674   -0.298  1.00 16.08 ? 746 HOH A O     1 
HETATM 1457 O  O     . HOH D 4 .   ? -16.345 14.356  2.567   1.00 31.30 ? 747 HOH A O     1 
HETATM 1458 O  O     . HOH D 4 .   ? 3.013   6.827   17.362  1.00 25.48 ? 748 HOH A O     1 
HETATM 1459 O  O     . HOH D 4 .   ? 8.107   -15.337 -6.556  1.00 39.40 ? 749 HOH A O     1 
HETATM 1460 O  O     . HOH D 4 .   ? -15.019 -4.595  -10.743 1.00 30.76 ? 750 HOH A O     1 
HETATM 1461 O  O     . HOH D 4 .   ? -9.502  17.046  0.161   1.00 32.20 ? 751 HOH A O     1 
HETATM 1462 O  O     . HOH D 4 .   ? -12.331 -5.726  2.026   1.00 32.98 ? 752 HOH A O     1 
HETATM 1463 O  O     . HOH D 4 .   ? 12.160  11.417  2.435   1.00 29.39 ? 753 HOH A O     1 
HETATM 1464 O  O     . HOH D 4 .   ? -4.681  -9.405  1.337   1.00 34.46 ? 754 HOH A O     1 
HETATM 1465 O  O     . HOH D 4 .   ? -6.606  15.490  15.171  1.00 34.08 ? 755 HOH A O     1 
HETATM 1466 O  O     . HOH D 4 .   ? -5.455  -7.899  -15.653 1.00 56.03 ? 756 HOH A O     1 
HETATM 1467 O  O     . HOH D 4 .   ? 14.392  -6.787  -7.251  1.00 34.85 ? 757 HOH A O     1 
HETATM 1468 O  O     . HOH D 4 .   ? 9.732   -2.967  -8.448  1.00 35.60 ? 758 HOH A O     1 
HETATM 1469 O  O     . HOH D 4 .   ? 5.759   3.857   17.019  1.00 34.64 ? 759 HOH A O     1 
HETATM 1470 O  O     . HOH D 4 .   ? -3.497  14.039  3.224   1.00 32.61 ? 760 HOH A O     1 
HETATM 1471 O  O     . HOH D 4 .   ? 13.085  10.051  -0.417  1.00 32.28 ? 761 HOH A O     1 
HETATM 1472 O  O     . HOH D 4 .   ? -9.649  10.092  -10.374 1.00 36.32 ? 762 HOH A O     1 
HETATM 1473 O  O     . HOH D 4 .   ? -20.132 1.409   8.235   1.00 38.47 ? 763 HOH A O     1 
HETATM 1474 O  O     . HOH D 4 .   ? -3.063  -21.277 -8.117  1.00 39.94 ? 764 HOH A O     1 
HETATM 1475 O  O     . HOH D 4 .   ? -10.266 -2.655  -9.793  1.00 31.34 ? 765 HOH A O     1 
HETATM 1476 O  O     . HOH D 4 .   ? -18.636 -6.639  -2.155  1.00 34.13 ? 766 HOH A O     1 
HETATM 1477 O  O     . HOH D 4 .   ? -8.285  -2.960  -8.053  1.00 27.60 ? 767 HOH A O     1 
HETATM 1478 O  O     . HOH D 4 .   ? -14.948 -4.501  2.166   1.00 51.64 ? 768 HOH A O     1 
HETATM 1479 O  O     . HOH D 4 .   ? -13.941 -8.688  -2.235  1.00 37.70 ? 769 HOH A O     1 
HETATM 1480 O  O     . HOH D 4 .   ? 0.050   -3.715  13.298  1.00 23.48 ? 770 HOH A O     1 
HETATM 1481 O  O     . HOH D 4 .   ? -3.534  9.933   -10.161 1.00 38.78 ? 771 HOH A O     1 
HETATM 1482 O  O     . HOH D 4 .   ? -9.618  8.136   -14.689 1.00 38.77 ? 772 HOH A O     1 
HETATM 1483 O  O     . HOH D 4 .   ? 5.576   13.398  4.260   1.00 33.29 ? 773 HOH A O     1 
HETATM 1484 O  O     . HOH D 4 .   ? -14.697 -5.118  -0.486  1.00 35.32 ? 774 HOH A O     1 
HETATM 1485 O  O     . HOH D 4 .   ? 11.288  15.550  1.094   1.00 27.72 ? 775 HOH A O     1 
HETATM 1486 O  O     . HOH D 4 .   ? -6.159  3.903   15.822  1.00 29.24 ? 776 HOH A O     1 
HETATM 1487 O  O     . HOH D 4 .   ? -12.006 -5.265  -11.137 1.00 36.99 ? 777 HOH A O     1 
HETATM 1488 O  O     . HOH D 4 .   ? -6.036  -2.165  -10.022 1.00 28.06 ? 778 HOH A O     1 
HETATM 1489 O  O     . HOH D 4 .   ? -13.892 -11.963 -7.537  1.00 42.14 ? 779 HOH A O     1 
HETATM 1490 O  O     . HOH D 4 .   ? 4.018   14.801  0.689   1.00 26.78 ? 780 HOH A O     1 
HETATM 1491 O  O     . HOH D 4 .   ? -23.549 4.357   2.932   1.00 38.54 ? 781 HOH A O     1 
HETATM 1492 O  O     . HOH D 4 .   ? -5.510  15.012  8.261   1.00 35.91 ? 782 HOH A O     1 
HETATM 1493 O  O     . HOH D 4 .   ? -10.400 -4.789  9.875   1.00 38.12 ? 783 HOH A O     1 
HETATM 1494 O  O     . HOH D 4 .   ? 6.370   -5.053  12.220  1.00 48.05 ? 784 HOH A O     1 
HETATM 1495 O  O     . HOH D 4 .   ? 13.568  4.180   5.870   1.00 29.58 ? 785 HOH A O     1 
HETATM 1496 O  O     . HOH D 4 .   ? -6.306  -7.289  -7.381  1.00 30.20 ? 786 HOH A O     1 
HETATM 1497 O  O     . HOH D 4 .   ? 11.052  3.959   11.881  1.00 26.41 ? 787 HOH A O     1 
HETATM 1498 O  O     . HOH D 4 .   ? -8.048  16.715  9.045   1.00 33.95 ? 788 HOH A O     1 
HETATM 1499 O  O     . HOH D 4 .   ? 3.916   -2.890  -18.090 1.00 55.78 ? 789 HOH A O     1 
HETATM 1500 O  O     . HOH D 4 .   ? -12.019 -9.212  -3.198  1.00 29.37 ? 790 HOH A O     1 
HETATM 1501 O  O     . HOH D 4 .   ? -10.108 -10.426 -2.986  1.00 35.72 ? 791 HOH A O     1 
HETATM 1502 O  O     . HOH D 4 .   ? 14.856  8.927   7.467   1.00 35.98 ? 792 HOH A O     1 
HETATM 1503 O  O     . HOH D 4 .   ? 8.056   17.057  3.359   1.00 30.87 ? 793 HOH A O     1 
HETATM 1504 O  O     . HOH D 4 .   ? -8.647  -5.556  -7.517  1.00 30.07 ? 794 HOH A O     1 
HETATM 1505 O  O     . HOH D 4 .   ? 10.814  6.459   1.575   1.00 43.16 ? 795 HOH A O     1 
HETATM 1506 O  O     . HOH D 4 .   ? 13.338  -5.475  -9.750  1.00 35.45 ? 796 HOH A O     1 
HETATM 1507 O  O     . HOH D 4 .   ? 8.860   -11.507 -7.185  1.00 28.80 ? 797 HOH A O     1 
HETATM 1508 O  O     . HOH D 4 .   ? 2.552   -23.718 6.321   1.00 37.76 ? 798 HOH A O     1 
HETATM 1509 O  O     . HOH D 4 .   ? 4.376   -24.493 -2.302  1.00 43.97 ? 799 HOH A O     1 
HETATM 1510 O  O     . HOH D 4 .   ? -6.274  -10.945 2.822   1.00 41.70 ? 800 HOH A O     1 
HETATM 1511 O  O     . HOH D 4 .   ? 7.076   10.349  2.778   1.00 22.26 ? 801 HOH A O     1 
HETATM 1512 O  O     . HOH D 4 .   ? -8.754  19.222  3.826   1.00 43.81 ? 802 HOH A O     1 
HETATM 1513 O  O     . HOH D 4 .   ? 1.700   15.738  4.244   1.00 23.47 ? 803 HOH A O     1 
HETATM 1514 O  O     . HOH D 4 .   ? 13.382  11.329  7.819   1.00 36.14 ? 804 HOH A O     1 
HETATM 1515 O  O     . HOH D 4 .   ? 13.628  -8.778  8.012   1.00 34.57 ? 805 HOH A O     1 
HETATM 1516 O  O     . HOH D 4 .   ? 2.169   9.356   -5.425  1.00 37.90 ? 806 HOH A O     1 
HETATM 1517 O  O     . HOH D 4 .   ? -16.933 -7.473  -4.953  1.00 37.23 ? 807 HOH A O     1 
# 
loop_
_pdbx_poly_seq_scheme.asym_id 
_pdbx_poly_seq_scheme.entity_id 
_pdbx_poly_seq_scheme.seq_id 
_pdbx_poly_seq_scheme.mon_id 
_pdbx_poly_seq_scheme.ndb_seq_num 
_pdbx_poly_seq_scheme.pdb_seq_num 
_pdbx_poly_seq_scheme.auth_seq_num 
_pdbx_poly_seq_scheme.pdb_mon_id 
_pdbx_poly_seq_scheme.auth_mon_id 
_pdbx_poly_seq_scheme.pdb_strand_id 
_pdbx_poly_seq_scheme.pdb_ins_code 
_pdbx_poly_seq_scheme.hetero 
A 1 1   MET 1   -17 ?   ?   ?   A . n 
A 1 2   GLY 2   -16 ?   ?   ?   A . n 
A 1 3   SER 3   -15 ?   ?   ?   A . n 
A 1 4   SER 4   -14 ?   ?   ?   A . n 
A 1 5   HIS 5   -13 ?   ?   ?   A . n 
A 1 6   HIS 6   -12 ?   ?   ?   A . n 
A 1 7   HIS 7   -11 ?   ?   ?   A . n 
A 1 8   HIS 8   -10 ?   ?   ?   A . n 
A 1 9   HIS 9   -9  ?   ?   ?   A . n 
A 1 10  HIS 10  -8  ?   ?   ?   A . n 
A 1 11  SER 11  -7  ?   ?   ?   A . n 
A 1 12  SER 12  -6  ?   ?   ?   A . n 
A 1 13  GLY 13  -5  ?   ?   ?   A . n 
A 1 14  LEU 14  -4  ?   ?   ?   A . n 
A 1 15  VAL 15  -3  ?   ?   ?   A . n 
A 1 16  PRO 16  -2  ?   ?   ?   A . n 
A 1 17  ARG 17  -1  ?   ?   ?   A . n 
A 1 18  GLY 18  0   ?   ?   ?   A . n 
A 1 19  SER 19  1   ?   ?   ?   A . n 
A 1 20  MET 20  2   ?   ?   ?   A . n 
A 1 21  GLU 21  3   ?   ?   ?   A . n 
A 1 22  ASP 22  4   4   ASP ASP A . n 
A 1 23  TYR 23  5   5   TYR TYR A . n 
A 1 24  ASP 24  6   6   ASP ASP A . n 
A 1 25  PHE 25  7   7   PHE PHE A . n 
A 1 26  LEU 26  8   8   LEU LEU A . n 
A 1 27  PHE 27  9   9   PHE PHE A . n 
A 1 28  LYS 28  10  10  LYS LYS A . n 
A 1 29  ILE 29  11  11  ILE ILE A . n 
A 1 30  VAL 30  12  12  VAL VAL A . n 
A 1 31  LEU 31  13  13  LEU LEU A . n 
A 1 32  ILE 32  14  14  ILE ILE A . n 
A 1 33  GLY 33  15  15  GLY GLY A . n 
A 1 34  ASN 34  16  16  ASN ASN A . n 
A 1 35  ALA 35  17  17  ALA ALA A . n 
A 1 36  GLY 36  18  18  GLY GLY A . n 
A 1 37  VAL 37  19  19  VAL VAL A . n 
A 1 38  GLY 38  20  20  GLY GLY A . n 
A 1 39  LYS 39  21  21  LYS LYS A . n 
A 1 40  THR 40  22  22  THR THR A . n 
A 1 41  CYS 41  23  23  CYS CYS A . n 
A 1 42  LEU 42  24  24  LEU LEU A . n 
A 1 43  VAL 43  25  25  VAL VAL A . n 
A 1 44  ARG 44  26  26  ARG ARG A . n 
A 1 45  ARG 45  27  27  ARG ARG A . n 
A 1 46  PHE 46  28  28  PHE PHE A . n 
A 1 47  THR 47  29  29  THR THR A . n 
A 1 48  GLN 48  30  30  GLN GLN A . n 
A 1 49  GLY 49  31  31  GLY GLY A . n 
A 1 50  LEU 50  32  32  LEU LEU A . n 
A 1 51  PHE 51  33  33  PHE PHE A . n 
A 1 52  PRO 52  34  34  PRO PRO A . n 
A 1 53  PRO 53  35  35  PRO PRO A . n 
A 1 54  GLY 54  36  36  GLY GLY A . n 
A 1 55  GLN 55  37  37  GLN GLN A . n 
A 1 56  GLY 56  38  38  GLY GLY A . n 
A 1 57  ALA 57  39  39  ALA ALA A . n 
A 1 58  THR 58  40  40  THR THR A . n 
A 1 59  ILE 59  41  41  ILE ILE A . n 
A 1 60  GLY 60  42  42  GLY GLY A . n 
A 1 61  VAL 61  43  43  VAL VAL A . n 
A 1 62  ASP 62  44  44  ASP ASP A . n 
A 1 63  PHE 63  45  45  PHE PHE A . n 
A 1 64  MET 64  46  46  MET MET A . n 
A 1 65  ILE 65  47  47  ILE ILE A . n 
A 1 66  LYS 66  48  48  LYS LYS A . n 
A 1 67  THR 67  49  49  THR THR A . n 
A 1 68  VAL 68  50  50  VAL VAL A . n 
A 1 69  GLU 69  51  51  GLU GLU A . n 
A 1 70  ILE 70  52  52  ILE ILE A . n 
A 1 71  ASN 71  53  53  ASN ASN A . n 
A 1 72  GLY 72  54  54  GLY GLY A . n 
A 1 73  GLU 73  55  55  GLU GLU A . n 
A 1 74  LYS 74  56  56  LYS LYS A . n 
A 1 75  VAL 75  57  57  VAL VAL A . n 
A 1 76  LYS 76  58  58  LYS LYS A . n 
A 1 77  LEU 77  59  59  LEU LEU A . n 
A 1 78  GLN 78  60  60  GLN GLN A . n 
A 1 79  ILE 79  61  61  ILE ILE A . n 
A 1 80  TRP 80  62  62  TRP TRP A . n 
A 1 81  ASP 81  63  63  ASP ASP A . n 
A 1 82  THR 82  64  64  THR THR A . n 
A 1 83  ALA 83  65  65  ALA ALA A . n 
A 1 84  GLY 84  66  66  GLY GLY A . n 
A 1 85  GLN 85  67  67  GLN GLN A . n 
A 1 86  GLU 86  68  68  GLU GLU A . n 
A 1 87  ARG 87  69  69  ARG ARG A . n 
A 1 88  PHE 88  70  70  PHE PHE A . n 
A 1 89  ARG 89  71  71  ARG ARG A . n 
A 1 90  SER 90  72  72  SER SER A . n 
A 1 91  ILE 91  73  73  ILE ILE A . n 
A 1 92  THR 92  74  74  THR THR A . n 
A 1 93  GLN 93  75  75  GLN GLN A . n 
A 1 94  SER 94  76  76  SER SER A . n 
A 1 95  TYR 95  77  77  TYR TYR A . n 
A 1 96  TYR 96  78  78  TYR TYR A . n 
A 1 97  ARG 97  79  79  ARG ARG A . n 
A 1 98  SER 98  80  80  SER SER A . n 
A 1 99  ALA 99  81  81  ALA ALA A . n 
A 1 100 ASN 100 82  82  ASN ASN A . n 
A 1 101 ALA 101 83  83  ALA ALA A . n 
A 1 102 LEU 102 84  84  LEU LEU A . n 
A 1 103 ILE 103 85  85  ILE ILE A . n 
A 1 104 LEU 104 86  86  LEU LEU A . n 
A 1 105 THR 105 87  87  THR THR A . n 
A 1 106 TYR 106 88  88  TYR TYR A . n 
A 1 107 ASP 107 89  89  ASP ASP A . n 
A 1 108 ILE 108 90  90  ILE ILE A . n 
A 1 109 THR 109 91  91  THR THR A . n 
A 1 110 CYS 110 92  92  CYS CYS A . n 
A 1 111 GLU 111 93  93  GLU GLU A . n 
A 1 112 GLU 112 94  94  GLU GLU A . n 
A 1 113 SER 113 95  95  SER SER A . n 
A 1 114 PHE 114 96  96  PHE PHE A . n 
A 1 115 ARG 115 97  97  ARG ARG A . n 
A 1 116 CYS 116 98  98  CYS CYS A . n 
A 1 117 LEU 117 99  99  LEU LEU A . n 
A 1 118 PRO 118 100 100 PRO PRO A . n 
A 1 119 GLU 119 101 101 GLU GLU A . n 
A 1 120 TRP 120 102 102 TRP TRP A . n 
A 1 121 LEU 121 103 103 LEU LEU A . n 
A 1 122 ARG 122 104 104 ARG ARG A . n 
A 1 123 GLU 123 105 105 GLU GLU A . n 
A 1 124 ILE 124 106 106 ILE ILE A . n 
A 1 125 GLU 125 107 107 GLU GLU A . n 
A 1 126 GLN 126 108 108 GLN GLN A . n 
A 1 127 TYR 127 109 109 TYR TYR A . n 
A 1 128 ALA 128 110 110 ALA ALA A . n 
A 1 129 SER 129 111 111 SER SER A . n 
A 1 130 ASN 130 112 112 ASN ASN A . n 
A 1 131 LYS 131 113 113 LYS LYS A . n 
A 1 132 VAL 132 114 114 VAL VAL A . n 
A 1 133 ILE 133 115 115 ILE ILE A . n 
A 1 134 THR 134 116 116 THR THR A . n 
A 1 135 VAL 135 117 117 VAL VAL A . n 
A 1 136 LEU 136 118 118 LEU LEU A . n 
A 1 137 VAL 137 119 119 VAL VAL A . n 
A 1 138 GLY 138 120 120 GLY GLY A . n 
A 1 139 ASN 139 121 121 ASN ASN A . n 
A 1 140 LYS 140 122 122 LYS LYS A . n 
A 1 141 ILE 141 123 123 ILE ILE A . n 
A 1 142 ASP 142 124 124 ASP ASP A . n 
A 1 143 LEU 143 125 125 LEU LEU A . n 
A 1 144 ALA 144 126 126 ALA ALA A . n 
A 1 145 GLU 145 127 127 GLU GLU A . n 
A 1 146 ARG 146 128 128 ARG ARG A . n 
A 1 147 ARG 147 129 129 ARG ARG A . n 
A 1 148 GLU 148 130 130 GLU GLU A . n 
A 1 149 VAL 149 131 131 VAL VAL A . n 
A 1 150 SER 150 132 132 SER SER A . n 
A 1 151 GLN 151 133 133 GLN GLN A . n 
A 1 152 GLN 152 134 134 GLN GLN A . n 
A 1 153 ARG 153 135 135 ARG ARG A . n 
A 1 154 ALA 154 136 136 ALA ALA A . n 
A 1 155 GLU 155 137 137 GLU GLU A . n 
A 1 156 GLU 156 138 138 GLU GLU A . n 
A 1 157 PHE 157 139 139 PHE PHE A . n 
A 1 158 SER 158 140 140 SER SER A . n 
A 1 159 GLU 159 141 141 GLU GLU A . n 
A 1 160 ALA 160 142 142 ALA ALA A . n 
A 1 161 GLN 161 143 143 GLN GLN A . n 
A 1 162 ASP 162 144 144 ASP ASP A . n 
A 1 163 MET 163 145 145 MET MET A . n 
A 1 164 TYR 164 146 146 TYR TYR A . n 
A 1 165 TYR 165 147 147 TYR TYR A . n 
A 1 166 LEU 166 148 148 LEU LEU A . n 
A 1 167 GLU 167 149 149 GLU GLU A . n 
A 1 168 THR 168 150 150 THR THR A . n 
A 1 169 SER 169 151 151 SER SER A . n 
A 1 170 ALA 170 152 152 ALA ALA A . n 
A 1 171 LYS 171 153 153 LYS LYS A . n 
A 1 172 GLU 172 154 154 GLU GLU A . n 
A 1 173 SER 173 155 155 SER SER A . n 
A 1 174 ASP 174 156 156 ASP ASP A . n 
A 1 175 ASN 175 157 157 ASN ASN A . n 
A 1 176 VAL 176 158 158 VAL VAL A . n 
A 1 177 GLU 177 159 159 GLU GLU A . n 
A 1 178 LYS 178 160 160 LYS LYS A . n 
A 1 179 LEU 179 161 161 LEU LEU A . n 
A 1 180 PHE 180 162 162 PHE PHE A . n 
A 1 181 LEU 181 163 163 LEU LEU A . n 
A 1 182 ASP 182 164 164 ASP ASP A . n 
A 1 183 LEU 183 165 165 LEU LEU A . n 
A 1 184 ALA 184 166 166 ALA ALA A . n 
A 1 185 CYS 185 167 167 CYS CYS A . n 
A 1 186 ARG 186 168 168 ARG ARG A . n 
A 1 187 LEU 187 169 169 LEU LEU A . n 
A 1 188 ILE 188 170 170 ILE ILE A . n 
A 1 189 SER 189 171 171 SER SER A . n 
A 1 190 GLU 190 172 172 GLU GLU A . n 
A 1 191 ALA 191 173 173 ALA ALA A . n 
A 1 192 ARG 192 174 174 ARG ARG A . n 
A 1 193 GLN 193 175 ?   ?   ?   A . n 
A 1 194 ASN 194 176 ?   ?   ?   A . n 
A 1 195 THR 195 177 ?   ?   ?   A . n 
A 1 196 LEU 196 178 ?   ?   ?   A . n 
A 1 197 VAL 197 179 ?   ?   ?   A . n 
A 1 198 ASN 198 180 ?   ?   ?   A . n 
A 1 199 ASN 199 181 ?   ?   ?   A . n 
A 1 200 VAL 200 182 ?   ?   ?   A . n 
A 1 201 SER 201 183 ?   ?   ?   A . n 
# 
_pdbx_SG_project.id                    1 
_pdbx_SG_project.project_name          ? 
_pdbx_SG_project.full_name_of_center   'Structural Genomics Consortium' 
_pdbx_SG_project.initial_of_center     SGC 
# 
loop_
_pdbx_nonpoly_scheme.asym_id 
_pdbx_nonpoly_scheme.entity_id 
_pdbx_nonpoly_scheme.mon_id 
_pdbx_nonpoly_scheme.ndb_seq_num 
_pdbx_nonpoly_scheme.pdb_seq_num 
_pdbx_nonpoly_scheme.auth_seq_num 
_pdbx_nonpoly_scheme.pdb_mon_id 
_pdbx_nonpoly_scheme.auth_mon_id 
_pdbx_nonpoly_scheme.pdb_strand_id 
_pdbx_nonpoly_scheme.pdb_ins_code 
B 2 MG  1   701 701 MG  MG  A . 
C 3 GNP 1   700 700 GNP GNP A . 
D 4 HOH 1   702 2   HOH HOH A . 
D 4 HOH 2   703 3   HOH HOH A . 
D 4 HOH 3   704 4   HOH HOH A . 
D 4 HOH 4   705 5   HOH HOH A . 
D 4 HOH 5   706 6   HOH HOH A . 
D 4 HOH 6   707 7   HOH HOH A . 
D 4 HOH 7   708 8   HOH HOH A . 
D 4 HOH 8   709 9   HOH HOH A . 
D 4 HOH 9   710 10  HOH HOH A . 
D 4 HOH 10  711 12  HOH HOH A . 
D 4 HOH 11  712 13  HOH HOH A . 
D 4 HOH 12  713 14  HOH HOH A . 
D 4 HOH 13  714 15  HOH HOH A . 
D 4 HOH 14  715 17  HOH HOH A . 
D 4 HOH 15  716 18  HOH HOH A . 
D 4 HOH 16  717 20  HOH HOH A . 
D 4 HOH 17  718 21  HOH HOH A . 
D 4 HOH 18  719 22  HOH HOH A . 
D 4 HOH 19  720 23  HOH HOH A . 
D 4 HOH 20  721 24  HOH HOH A . 
D 4 HOH 21  722 25  HOH HOH A . 
D 4 HOH 22  723 26  HOH HOH A . 
D 4 HOH 23  724 27  HOH HOH A . 
D 4 HOH 24  725 28  HOH HOH A . 
D 4 HOH 25  726 29  HOH HOH A . 
D 4 HOH 26  727 30  HOH HOH A . 
D 4 HOH 27  728 31  HOH HOH A . 
D 4 HOH 28  729 32  HOH HOH A . 
D 4 HOH 29  730 33  HOH HOH A . 
D 4 HOH 30  731 34  HOH HOH A . 
D 4 HOH 31  732 35  HOH HOH A . 
D 4 HOH 32  733 36  HOH HOH A . 
D 4 HOH 33  734 37  HOH HOH A . 
D 4 HOH 34  735 38  HOH HOH A . 
D 4 HOH 35  736 39  HOH HOH A . 
D 4 HOH 36  737 40  HOH HOH A . 
D 4 HOH 37  738 41  HOH HOH A . 
D 4 HOH 38  739 42  HOH HOH A . 
D 4 HOH 39  740 44  HOH HOH A . 
D 4 HOH 40  741 45  HOH HOH A . 
D 4 HOH 41  742 46  HOH HOH A . 
D 4 HOH 42  743 47  HOH HOH A . 
D 4 HOH 43  744 48  HOH HOH A . 
D 4 HOH 44  745 49  HOH HOH A . 
D 4 HOH 45  746 50  HOH HOH A . 
D 4 HOH 46  747 51  HOH HOH A . 
D 4 HOH 47  748 52  HOH HOH A . 
D 4 HOH 48  749 53  HOH HOH A . 
D 4 HOH 49  750 54  HOH HOH A . 
D 4 HOH 50  751 55  HOH HOH A . 
D 4 HOH 51  752 56  HOH HOH A . 
D 4 HOH 52  753 57  HOH HOH A . 
D 4 HOH 53  754 58  HOH HOH A . 
D 4 HOH 54  755 59  HOH HOH A . 
D 4 HOH 55  756 60  HOH HOH A . 
D 4 HOH 56  757 61  HOH HOH A . 
D 4 HOH 57  758 62  HOH HOH A . 
D 4 HOH 58  759 63  HOH HOH A . 
D 4 HOH 59  760 64  HOH HOH A . 
D 4 HOH 60  761 65  HOH HOH A . 
D 4 HOH 61  762 66  HOH HOH A . 
D 4 HOH 62  763 67  HOH HOH A . 
D 4 HOH 63  764 68  HOH HOH A . 
D 4 HOH 64  765 69  HOH HOH A . 
D 4 HOH 65  766 70  HOH HOH A . 
D 4 HOH 66  767 71  HOH HOH A . 
D 4 HOH 67  768 72  HOH HOH A . 
D 4 HOH 68  769 73  HOH HOH A . 
D 4 HOH 69  770 74  HOH HOH A . 
D 4 HOH 70  771 75  HOH HOH A . 
D 4 HOH 71  772 76  HOH HOH A . 
D 4 HOH 72  773 77  HOH HOH A . 
D 4 HOH 73  774 78  HOH HOH A . 
D 4 HOH 74  775 79  HOH HOH A . 
D 4 HOH 75  776 80  HOH HOH A . 
D 4 HOH 76  777 81  HOH HOH A . 
D 4 HOH 77  778 82  HOH HOH A . 
D 4 HOH 78  779 83  HOH HOH A . 
D 4 HOH 79  780 84  HOH HOH A . 
D 4 HOH 80  781 85  HOH HOH A . 
D 4 HOH 81  782 86  HOH HOH A . 
D 4 HOH 82  783 87  HOH HOH A . 
D 4 HOH 83  784 88  HOH HOH A . 
D 4 HOH 84  785 89  HOH HOH A . 
D 4 HOH 85  786 90  HOH HOH A . 
D 4 HOH 86  787 91  HOH HOH A . 
D 4 HOH 87  788 93  HOH HOH A . 
D 4 HOH 88  789 94  HOH HOH A . 
D 4 HOH 89  790 95  HOH HOH A . 
D 4 HOH 90  791 96  HOH HOH A . 
D 4 HOH 91  792 98  HOH HOH A . 
D 4 HOH 92  793 99  HOH HOH A . 
D 4 HOH 93  794 100 HOH HOH A . 
D 4 HOH 94  795 101 HOH HOH A . 
D 4 HOH 95  796 102 HOH HOH A . 
D 4 HOH 96  797 103 HOH HOH A . 
D 4 HOH 97  798 104 HOH HOH A . 
D 4 HOH 98  799 105 HOH HOH A . 
D 4 HOH 99  800 106 HOH HOH A . 
D 4 HOH 100 801 107 HOH HOH A . 
D 4 HOH 101 802 108 HOH HOH A . 
D 4 HOH 102 803 109 HOH HOH A . 
D 4 HOH 103 804 110 HOH HOH A . 
D 4 HOH 104 805 111 HOH HOH A . 
D 4 HOH 105 806 112 HOH HOH A . 
D 4 HOH 106 807 113 HOH HOH A . 
# 
_pdbx_struct_assembly.id                   1 
_pdbx_struct_assembly.details              author_defined_assembly 
_pdbx_struct_assembly.method_details       ? 
_pdbx_struct_assembly.oligomeric_details   monomeric 
_pdbx_struct_assembly.oligomeric_count     1 
# 
_pdbx_struct_assembly_gen.assembly_id       1 
_pdbx_struct_assembly_gen.oper_expression   1 
_pdbx_struct_assembly_gen.asym_id_list      A,B,C,D 
# 
_pdbx_struct_oper_list.id                   1 
_pdbx_struct_oper_list.type                 'identity operation' 
_pdbx_struct_oper_list.name                 1_555 
_pdbx_struct_oper_list.symmetry_operation   x,y,z 
_pdbx_struct_oper_list.matrix[1][1]         1.0000000000 
_pdbx_struct_oper_list.matrix[1][2]         0.0000000000 
_pdbx_struct_oper_list.matrix[1][3]         0.0000000000 
_pdbx_struct_oper_list.vector[1]            0.0000000000 
_pdbx_struct_oper_list.matrix[2][1]         0.0000000000 
_pdbx_struct_oper_list.matrix[2][2]         1.0000000000 
_pdbx_struct_oper_list.matrix[2][3]         0.0000000000 
_pdbx_struct_oper_list.vector[2]            0.0000000000 
_pdbx_struct_oper_list.matrix[3][1]         0.0000000000 
_pdbx_struct_oper_list.matrix[3][2]         0.0000000000 
_pdbx_struct_oper_list.matrix[3][3]         1.0000000000 
_pdbx_struct_oper_list.vector[3]            0.0000000000 
# 
loop_
_pdbx_struct_conn_angle.id 
_pdbx_struct_conn_angle.ptnr1_label_atom_id 
_pdbx_struct_conn_angle.ptnr1_label_alt_id 
_pdbx_struct_conn_angle.ptnr1_label_asym_id 
_pdbx_struct_conn_angle.ptnr1_label_comp_id 
_pdbx_struct_conn_angle.ptnr1_label_seq_id 
_pdbx_struct_conn_angle.ptnr1_auth_atom_id 
_pdbx_struct_conn_angle.ptnr1_auth_asym_id 
_pdbx_struct_conn_angle.ptnr1_auth_comp_id 
_pdbx_struct_conn_angle.ptnr1_auth_seq_id 
_pdbx_struct_conn_angle.ptnr1_PDB_ins_code 
_pdbx_struct_conn_angle.ptnr1_symmetry 
_pdbx_struct_conn_angle.ptnr2_label_atom_id 
_pdbx_struct_conn_angle.ptnr2_label_alt_id 
_pdbx_struct_conn_angle.ptnr2_label_asym_id 
_pdbx_struct_conn_angle.ptnr2_label_comp_id 
_pdbx_struct_conn_angle.ptnr2_label_seq_id 
_pdbx_struct_conn_angle.ptnr2_auth_atom_id 
_pdbx_struct_conn_angle.ptnr2_auth_asym_id 
_pdbx_struct_conn_angle.ptnr2_auth_comp_id 
_pdbx_struct_conn_angle.ptnr2_auth_seq_id 
_pdbx_struct_conn_angle.ptnr2_PDB_ins_code 
_pdbx_struct_conn_angle.ptnr2_symmetry 
_pdbx_struct_conn_angle.ptnr3_label_atom_id 
_pdbx_struct_conn_angle.ptnr3_label_alt_id 
_pdbx_struct_conn_angle.ptnr3_label_asym_id 
_pdbx_struct_conn_angle.ptnr3_label_comp_id 
_pdbx_struct_conn_angle.ptnr3_label_seq_id 
_pdbx_struct_conn_angle.ptnr3_auth_atom_id 
_pdbx_struct_conn_angle.ptnr3_auth_asym_id 
_pdbx_struct_conn_angle.ptnr3_auth_comp_id 
_pdbx_struct_conn_angle.ptnr3_auth_seq_id 
_pdbx_struct_conn_angle.ptnr3_PDB_ins_code 
_pdbx_struct_conn_angle.ptnr3_symmetry 
_pdbx_struct_conn_angle.value 
_pdbx_struct_conn_angle.value_esd 
1  OG1 ? A THR 40 ? A THR 22  ? 1_555 MG ? B MG . ? A MG 701 ? 1_555 OG1 ? A THR 58 ? A THR 40  ? 1_555 88.4  ? 
2  OG1 ? A THR 40 ? A THR 22  ? 1_555 MG ? B MG . ? A MG 701 ? 1_555 O2G ? C GNP .  ? A GNP 700 ? 1_555 175.6 ? 
3  OG1 ? A THR 58 ? A THR 40  ? 1_555 MG ? B MG . ? A MG 701 ? 1_555 O2G ? C GNP .  ? A GNP 700 ? 1_555 88.8  ? 
4  OG1 ? A THR 40 ? A THR 22  ? 1_555 MG ? B MG . ? A MG 701 ? 1_555 O2B ? C GNP .  ? A GNP 700 ? 1_555 95.8  ? 
5  OG1 ? A THR 58 ? A THR 40  ? 1_555 MG ? B MG . ? A MG 701 ? 1_555 O2B ? C GNP .  ? A GNP 700 ? 1_555 169.8 ? 
6  O2G ? C GNP .  ? A GNP 700 ? 1_555 MG ? B MG . ? A MG 701 ? 1_555 O2B ? C GNP .  ? A GNP 700 ? 1_555 86.5  ? 
7  OG1 ? A THR 40 ? A THR 22  ? 1_555 MG ? B MG . ? A MG 701 ? 1_555 O   ? D HOH .  ? A HOH 746 ? 1_555 93.2  ? 
8  OG1 ? A THR 58 ? A THR 40  ? 1_555 MG ? B MG . ? A MG 701 ? 1_555 O   ? D HOH .  ? A HOH 746 ? 1_555 84.0  ? 
9  O2G ? C GNP .  ? A GNP 700 ? 1_555 MG ? B MG . ? A MG 701 ? 1_555 O   ? D HOH .  ? A HOH 746 ? 1_555 83.1  ? 
10 O2B ? C GNP .  ? A GNP 700 ? 1_555 MG ? B MG . ? A MG 701 ? 1_555 O   ? D HOH .  ? A HOH 746 ? 1_555 86.5  ? 
11 OG1 ? A THR 40 ? A THR 22  ? 1_555 MG ? B MG . ? A MG 701 ? 1_555 O   ? D HOH .  ? A HOH 801 ? 1_555 96.5  ? 
12 OG1 ? A THR 58 ? A THR 40  ? 1_555 MG ? B MG . ? A MG 701 ? 1_555 O   ? D HOH .  ? A HOH 801 ? 1_555 100.3 ? 
13 O2G ? C GNP .  ? A GNP 700 ? 1_555 MG ? B MG . ? A MG 701 ? 1_555 O   ? D HOH .  ? A HOH 801 ? 1_555 87.4  ? 
14 O2B ? C GNP .  ? A GNP 700 ? 1_555 MG ? B MG . ? A MG 701 ? 1_555 O   ? D HOH .  ? A HOH 801 ? 1_555 88.6  ? 
15 O   ? D HOH .  ? A HOH 746 ? 1_555 MG ? B MG . ? A MG 701 ? 1_555 O   ? D HOH .  ? A HOH 801 ? 1_555 169.5 ? 
# 
loop_
_pdbx_audit_revision_history.ordinal 
_pdbx_audit_revision_history.data_content_type 
_pdbx_audit_revision_history.major_revision 
_pdbx_audit_revision_history.minor_revision 
_pdbx_audit_revision_history.revision_date 
1 'Structure model' 1 0 2005-11-08 
2 'Structure model' 1 1 2008-05-01 
3 'Structure model' 1 2 2011-07-13 
4 'Structure model' 1 3 2023-08-23 
# 
_pdbx_audit_revision_details.ordinal             1 
_pdbx_audit_revision_details.revision_ordinal    1 
_pdbx_audit_revision_details.data_content_type   'Structure model' 
_pdbx_audit_revision_details.provider            repository 
_pdbx_audit_revision_details.type                'Initial release' 
_pdbx_audit_revision_details.description         ? 
_pdbx_audit_revision_details.details             ? 
# 
loop_
_pdbx_audit_revision_group.ordinal 
_pdbx_audit_revision_group.revision_ordinal 
_pdbx_audit_revision_group.data_content_type 
_pdbx_audit_revision_group.group 
1 2 'Structure model' 'Version format compliance' 
2 3 'Structure model' 'Version format compliance' 
3 4 'Structure model' 'Data collection'           
4 4 'Structure model' 'Database references'       
5 4 'Structure model' 'Derived calculations'      
6 4 'Structure model' 'Refinement description'    
# 
loop_
_pdbx_audit_revision_category.ordinal 
_pdbx_audit_revision_category.revision_ordinal 
_pdbx_audit_revision_category.data_content_type 
_pdbx_audit_revision_category.category 
1 4 'Structure model' chem_comp_atom                
2 4 'Structure model' chem_comp_bond                
3 4 'Structure model' database_2                    
4 4 'Structure model' pdbx_initial_refinement_model 
5 4 'Structure model' pdbx_struct_conn_angle        
6 4 'Structure model' struct_conn                   
7 4 'Structure model' struct_ref_seq_dif            
8 4 'Structure model' struct_site                   
# 
loop_
_pdbx_audit_revision_item.ordinal 
_pdbx_audit_revision_item.revision_ordinal 
_pdbx_audit_revision_item.data_content_type 
_pdbx_audit_revision_item.item 
1  4 'Structure model' '_database_2.pdbx_DOI'                        
2  4 'Structure model' '_database_2.pdbx_database_accession'         
3  4 'Structure model' '_pdbx_struct_conn_angle.ptnr1_auth_comp_id'  
4  4 'Structure model' '_pdbx_struct_conn_angle.ptnr1_auth_seq_id'   
5  4 'Structure model' '_pdbx_struct_conn_angle.ptnr1_label_asym_id' 
6  4 'Structure model' '_pdbx_struct_conn_angle.ptnr1_label_atom_id' 
7  4 'Structure model' '_pdbx_struct_conn_angle.ptnr1_label_comp_id' 
8  4 'Structure model' '_pdbx_struct_conn_angle.ptnr1_label_seq_id'  
9  4 'Structure model' '_pdbx_struct_conn_angle.ptnr3_auth_comp_id'  
10 4 'Structure model' '_pdbx_struct_conn_angle.ptnr3_auth_seq_id'   
11 4 'Structure model' '_pdbx_struct_conn_angle.ptnr3_label_asym_id' 
12 4 'Structure model' '_pdbx_struct_conn_angle.ptnr3_label_atom_id' 
13 4 'Structure model' '_pdbx_struct_conn_angle.ptnr3_label_comp_id' 
14 4 'Structure model' '_pdbx_struct_conn_angle.ptnr3_label_seq_id'  
15 4 'Structure model' '_pdbx_struct_conn_angle.value'               
16 4 'Structure model' '_struct_conn.pdbx_dist_value'                
17 4 'Structure model' '_struct_conn.ptnr1_auth_comp_id'             
18 4 'Structure model' '_struct_conn.ptnr1_auth_seq_id'              
19 4 'Structure model' '_struct_conn.ptnr1_label_asym_id'            
20 4 'Structure model' '_struct_conn.ptnr1_label_atom_id'            
21 4 'Structure model' '_struct_conn.ptnr1_label_comp_id'            
22 4 'Structure model' '_struct_conn.ptnr1_label_seq_id'             
23 4 'Structure model' '_struct_conn.ptnr2_auth_comp_id'             
24 4 'Structure model' '_struct_conn.ptnr2_auth_seq_id'              
25 4 'Structure model' '_struct_conn.ptnr2_label_asym_id'            
26 4 'Structure model' '_struct_conn.ptnr2_label_atom_id'            
27 4 'Structure model' '_struct_conn.ptnr2_label_comp_id'            
28 4 'Structure model' '_struct_conn.ptnr2_label_seq_id'             
29 4 'Structure model' '_struct_ref_seq_dif.details'                 
30 4 'Structure model' '_struct_site.pdbx_auth_asym_id'              
31 4 'Structure model' '_struct_site.pdbx_auth_comp_id'              
32 4 'Structure model' '_struct_site.pdbx_auth_seq_id'               
# 
loop_
_software.name 
_software.classification 
_software.version 
_software.citation_id 
_software.pdbx_ordinal 
REFMAC    refinement       5.2.0005 ? 1 
HKL-2000  'data reduction' .        ? 2 
SCALEPACK 'data scaling'   .        ? 3 
MOLREP    phasing          .        ? 4 
# 
_pdbx_validate_close_contact.id               1 
_pdbx_validate_close_contact.PDB_model_num    1 
_pdbx_validate_close_contact.auth_atom_id_1   O 
_pdbx_validate_close_contact.auth_asym_id_1   A 
_pdbx_validate_close_contact.auth_comp_id_1   ASN 
_pdbx_validate_close_contact.auth_seq_id_1    53 
_pdbx_validate_close_contact.PDB_ins_code_1   ? 
_pdbx_validate_close_contact.label_alt_id_1   ? 
_pdbx_validate_close_contact.auth_atom_id_2   O 
_pdbx_validate_close_contact.auth_asym_id_2   A 
_pdbx_validate_close_contact.auth_comp_id_2   HOH 
_pdbx_validate_close_contact.auth_seq_id_2    798 
_pdbx_validate_close_contact.PDB_ins_code_2   ? 
_pdbx_validate_close_contact.label_alt_id_2   ? 
_pdbx_validate_close_contact.dist             2.07 
# 
_pdbx_validate_rmsd_bond.id                        1 
_pdbx_validate_rmsd_bond.PDB_model_num             1 
_pdbx_validate_rmsd_bond.auth_atom_id_1            CD 
_pdbx_validate_rmsd_bond.auth_asym_id_1            A 
_pdbx_validate_rmsd_bond.auth_comp_id_1            GLU 
_pdbx_validate_rmsd_bond.auth_seq_id_1             141 
_pdbx_validate_rmsd_bond.PDB_ins_code_1            ? 
_pdbx_validate_rmsd_bond.label_alt_id_1            ? 
_pdbx_validate_rmsd_bond.auth_atom_id_2            OE1 
_pdbx_validate_rmsd_bond.auth_asym_id_2            A 
_pdbx_validate_rmsd_bond.auth_comp_id_2            GLU 
_pdbx_validate_rmsd_bond.auth_seq_id_2             141 
_pdbx_validate_rmsd_bond.PDB_ins_code_2            ? 
_pdbx_validate_rmsd_bond.label_alt_id_2            ? 
_pdbx_validate_rmsd_bond.bond_value                1.323 
_pdbx_validate_rmsd_bond.bond_target_value         1.252 
_pdbx_validate_rmsd_bond.bond_deviation            0.071 
_pdbx_validate_rmsd_bond.bond_standard_deviation   0.011 
_pdbx_validate_rmsd_bond.linker_flag               N 
# 
loop_
_pdbx_validate_rmsd_angle.id 
_pdbx_validate_rmsd_angle.PDB_model_num 
_pdbx_validate_rmsd_angle.auth_atom_id_1 
_pdbx_validate_rmsd_angle.auth_asym_id_1 
_pdbx_validate_rmsd_angle.auth_comp_id_1 
_pdbx_validate_rmsd_angle.auth_seq_id_1 
_pdbx_validate_rmsd_angle.PDB_ins_code_1 
_pdbx_validate_rmsd_angle.label_alt_id_1 
_pdbx_validate_rmsd_angle.auth_atom_id_2 
_pdbx_validate_rmsd_angle.auth_asym_id_2 
_pdbx_validate_rmsd_angle.auth_comp_id_2 
_pdbx_validate_rmsd_angle.auth_seq_id_2 
_pdbx_validate_rmsd_angle.PDB_ins_code_2 
_pdbx_validate_rmsd_angle.label_alt_id_2 
_pdbx_validate_rmsd_angle.auth_atom_id_3 
_pdbx_validate_rmsd_angle.auth_asym_id_3 
_pdbx_validate_rmsd_angle.auth_comp_id_3 
_pdbx_validate_rmsd_angle.auth_seq_id_3 
_pdbx_validate_rmsd_angle.PDB_ins_code_3 
_pdbx_validate_rmsd_angle.label_alt_id_3 
_pdbx_validate_rmsd_angle.angle_value 
_pdbx_validate_rmsd_angle.angle_target_value 
_pdbx_validate_rmsd_angle.angle_deviation 
_pdbx_validate_rmsd_angle.angle_standard_deviation 
_pdbx_validate_rmsd_angle.linker_flag 
1 1 NE  A ARG 71  ? ? CZ A ARG 71  ? ? NH2 A ARG 71  ? ? 115.90 120.30 -4.40  0.50 N 
2 1 CB  A ILE 123 ? ? CA A ILE 123 ? ? C   A ILE 123 ? ? 98.61  111.60 -12.99 2.00 N 
3 1 CG1 A ILE 123 ? ? CB A ILE 123 ? ? CG2 A ILE 123 ? ? 125.28 111.40 13.88  2.20 N 
4 1 NE  A ARG 129 ? ? CZ A ARG 129 ? ? NH1 A ARG 129 ? ? 124.89 120.30 4.59   0.50 N 
5 1 NE  A ARG 129 ? ? CZ A ARG 129 ? ? NH2 A ARG 129 ? ? 116.64 120.30 -3.66  0.50 N 
6 1 NE  A ARG 135 ? ? CZ A ARG 135 ? ? NH1 A ARG 135 ? ? 124.61 120.30 4.31   0.50 N 
7 1 NE  A ARG 135 ? ? CZ A ARG 135 ? ? NH2 A ARG 135 ? ? 116.10 120.30 -4.20  0.50 N 
# 
loop_
_pdbx_validate_torsion.id 
_pdbx_validate_torsion.PDB_model_num 
_pdbx_validate_torsion.auth_comp_id 
_pdbx_validate_torsion.auth_asym_id 
_pdbx_validate_torsion.auth_seq_id 
_pdbx_validate_torsion.PDB_ins_code 
_pdbx_validate_torsion.label_alt_id 
_pdbx_validate_torsion.phi 
_pdbx_validate_torsion.psi 
1 1 LYS A 122 ? ? 76.46 39.88 
2 1 SER A 155 ? ? 79.99 -9.74 
# 
loop_
_pdbx_unobs_or_zero_occ_residues.id 
_pdbx_unobs_or_zero_occ_residues.PDB_model_num 
_pdbx_unobs_or_zero_occ_residues.polymer_flag 
_pdbx_unobs_or_zero_occ_residues.occupancy_flag 
_pdbx_unobs_or_zero_occ_residues.auth_asym_id 
_pdbx_unobs_or_zero_occ_residues.auth_comp_id 
_pdbx_unobs_or_zero_occ_residues.auth_seq_id 
_pdbx_unobs_or_zero_occ_residues.PDB_ins_code 
_pdbx_unobs_or_zero_occ_residues.label_asym_id 
_pdbx_unobs_or_zero_occ_residues.label_comp_id 
_pdbx_unobs_or_zero_occ_residues.label_seq_id 
1  1 Y 1 A MET -17 ? A MET 1   
2  1 Y 1 A GLY -16 ? A GLY 2   
3  1 Y 1 A SER -15 ? A SER 3   
4  1 Y 1 A SER -14 ? A SER 4   
5  1 Y 1 A HIS -13 ? A HIS 5   
6  1 Y 1 A HIS -12 ? A HIS 6   
7  1 Y 1 A HIS -11 ? A HIS 7   
8  1 Y 1 A HIS -10 ? A HIS 8   
9  1 Y 1 A HIS -9  ? A HIS 9   
10 1 Y 1 A HIS -8  ? A HIS 10  
11 1 Y 1 A SER -7  ? A SER 11  
12 1 Y 1 A SER -6  ? A SER 12  
13 1 Y 1 A GLY -5  ? A GLY 13  
14 1 Y 1 A LEU -4  ? A LEU 14  
15 1 Y 1 A VAL -3  ? A VAL 15  
16 1 Y 1 A PRO -2  ? A PRO 16  
17 1 Y 1 A ARG -1  ? A ARG 17  
18 1 Y 1 A GLY 0   ? A GLY 18  
19 1 Y 1 A SER 1   ? A SER 19  
20 1 Y 1 A MET 2   ? A MET 20  
21 1 Y 1 A GLU 3   ? A GLU 21  
22 1 Y 1 A GLN 175 ? A GLN 193 
23 1 Y 1 A ASN 176 ? A ASN 194 
24 1 Y 1 A THR 177 ? A THR 195 
25 1 Y 1 A LEU 178 ? A LEU 196 
26 1 Y 1 A VAL 179 ? A VAL 197 
27 1 Y 1 A ASN 180 ? A ASN 198 
28 1 Y 1 A ASN 181 ? A ASN 199 
29 1 Y 1 A VAL 182 ? A VAL 200 
30 1 Y 1 A SER 183 ? A SER 201 
# 
loop_
_chem_comp_atom.comp_id 
_chem_comp_atom.atom_id 
_chem_comp_atom.type_symbol 
_chem_comp_atom.pdbx_aromatic_flag 
_chem_comp_atom.pdbx_stereo_config 
_chem_comp_atom.pdbx_ordinal 
ALA N      N  N N 1   
ALA CA     C  N S 2   
ALA C      C  N N 3   
ALA O      O  N N 4   
ALA CB     C  N N 5   
ALA OXT    O  N N 6   
ALA H      H  N N 7   
ALA H2     H  N N 8   
ALA HA     H  N N 9   
ALA HB1    H  N N 10  
ALA HB2    H  N N 11  
ALA HB3    H  N N 12  
ALA HXT    H  N N 13  
ARG N      N  N N 14  
ARG CA     C  N S 15  
ARG C      C  N N 16  
ARG O      O  N N 17  
ARG CB     C  N N 18  
ARG CG     C  N N 19  
ARG CD     C  N N 20  
ARG NE     N  N N 21  
ARG CZ     C  N N 22  
ARG NH1    N  N N 23  
ARG NH2    N  N N 24  
ARG OXT    O  N N 25  
ARG H      H  N N 26  
ARG H2     H  N N 27  
ARG HA     H  N N 28  
ARG HB2    H  N N 29  
ARG HB3    H  N N 30  
ARG HG2    H  N N 31  
ARG HG3    H  N N 32  
ARG HD2    H  N N 33  
ARG HD3    H  N N 34  
ARG HE     H  N N 35  
ARG HH11   H  N N 36  
ARG HH12   H  N N 37  
ARG HH21   H  N N 38  
ARG HH22   H  N N 39  
ARG HXT    H  N N 40  
ASN N      N  N N 41  
ASN CA     C  N S 42  
ASN C      C  N N 43  
ASN O      O  N N 44  
ASN CB     C  N N 45  
ASN CG     C  N N 46  
ASN OD1    O  N N 47  
ASN ND2    N  N N 48  
ASN OXT    O  N N 49  
ASN H      H  N N 50  
ASN H2     H  N N 51  
ASN HA     H  N N 52  
ASN HB2    H  N N 53  
ASN HB3    H  N N 54  
ASN HD21   H  N N 55  
ASN HD22   H  N N 56  
ASN HXT    H  N N 57  
ASP N      N  N N 58  
ASP CA     C  N S 59  
ASP C      C  N N 60  
ASP O      O  N N 61  
ASP CB     C  N N 62  
ASP CG     C  N N 63  
ASP OD1    O  N N 64  
ASP OD2    O  N N 65  
ASP OXT    O  N N 66  
ASP H      H  N N 67  
ASP H2     H  N N 68  
ASP HA     H  N N 69  
ASP HB2    H  N N 70  
ASP HB3    H  N N 71  
ASP HD2    H  N N 72  
ASP HXT    H  N N 73  
CYS N      N  N N 74  
CYS CA     C  N R 75  
CYS C      C  N N 76  
CYS O      O  N N 77  
CYS CB     C  N N 78  
CYS SG     S  N N 79  
CYS OXT    O  N N 80  
CYS H      H  N N 81  
CYS H2     H  N N 82  
CYS HA     H  N N 83  
CYS HB2    H  N N 84  
CYS HB3    H  N N 85  
CYS HG     H  N N 86  
CYS HXT    H  N N 87  
GLN N      N  N N 88  
GLN CA     C  N S 89  
GLN C      C  N N 90  
GLN O      O  N N 91  
GLN CB     C  N N 92  
GLN CG     C  N N 93  
GLN CD     C  N N 94  
GLN OE1    O  N N 95  
GLN NE2    N  N N 96  
GLN OXT    O  N N 97  
GLN H      H  N N 98  
GLN H2     H  N N 99  
GLN HA     H  N N 100 
GLN HB2    H  N N 101 
GLN HB3    H  N N 102 
GLN HG2    H  N N 103 
GLN HG3    H  N N 104 
GLN HE21   H  N N 105 
GLN HE22   H  N N 106 
GLN HXT    H  N N 107 
GLU N      N  N N 108 
GLU CA     C  N S 109 
GLU C      C  N N 110 
GLU O      O  N N 111 
GLU CB     C  N N 112 
GLU CG     C  N N 113 
GLU CD     C  N N 114 
GLU OE1    O  N N 115 
GLU OE2    O  N N 116 
GLU OXT    O  N N 117 
GLU H      H  N N 118 
GLU H2     H  N N 119 
GLU HA     H  N N 120 
GLU HB2    H  N N 121 
GLU HB3    H  N N 122 
GLU HG2    H  N N 123 
GLU HG3    H  N N 124 
GLU HE2    H  N N 125 
GLU HXT    H  N N 126 
GLY N      N  N N 127 
GLY CA     C  N N 128 
GLY C      C  N N 129 
GLY O      O  N N 130 
GLY OXT    O  N N 131 
GLY H      H  N N 132 
GLY H2     H  N N 133 
GLY HA2    H  N N 134 
GLY HA3    H  N N 135 
GLY HXT    H  N N 136 
GNP PG     P  N N 137 
GNP O1G    O  N N 138 
GNP O2G    O  N N 139 
GNP O3G    O  N N 140 
GNP N3B    N  N N 141 
GNP PB     P  N R 142 
GNP O1B    O  N N 143 
GNP O2B    O  N N 144 
GNP O3A    O  N N 145 
GNP PA     P  N S 146 
GNP O1A    O  N N 147 
GNP O2A    O  N N 148 
GNP "O5'"  O  N N 149 
GNP "C5'"  C  N N 150 
GNP "C4'"  C  N R 151 
GNP "O4'"  O  N N 152 
GNP "C3'"  C  N S 153 
GNP "O3'"  O  N N 154 
GNP "C2'"  C  N R 155 
GNP "O2'"  O  N N 156 
GNP "C1'"  C  N R 157 
GNP N9     N  Y N 158 
GNP C8     C  Y N 159 
GNP N7     N  Y N 160 
GNP C5     C  Y N 161 
GNP C6     C  Y N 162 
GNP O6     O  N N 163 
GNP N1     N  Y N 164 
GNP C2     C  Y N 165 
GNP N2     N  N N 166 
GNP N3     N  Y N 167 
GNP C4     C  Y N 168 
GNP HOG2   H  N N 169 
GNP HOG3   H  N N 170 
GNP HNB3   H  N N 171 
GNP HOB2   H  N N 172 
GNP HOA2   H  N N 173 
GNP "H5'2" H  N N 174 
GNP "H5'1" H  N N 175 
GNP "H4'"  H  N N 176 
GNP "H3'"  H  N N 177 
GNP "HO3'" H  N N 178 
GNP "H2'"  H  N N 179 
GNP "HO2'" H  N N 180 
GNP "H1'"  H  N N 181 
GNP H8     H  N N 182 
GNP HN1    H  N N 183 
GNP HN21   H  N N 184 
GNP HN22   H  N N 185 
HIS N      N  N N 186 
HIS CA     C  N S 187 
HIS C      C  N N 188 
HIS O      O  N N 189 
HIS CB     C  N N 190 
HIS CG     C  Y N 191 
HIS ND1    N  Y N 192 
HIS CD2    C  Y N 193 
HIS CE1    C  Y N 194 
HIS NE2    N  Y N 195 
HIS OXT    O  N N 196 
HIS H      H  N N 197 
HIS H2     H  N N 198 
HIS HA     H  N N 199 
HIS HB2    H  N N 200 
HIS HB3    H  N N 201 
HIS HD1    H  N N 202 
HIS HD2    H  N N 203 
HIS HE1    H  N N 204 
HIS HE2    H  N N 205 
HIS HXT    H  N N 206 
HOH O      O  N N 207 
HOH H1     H  N N 208 
HOH H2     H  N N 209 
ILE N      N  N N 210 
ILE CA     C  N S 211 
ILE C      C  N N 212 
ILE O      O  N N 213 
ILE CB     C  N S 214 
ILE CG1    C  N N 215 
ILE CG2    C  N N 216 
ILE CD1    C  N N 217 
ILE OXT    O  N N 218 
ILE H      H  N N 219 
ILE H2     H  N N 220 
ILE HA     H  N N 221 
ILE HB     H  N N 222 
ILE HG12   H  N N 223 
ILE HG13   H  N N 224 
ILE HG21   H  N N 225 
ILE HG22   H  N N 226 
ILE HG23   H  N N 227 
ILE HD11   H  N N 228 
ILE HD12   H  N N 229 
ILE HD13   H  N N 230 
ILE HXT    H  N N 231 
LEU N      N  N N 232 
LEU CA     C  N S 233 
LEU C      C  N N 234 
LEU O      O  N N 235 
LEU CB     C  N N 236 
LEU CG     C  N N 237 
LEU CD1    C  N N 238 
LEU CD2    C  N N 239 
LEU OXT    O  N N 240 
LEU H      H  N N 241 
LEU H2     H  N N 242 
LEU HA     H  N N 243 
LEU HB2    H  N N 244 
LEU HB3    H  N N 245 
LEU HG     H  N N 246 
LEU HD11   H  N N 247 
LEU HD12   H  N N 248 
LEU HD13   H  N N 249 
LEU HD21   H  N N 250 
LEU HD22   H  N N 251 
LEU HD23   H  N N 252 
LEU HXT    H  N N 253 
LYS N      N  N N 254 
LYS CA     C  N S 255 
LYS C      C  N N 256 
LYS O      O  N N 257 
LYS CB     C  N N 258 
LYS CG     C  N N 259 
LYS CD     C  N N 260 
LYS CE     C  N N 261 
LYS NZ     N  N N 262 
LYS OXT    O  N N 263 
LYS H      H  N N 264 
LYS H2     H  N N 265 
LYS HA     H  N N 266 
LYS HB2    H  N N 267 
LYS HB3    H  N N 268 
LYS HG2    H  N N 269 
LYS HG3    H  N N 270 
LYS HD2    H  N N 271 
LYS HD3    H  N N 272 
LYS HE2    H  N N 273 
LYS HE3    H  N N 274 
LYS HZ1    H  N N 275 
LYS HZ2    H  N N 276 
LYS HZ3    H  N N 277 
LYS HXT    H  N N 278 
MET N      N  N N 279 
MET CA     C  N S 280 
MET C      C  N N 281 
MET O      O  N N 282 
MET CB     C  N N 283 
MET CG     C  N N 284 
MET SD     S  N N 285 
MET CE     C  N N 286 
MET OXT    O  N N 287 
MET H      H  N N 288 
MET H2     H  N N 289 
MET HA     H  N N 290 
MET HB2    H  N N 291 
MET HB3    H  N N 292 
MET HG2    H  N N 293 
MET HG3    H  N N 294 
MET HE1    H  N N 295 
MET HE2    H  N N 296 
MET HE3    H  N N 297 
MET HXT    H  N N 298 
MG  MG     MG N N 299 
PHE N      N  N N 300 
PHE CA     C  N S 301 
PHE C      C  N N 302 
PHE O      O  N N 303 
PHE CB     C  N N 304 
PHE CG     C  Y N 305 
PHE CD1    C  Y N 306 
PHE CD2    C  Y N 307 
PHE CE1    C  Y N 308 
PHE CE2    C  Y N 309 
PHE CZ     C  Y N 310 
PHE OXT    O  N N 311 
PHE H      H  N N 312 
PHE H2     H  N N 313 
PHE HA     H  N N 314 
PHE HB2    H  N N 315 
PHE HB3    H  N N 316 
PHE HD1    H  N N 317 
PHE HD2    H  N N 318 
PHE HE1    H  N N 319 
PHE HE2    H  N N 320 
PHE HZ     H  N N 321 
PHE HXT    H  N N 322 
PRO N      N  N N 323 
PRO CA     C  N S 324 
PRO C      C  N N 325 
PRO O      O  N N 326 
PRO CB     C  N N 327 
PRO CG     C  N N 328 
PRO CD     C  N N 329 
PRO OXT    O  N N 330 
PRO H      H  N N 331 
PRO HA     H  N N 332 
PRO HB2    H  N N 333 
PRO HB3    H  N N 334 
PRO HG2    H  N N 335 
PRO HG3    H  N N 336 
PRO HD2    H  N N 337 
PRO HD3    H  N N 338 
PRO HXT    H  N N 339 
SER N      N  N N 340 
SER CA     C  N S 341 
SER C      C  N N 342 
SER O      O  N N 343 
SER CB     C  N N 344 
SER OG     O  N N 345 
SER OXT    O  N N 346 
SER H      H  N N 347 
SER H2     H  N N 348 
SER HA     H  N N 349 
SER HB2    H  N N 350 
SER HB3    H  N N 351 
SER HG     H  N N 352 
SER HXT    H  N N 353 
THR N      N  N N 354 
THR CA     C  N S 355 
THR C      C  N N 356 
THR O      O  N N 357 
THR CB     C  N R 358 
THR OG1    O  N N 359 
THR CG2    C  N N 360 
THR OXT    O  N N 361 
THR H      H  N N 362 
THR H2     H  N N 363 
THR HA     H  N N 364 
THR HB     H  N N 365 
THR HG1    H  N N 366 
THR HG21   H  N N 367 
THR HG22   H  N N 368 
THR HG23   H  N N 369 
THR HXT    H  N N 370 
TRP N      N  N N 371 
TRP CA     C  N S 372 
TRP C      C  N N 373 
TRP O      O  N N 374 
TRP CB     C  N N 375 
TRP CG     C  Y N 376 
TRP CD1    C  Y N 377 
TRP CD2    C  Y N 378 
TRP NE1    N  Y N 379 
TRP CE2    C  Y N 380 
TRP CE3    C  Y N 381 
TRP CZ2    C  Y N 382 
TRP CZ3    C  Y N 383 
TRP CH2    C  Y N 384 
TRP OXT    O  N N 385 
TRP H      H  N N 386 
TRP H2     H  N N 387 
TRP HA     H  N N 388 
TRP HB2    H  N N 389 
TRP HB3    H  N N 390 
TRP HD1    H  N N 391 
TRP HE1    H  N N 392 
TRP HE3    H  N N 393 
TRP HZ2    H  N N 394 
TRP HZ3    H  N N 395 
TRP HH2    H  N N 396 
TRP HXT    H  N N 397 
TYR N      N  N N 398 
TYR CA     C  N S 399 
TYR C      C  N N 400 
TYR O      O  N N 401 
TYR CB     C  N N 402 
TYR CG     C  Y N 403 
TYR CD1    C  Y N 404 
TYR CD2    C  Y N 405 
TYR CE1    C  Y N 406 
TYR CE2    C  Y N 407 
TYR CZ     C  Y N 408 
TYR OH     O  N N 409 
TYR OXT    O  N N 410 
TYR H      H  N N 411 
TYR H2     H  N N 412 
TYR HA     H  N N 413 
TYR HB2    H  N N 414 
TYR HB3    H  N N 415 
TYR HD1    H  N N 416 
TYR HD2    H  N N 417 
TYR HE1    H  N N 418 
TYR HE2    H  N N 419 
TYR HH     H  N N 420 
TYR HXT    H  N N 421 
VAL N      N  N N 422 
VAL CA     C  N S 423 
VAL C      C  N N 424 
VAL O      O  N N 425 
VAL CB     C  N N 426 
VAL CG1    C  N N 427 
VAL CG2    C  N N 428 
VAL OXT    O  N N 429 
VAL H      H  N N 430 
VAL H2     H  N N 431 
VAL HA     H  N N 432 
VAL HB     H  N N 433 
VAL HG11   H  N N 434 
VAL HG12   H  N N 435 
VAL HG13   H  N N 436 
VAL HG21   H  N N 437 
VAL HG22   H  N N 438 
VAL HG23   H  N N 439 
VAL HXT    H  N N 440 
# 
loop_
_chem_comp_bond.comp_id 
_chem_comp_bond.atom_id_1 
_chem_comp_bond.atom_id_2 
_chem_comp_bond.value_order 
_chem_comp_bond.pdbx_aromatic_flag 
_chem_comp_bond.pdbx_stereo_config 
_chem_comp_bond.pdbx_ordinal 
ALA N     CA     sing N N 1   
ALA N     H      sing N N 2   
ALA N     H2     sing N N 3   
ALA CA    C      sing N N 4   
ALA CA    CB     sing N N 5   
ALA CA    HA     sing N N 6   
ALA C     O      doub N N 7   
ALA C     OXT    sing N N 8   
ALA CB    HB1    sing N N 9   
ALA CB    HB2    sing N N 10  
ALA CB    HB3    sing N N 11  
ALA OXT   HXT    sing N N 12  
ARG N     CA     sing N N 13  
ARG N     H      sing N N 14  
ARG N     H2     sing N N 15  
ARG CA    C      sing N N 16  
ARG CA    CB     sing N N 17  
ARG CA    HA     sing N N 18  
ARG C     O      doub N N 19  
ARG C     OXT    sing N N 20  
ARG CB    CG     sing N N 21  
ARG CB    HB2    sing N N 22  
ARG CB    HB3    sing N N 23  
ARG CG    CD     sing N N 24  
ARG CG    HG2    sing N N 25  
ARG CG    HG3    sing N N 26  
ARG CD    NE     sing N N 27  
ARG CD    HD2    sing N N 28  
ARG CD    HD3    sing N N 29  
ARG NE    CZ     sing N N 30  
ARG NE    HE     sing N N 31  
ARG CZ    NH1    sing N N 32  
ARG CZ    NH2    doub N N 33  
ARG NH1   HH11   sing N N 34  
ARG NH1   HH12   sing N N 35  
ARG NH2   HH21   sing N N 36  
ARG NH2   HH22   sing N N 37  
ARG OXT   HXT    sing N N 38  
ASN N     CA     sing N N 39  
ASN N     H      sing N N 40  
ASN N     H2     sing N N 41  
ASN CA    C      sing N N 42  
ASN CA    CB     sing N N 43  
ASN CA    HA     sing N N 44  
ASN C     O      doub N N 45  
ASN C     OXT    sing N N 46  
ASN CB    CG     sing N N 47  
ASN CB    HB2    sing N N 48  
ASN CB    HB3    sing N N 49  
ASN CG    OD1    doub N N 50  
ASN CG    ND2    sing N N 51  
ASN ND2   HD21   sing N N 52  
ASN ND2   HD22   sing N N 53  
ASN OXT   HXT    sing N N 54  
ASP N     CA     sing N N 55  
ASP N     H      sing N N 56  
ASP N     H2     sing N N 57  
ASP CA    C      sing N N 58  
ASP CA    CB     sing N N 59  
ASP CA    HA     sing N N 60  
ASP C     O      doub N N 61  
ASP C     OXT    sing N N 62  
ASP CB    CG     sing N N 63  
ASP CB    HB2    sing N N 64  
ASP CB    HB3    sing N N 65  
ASP CG    OD1    doub N N 66  
ASP CG    OD2    sing N N 67  
ASP OD2   HD2    sing N N 68  
ASP OXT   HXT    sing N N 69  
CYS N     CA     sing N N 70  
CYS N     H      sing N N 71  
CYS N     H2     sing N N 72  
CYS CA    C      sing N N 73  
CYS CA    CB     sing N N 74  
CYS CA    HA     sing N N 75  
CYS C     O      doub N N 76  
CYS C     OXT    sing N N 77  
CYS CB    SG     sing N N 78  
CYS CB    HB2    sing N N 79  
CYS CB    HB3    sing N N 80  
CYS SG    HG     sing N N 81  
CYS OXT   HXT    sing N N 82  
GLN N     CA     sing N N 83  
GLN N     H      sing N N 84  
GLN N     H2     sing N N 85  
GLN CA    C      sing N N 86  
GLN CA    CB     sing N N 87  
GLN CA    HA     sing N N 88  
GLN C     O      doub N N 89  
GLN C     OXT    sing N N 90  
GLN CB    CG     sing N N 91  
GLN CB    HB2    sing N N 92  
GLN CB    HB3    sing N N 93  
GLN CG    CD     sing N N 94  
GLN CG    HG2    sing N N 95  
GLN CG    HG3    sing N N 96  
GLN CD    OE1    doub N N 97  
GLN CD    NE2    sing N N 98  
GLN NE2   HE21   sing N N 99  
GLN NE2   HE22   sing N N 100 
GLN OXT   HXT    sing N N 101 
GLU N     CA     sing N N 102 
GLU N     H      sing N N 103 
GLU N     H2     sing N N 104 
GLU CA    C      sing N N 105 
GLU CA    CB     sing N N 106 
GLU CA    HA     sing N N 107 
GLU C     O      doub N N 108 
GLU C     OXT    sing N N 109 
GLU CB    CG     sing N N 110 
GLU CB    HB2    sing N N 111 
GLU CB    HB3    sing N N 112 
GLU CG    CD     sing N N 113 
GLU CG    HG2    sing N N 114 
GLU CG    HG3    sing N N 115 
GLU CD    OE1    doub N N 116 
GLU CD    OE2    sing N N 117 
GLU OE2   HE2    sing N N 118 
GLU OXT   HXT    sing N N 119 
GLY N     CA     sing N N 120 
GLY N     H      sing N N 121 
GLY N     H2     sing N N 122 
GLY CA    C      sing N N 123 
GLY CA    HA2    sing N N 124 
GLY CA    HA3    sing N N 125 
GLY C     O      doub N N 126 
GLY C     OXT    sing N N 127 
GLY OXT   HXT    sing N N 128 
GNP PG    O1G    doub N N 129 
GNP PG    O2G    sing N N 130 
GNP PG    O3G    sing N N 131 
GNP PG    N3B    sing N N 132 
GNP O2G   HOG2   sing N N 133 
GNP O3G   HOG3   sing N N 134 
GNP N3B   PB     sing N N 135 
GNP N3B   HNB3   sing N N 136 
GNP PB    O1B    doub N N 137 
GNP PB    O2B    sing N N 138 
GNP PB    O3A    sing N N 139 
GNP O2B   HOB2   sing N N 140 
GNP O3A   PA     sing N N 141 
GNP PA    O1A    doub N N 142 
GNP PA    O2A    sing N N 143 
GNP PA    "O5'"  sing N N 144 
GNP O2A   HOA2   sing N N 145 
GNP "O5'" "C5'"  sing N N 146 
GNP "C5'" "C4'"  sing N N 147 
GNP "C5'" "H5'2" sing N N 148 
GNP "C5'" "H5'1" sing N N 149 
GNP "C4'" "O4'"  sing N N 150 
GNP "C4'" "C3'"  sing N N 151 
GNP "C4'" "H4'"  sing N N 152 
GNP "O4'" "C1'"  sing N N 153 
GNP "C3'" "O3'"  sing N N 154 
GNP "C3'" "C2'"  sing N N 155 
GNP "C3'" "H3'"  sing N N 156 
GNP "O3'" "HO3'" sing N N 157 
GNP "C2'" "O2'"  sing N N 158 
GNP "C2'" "C1'"  sing N N 159 
GNP "C2'" "H2'"  sing N N 160 
GNP "O2'" "HO2'" sing N N 161 
GNP "C1'" N9     sing N N 162 
GNP "C1'" "H1'"  sing N N 163 
GNP N9    C8     sing Y N 164 
GNP N9    C4     sing Y N 165 
GNP C8    N7     doub Y N 166 
GNP C8    H8     sing N N 167 
GNP N7    C5     sing Y N 168 
GNP C5    C6     sing Y N 169 
GNP C5    C4     doub Y N 170 
GNP C6    O6     doub N N 171 
GNP C6    N1     sing Y N 172 
GNP N1    C2     sing Y N 173 
GNP N1    HN1    sing N N 174 
GNP C2    N2     sing N N 175 
GNP C2    N3     doub Y N 176 
GNP N2    HN21   sing N N 177 
GNP N2    HN22   sing N N 178 
GNP N3    C4     sing Y N 179 
HIS N     CA     sing N N 180 
HIS N     H      sing N N 181 
HIS N     H2     sing N N 182 
HIS CA    C      sing N N 183 
HIS CA    CB     sing N N 184 
HIS CA    HA     sing N N 185 
HIS C     O      doub N N 186 
HIS C     OXT    sing N N 187 
HIS CB    CG     sing N N 188 
HIS CB    HB2    sing N N 189 
HIS CB    HB3    sing N N 190 
HIS CG    ND1    sing Y N 191 
HIS CG    CD2    doub Y N 192 
HIS ND1   CE1    doub Y N 193 
HIS ND1   HD1    sing N N 194 
HIS CD2   NE2    sing Y N 195 
HIS CD2   HD2    sing N N 196 
HIS CE1   NE2    sing Y N 197 
HIS CE1   HE1    sing N N 198 
HIS NE2   HE2    sing N N 199 
HIS OXT   HXT    sing N N 200 
HOH O     H1     sing N N 201 
HOH O     H2     sing N N 202 
ILE N     CA     sing N N 203 
ILE N     H      sing N N 204 
ILE N     H2     sing N N 205 
ILE CA    C      sing N N 206 
ILE CA    CB     sing N N 207 
ILE CA    HA     sing N N 208 
ILE C     O      doub N N 209 
ILE C     OXT    sing N N 210 
ILE CB    CG1    sing N N 211 
ILE CB    CG2    sing N N 212 
ILE CB    HB     sing N N 213 
ILE CG1   CD1    sing N N 214 
ILE CG1   HG12   sing N N 215 
ILE CG1   HG13   sing N N 216 
ILE CG2   HG21   sing N N 217 
ILE CG2   HG22   sing N N 218 
ILE CG2   HG23   sing N N 219 
ILE CD1   HD11   sing N N 220 
ILE CD1   HD12   sing N N 221 
ILE CD1   HD13   sing N N 222 
ILE OXT   HXT    sing N N 223 
LEU N     CA     sing N N 224 
LEU N     H      sing N N 225 
LEU N     H2     sing N N 226 
LEU CA    C      sing N N 227 
LEU CA    CB     sing N N 228 
LEU CA    HA     sing N N 229 
LEU C     O      doub N N 230 
LEU C     OXT    sing N N 231 
LEU CB    CG     sing N N 232 
LEU CB    HB2    sing N N 233 
LEU CB    HB3    sing N N 234 
LEU CG    CD1    sing N N 235 
LEU CG    CD2    sing N N 236 
LEU CG    HG     sing N N 237 
LEU CD1   HD11   sing N N 238 
LEU CD1   HD12   sing N N 239 
LEU CD1   HD13   sing N N 240 
LEU CD2   HD21   sing N N 241 
LEU CD2   HD22   sing N N 242 
LEU CD2   HD23   sing N N 243 
LEU OXT   HXT    sing N N 244 
LYS N     CA     sing N N 245 
LYS N     H      sing N N 246 
LYS N     H2     sing N N 247 
LYS CA    C      sing N N 248 
LYS CA    CB     sing N N 249 
LYS CA    HA     sing N N 250 
LYS C     O      doub N N 251 
LYS C     OXT    sing N N 252 
LYS CB    CG     sing N N 253 
LYS CB    HB2    sing N N 254 
LYS CB    HB3    sing N N 255 
LYS CG    CD     sing N N 256 
LYS CG    HG2    sing N N 257 
LYS CG    HG3    sing N N 258 
LYS CD    CE     sing N N 259 
LYS CD    HD2    sing N N 260 
LYS CD    HD3    sing N N 261 
LYS CE    NZ     sing N N 262 
LYS CE    HE2    sing N N 263 
LYS CE    HE3    sing N N 264 
LYS NZ    HZ1    sing N N 265 
LYS NZ    HZ2    sing N N 266 
LYS NZ    HZ3    sing N N 267 
LYS OXT   HXT    sing N N 268 
MET N     CA     sing N N 269 
MET N     H      sing N N 270 
MET N     H2     sing N N 271 
MET CA    C      sing N N 272 
MET CA    CB     sing N N 273 
MET CA    HA     sing N N 274 
MET C     O      doub N N 275 
MET C     OXT    sing N N 276 
MET CB    CG     sing N N 277 
MET CB    HB2    sing N N 278 
MET CB    HB3    sing N N 279 
MET CG    SD     sing N N 280 
MET CG    HG2    sing N N 281 
MET CG    HG3    sing N N 282 
MET SD    CE     sing N N 283 
MET CE    HE1    sing N N 284 
MET CE    HE2    sing N N 285 
MET CE    HE3    sing N N 286 
MET OXT   HXT    sing N N 287 
PHE N     CA     sing N N 288 
PHE N     H      sing N N 289 
PHE N     H2     sing N N 290 
PHE CA    C      sing N N 291 
PHE CA    CB     sing N N 292 
PHE CA    HA     sing N N 293 
PHE C     O      doub N N 294 
PHE C     OXT    sing N N 295 
PHE CB    CG     sing N N 296 
PHE CB    HB2    sing N N 297 
PHE CB    HB3    sing N N 298 
PHE CG    CD1    doub Y N 299 
PHE CG    CD2    sing Y N 300 
PHE CD1   CE1    sing Y N 301 
PHE CD1   HD1    sing N N 302 
PHE CD2   CE2    doub Y N 303 
PHE CD2   HD2    sing N N 304 
PHE CE1   CZ     doub Y N 305 
PHE CE1   HE1    sing N N 306 
PHE CE2   CZ     sing Y N 307 
PHE CE2   HE2    sing N N 308 
PHE CZ    HZ     sing N N 309 
PHE OXT   HXT    sing N N 310 
PRO N     CA     sing N N 311 
PRO N     CD     sing N N 312 
PRO N     H      sing N N 313 
PRO CA    C      sing N N 314 
PRO CA    CB     sing N N 315 
PRO CA    HA     sing N N 316 
PRO C     O      doub N N 317 
PRO C     OXT    sing N N 318 
PRO CB    CG     sing N N 319 
PRO CB    HB2    sing N N 320 
PRO CB    HB3    sing N N 321 
PRO CG    CD     sing N N 322 
PRO CG    HG2    sing N N 323 
PRO CG    HG3    sing N N 324 
PRO CD    HD2    sing N N 325 
PRO CD    HD3    sing N N 326 
PRO OXT   HXT    sing N N 327 
SER N     CA     sing N N 328 
SER N     H      sing N N 329 
SER N     H2     sing N N 330 
SER CA    C      sing N N 331 
SER CA    CB     sing N N 332 
SER CA    HA     sing N N 333 
SER C     O      doub N N 334 
SER C     OXT    sing N N 335 
SER CB    OG     sing N N 336 
SER CB    HB2    sing N N 337 
SER CB    HB3    sing N N 338 
SER OG    HG     sing N N 339 
SER OXT   HXT    sing N N 340 
THR N     CA     sing N N 341 
THR N     H      sing N N 342 
THR N     H2     sing N N 343 
THR CA    C      sing N N 344 
THR CA    CB     sing N N 345 
THR CA    HA     sing N N 346 
THR C     O      doub N N 347 
THR C     OXT    sing N N 348 
THR CB    OG1    sing N N 349 
THR CB    CG2    sing N N 350 
THR CB    HB     sing N N 351 
THR OG1   HG1    sing N N 352 
THR CG2   HG21   sing N N 353 
THR CG2   HG22   sing N N 354 
THR CG2   HG23   sing N N 355 
THR OXT   HXT    sing N N 356 
TRP N     CA     sing N N 357 
TRP N     H      sing N N 358 
TRP N     H2     sing N N 359 
TRP CA    C      sing N N 360 
TRP CA    CB     sing N N 361 
TRP CA    HA     sing N N 362 
TRP C     O      doub N N 363 
TRP C     OXT    sing N N 364 
TRP CB    CG     sing N N 365 
TRP CB    HB2    sing N N 366 
TRP CB    HB3    sing N N 367 
TRP CG    CD1    doub Y N 368 
TRP CG    CD2    sing Y N 369 
TRP CD1   NE1    sing Y N 370 
TRP CD1   HD1    sing N N 371 
TRP CD2   CE2    doub Y N 372 
TRP CD2   CE3    sing Y N 373 
TRP NE1   CE2    sing Y N 374 
TRP NE1   HE1    sing N N 375 
TRP CE2   CZ2    sing Y N 376 
TRP CE3   CZ3    doub Y N 377 
TRP CE3   HE3    sing N N 378 
TRP CZ2   CH2    doub Y N 379 
TRP CZ2   HZ2    sing N N 380 
TRP CZ3   CH2    sing Y N 381 
TRP CZ3   HZ3    sing N N 382 
TRP CH2   HH2    sing N N 383 
TRP OXT   HXT    sing N N 384 
TYR N     CA     sing N N 385 
TYR N     H      sing N N 386 
TYR N     H2     sing N N 387 
TYR CA    C      sing N N 388 
TYR CA    CB     sing N N 389 
TYR CA    HA     sing N N 390 
TYR C     O      doub N N 391 
TYR C     OXT    sing N N 392 
TYR CB    CG     sing N N 393 
TYR CB    HB2    sing N N 394 
TYR CB    HB3    sing N N 395 
TYR CG    CD1    doub Y N 396 
TYR CG    CD2    sing Y N 397 
TYR CD1   CE1    sing Y N 398 
TYR CD1   HD1    sing N N 399 
TYR CD2   CE2    doub Y N 400 
TYR CD2   HD2    sing N N 401 
TYR CE1   CZ     doub Y N 402 
TYR CE1   HE1    sing N N 403 
TYR CE2   CZ     sing Y N 404 
TYR CE2   HE2    sing N N 405 
TYR CZ    OH     sing N N 406 
TYR OH    HH     sing N N 407 
TYR OXT   HXT    sing N N 408 
VAL N     CA     sing N N 409 
VAL N     H      sing N N 410 
VAL N     H2     sing N N 411 
VAL CA    C      sing N N 412 
VAL CA    CB     sing N N 413 
VAL CA    HA     sing N N 414 
VAL C     O      doub N N 415 
VAL C     OXT    sing N N 416 
VAL CB    CG1    sing N N 417 
VAL CB    CG2    sing N N 418 
VAL CB    HB     sing N N 419 
VAL CG1   HG11   sing N N 420 
VAL CG1   HG12   sing N N 421 
VAL CG1   HG13   sing N N 422 
VAL CG2   HG21   sing N N 423 
VAL CG2   HG22   sing N N 424 
VAL CG2   HG23   sing N N 425 
VAL OXT   HXT    sing N N 426 
# 
loop_
_pdbx_entity_nonpoly.entity_id 
_pdbx_entity_nonpoly.name 
_pdbx_entity_nonpoly.comp_id 
2 'MAGNESIUM ION'                               MG  
3 'PHOSPHOAMINOPHOSPHONIC ACID-GUANYLATE ESTER' GNP 
4 water                                         HOH 
# 
_pdbx_initial_refinement_model.id               1 
_pdbx_initial_refinement_model.entity_id_list   ? 
_pdbx_initial_refinement_model.type             'experimental model' 
_pdbx_initial_refinement_model.source_name      PDB 
_pdbx_initial_refinement_model.accession_code   1YU9 
_pdbx_initial_refinement_model.details          1YU9.pdb 
# 
